data_8WRX
# 
_entry.id   8WRX 
# 
_audit_conform.dict_name       mmcif_pdbx.dic 
_audit_conform.dict_version    5.395 
_audit_conform.dict_location   http://mmcif.pdb.org/dictionaries/ascii/mmcif_pdbx.dic 
# 
loop_
_database_2.database_id 
_database_2.database_code 
_database_2.pdbx_database_accession 
_database_2.pdbx_DOI 
PDB   8WRX         pdb_00008wrx 10.2210/pdb8wrx/pdb 
WWPDB D_1300041872 ?            ?                   
# 
_pdbx_audit_revision_history.ordinal             1 
_pdbx_audit_revision_history.data_content_type   'Structure model' 
_pdbx_audit_revision_history.major_revision      1 
_pdbx_audit_revision_history.minor_revision      0 
_pdbx_audit_revision_history.revision_date       2024-09-11 
# 
_pdbx_audit_revision_details.ordinal             1 
_pdbx_audit_revision_details.revision_ordinal    1 
_pdbx_audit_revision_details.data_content_type   'Structure model' 
_pdbx_audit_revision_details.provider            repository 
_pdbx_audit_revision_details.type                'Initial release' 
_pdbx_audit_revision_details.description         ? 
_pdbx_audit_revision_details.details             ? 
# 
_pdbx_database_status.status_code                     REL 
_pdbx_database_status.status_code_sf                  REL 
_pdbx_database_status.status_code_mr                  ? 
_pdbx_database_status.entry_id                        8WRX 
_pdbx_database_status.recvd_initial_deposition_date   2023-10-16 
_pdbx_database_status.SG_entry                        N 
_pdbx_database_status.deposit_site                    PDBJ 
_pdbx_database_status.process_site                    PDBJ 
_pdbx_database_status.status_code_cs                  ? 
_pdbx_database_status.status_code_nmr_data            ? 
_pdbx_database_status.methods_development_category    ? 
_pdbx_database_status.pdb_format_compatible           Y 
# 
_pdbx_contact_author.id                 2 
_pdbx_contact_author.email              xrayleox@cau.ac.kr 
_pdbx_contact_author.name_first         'Hyun Ho' 
_pdbx_contact_author.name_last          Park 
_pdbx_contact_author.name_mi            ? 
_pdbx_contact_author.role               'principal investigator/group leader' 
_pdbx_contact_author.identifier_ORCID   0000-0001-9928-0847 
# 
loop_
_audit_author.name 
_audit_author.pdbx_ordinal 
_audit_author.identifier_ORCID 
'Kim, G.E.'  1 ? 
'Park, H.H.' 2 ? 
# 
_citation.abstract                  ? 
_citation.abstract_id_CAS           ? 
_citation.book_id_ISBN              ? 
_citation.book_publisher            ? 
_citation.book_publisher_city       ? 
_citation.book_title                ? 
_citation.coordinate_linkage        ? 
_citation.country                   UK 
_citation.database_id_Medline       ? 
_citation.details                   ? 
_citation.id                        primary 
_citation.journal_abbrev            'Nucleic Acids Res.' 
_citation.journal_id_ASTM           NARHAD 
_citation.journal_id_CSD            0389 
_citation.journal_id_ISSN           1362-4962 
_citation.journal_full              ? 
_citation.journal_issue             ? 
_citation.journal_volume            52 
_citation.language                  ? 
_citation.page_first                6459 
_citation.page_last                 6471 
_citation.title                     
'AcrIIA28 is a metalloprotein that specifically inhibits targeted-DNA loading to SpyCas9 by binding to the REC3 domain.' 
_citation.year                      2024 
_citation.database_id_CSD           ? 
_citation.pdbx_database_id_DOI      10.1093/nar/gkae357 
_citation.pdbx_database_id_PubMed   38726868 
_citation.pdbx_database_id_patent   ? 
_citation.unpublished_flag          ? 
# 
loop_
_citation_author.citation_id 
_citation_author.name 
_citation_author.ordinal 
_citation_author.identifier_ORCID 
primary 'Kim, G.E.'  1 ?                   
primary 'Park, H.H.' 2 0000-0001-9928-0847 
# 
loop_
_entity.id 
_entity.type 
_entity.src_method 
_entity.pdbx_description 
_entity.formula_weight 
_entity.pdbx_number_of_molecules 
_entity.pdbx_ec 
_entity.pdbx_mutation 
_entity.pdbx_fragment 
_entity.details 
1 polymer     man 'Anti-CRISPR protein AcrIIA28' 10552.931 1  ? ? ? 'GenBank: QBX23430.1' 
2 non-polymer syn 'ZINC ION'                     65.409    1  ? ? ? ?                     
3 water       nat water                          18.015    87 ? ? ? ?                     
# 
_entity_poly.entity_id                      1 
_entity_poly.type                           'polypeptide(L)' 
_entity_poly.nstd_linkage                   no 
_entity_poly.nstd_monomer                   no 
_entity_poly.pdbx_seq_one_letter_code       
;MKTIFTKKQTEELLNDISIEKQKELFNSMHDFRSQHAKEARIPGWSDKYNKLEKKMLSDFEEVTGIKYDTLESELIWDNL
SNKFLYNS
;
_entity_poly.pdbx_seq_one_letter_code_can   
;MKTIFTKKQTEELLNDISIEKQKELFNSMHDFRSQHAKEARIPGWSDKYNKLEKKMLSDFEEVTGIKYDTLESELIWDNL
SNKFLYNS
;
_entity_poly.pdbx_strand_id                 A 
_entity_poly.pdbx_target_identifier         ? 
# 
loop_
_pdbx_entity_nonpoly.entity_id 
_pdbx_entity_nonpoly.name 
_pdbx_entity_nonpoly.comp_id 
2 'ZINC ION' ZN  
3 water      HOH 
# 
loop_
_entity_poly_seq.entity_id 
_entity_poly_seq.num 
_entity_poly_seq.mon_id 
_entity_poly_seq.hetero 
1 1  MET n 
1 2  LYS n 
1 3  THR n 
1 4  ILE n 
1 5  PHE n 
1 6  THR n 
1 7  LYS n 
1 8  LYS n 
1 9  GLN n 
1 10 THR n 
1 11 GLU n 
1 12 GLU n 
1 13 LEU n 
1 14 LEU n 
1 15 ASN n 
1 16 ASP n 
1 17 ILE n 
1 18 SER n 
1 19 ILE n 
1 20 GLU n 
1 21 LYS n 
1 22 GLN n 
1 23 LYS n 
1 24 GLU n 
1 25 LEU n 
1 26 PHE n 
1 27 ASN n 
1 28 SER n 
1 29 MET n 
1 30 HIS n 
1 31 ASP n 
1 32 PHE n 
1 33 ARG n 
1 34 SER n 
1 35 GLN n 
1 36 HIS n 
1 37 ALA n 
1 38 LYS n 
1 39 GLU n 
1 40 ALA n 
1 41 ARG n 
1 42 ILE n 
1 43 PRO n 
1 44 GLY n 
1 45 TRP n 
1 46 SER n 
1 47 ASP n 
1 48 LYS n 
1 49 TYR n 
1 50 ASN n 
1 51 LYS n 
1 52 LEU n 
1 53 GLU n 
1 54 LYS n 
1 55 LYS n 
1 56 MET n 
1 57 LEU n 
1 58 SER n 
1 59 ASP n 
1 60 PHE n 
1 61 GLU n 
1 62 GLU n 
1 63 VAL n 
1 64 THR n 
1 65 GLY n 
1 66 ILE n 
1 67 LYS n 
1 68 TYR n 
1 69 ASP n 
1 70 THR n 
1 71 LEU n 
1 72 GLU n 
1 73 SER n 
1 74 GLU n 
1 75 LEU n 
1 76 ILE n 
1 77 TRP n 
1 78 ASP n 
1 79 ASN n 
1 80 LEU n 
1 81 SER n 
1 82 ASN n 
1 83 LYS n 
1 84 PHE n 
1 85 LEU n 
1 86 TYR n 
1 87 ASN n 
1 88 SER n 
# 
_entity_src_gen.entity_id                          1 
_entity_src_gen.pdbx_src_id                        1 
_entity_src_gen.pdbx_alt_source_flag               sample 
_entity_src_gen.pdbx_seq_type                      'Biological sequence' 
_entity_src_gen.pdbx_beg_seq_num                   1 
_entity_src_gen.pdbx_end_seq_num                   88 
_entity_src_gen.gene_src_common_name               ? 
_entity_src_gen.gene_src_genus                     ? 
_entity_src_gen.pdbx_gene_src_gene                 ? 
_entity_src_gen.gene_src_species                   ? 
_entity_src_gen.gene_src_strain                    ? 
_entity_src_gen.gene_src_tissue                    ? 
_entity_src_gen.gene_src_tissue_fraction           ? 
_entity_src_gen.gene_src_details                   ? 
_entity_src_gen.pdbx_gene_src_fragment             ? 
_entity_src_gen.pdbx_gene_src_scientific_name      'Streptococcus phage Javan128' 
_entity_src_gen.pdbx_gene_src_ncbi_taxonomy_id     2547993 
_entity_src_gen.pdbx_gene_src_variant              ? 
_entity_src_gen.pdbx_gene_src_cell_line            ? 
_entity_src_gen.pdbx_gene_src_atcc                 ? 
_entity_src_gen.pdbx_gene_src_organ                ? 
_entity_src_gen.pdbx_gene_src_organelle            ? 
_entity_src_gen.pdbx_gene_src_cell                 ? 
_entity_src_gen.pdbx_gene_src_cellular_location    ? 
_entity_src_gen.host_org_common_name               ? 
_entity_src_gen.pdbx_host_org_scientific_name      'Escherichia coli BL21(DE3)' 
_entity_src_gen.pdbx_host_org_ncbi_taxonomy_id     469008 
_entity_src_gen.host_org_genus                     ? 
_entity_src_gen.pdbx_host_org_gene                 ? 
_entity_src_gen.pdbx_host_org_organ                ? 
_entity_src_gen.host_org_species                   ? 
_entity_src_gen.pdbx_host_org_tissue               ? 
_entity_src_gen.pdbx_host_org_tissue_fraction      ? 
_entity_src_gen.pdbx_host_org_strain               ? 
_entity_src_gen.pdbx_host_org_variant              ? 
_entity_src_gen.pdbx_host_org_cell_line            ? 
_entity_src_gen.pdbx_host_org_atcc                 ? 
_entity_src_gen.pdbx_host_org_culture_collection   ? 
_entity_src_gen.pdbx_host_org_cell                 ? 
_entity_src_gen.pdbx_host_org_organelle            ? 
_entity_src_gen.pdbx_host_org_cellular_location    ? 
_entity_src_gen.pdbx_host_org_vector_type          ? 
_entity_src_gen.pdbx_host_org_vector               ? 
_entity_src_gen.host_org_details                   ? 
_entity_src_gen.expression_system_id               ? 
_entity_src_gen.plasmid_name                       ? 
_entity_src_gen.plasmid_details                    ? 
_entity_src_gen.pdbx_description                   ? 
# 
loop_
_chem_comp.id 
_chem_comp.type 
_chem_comp.mon_nstd_flag 
_chem_comp.name 
_chem_comp.pdbx_synonyms 
_chem_comp.formula 
_chem_comp.formula_weight 
ALA 'L-peptide linking' y ALANINE         ? 'C3 H7 N O2'     89.093  
ARG 'L-peptide linking' y ARGININE        ? 'C6 H15 N4 O2 1' 175.209 
ASN 'L-peptide linking' y ASPARAGINE      ? 'C4 H8 N2 O3'    132.118 
ASP 'L-peptide linking' y 'ASPARTIC ACID' ? 'C4 H7 N O4'     133.103 
GLN 'L-peptide linking' y GLUTAMINE       ? 'C5 H10 N2 O3'   146.144 
GLU 'L-peptide linking' y 'GLUTAMIC ACID' ? 'C5 H9 N O4'     147.129 
GLY 'peptide linking'   y GLYCINE         ? 'C2 H5 N O2'     75.067  
HIS 'L-peptide linking' y HISTIDINE       ? 'C6 H10 N3 O2 1' 156.162 
HOH non-polymer         . WATER           ? 'H2 O'           18.015  
ILE 'L-peptide linking' y ISOLEUCINE      ? 'C6 H13 N O2'    131.173 
LEU 'L-peptide linking' y LEUCINE         ? 'C6 H13 N O2'    131.173 
LYS 'L-peptide linking' y LYSINE          ? 'C6 H15 N2 O2 1' 147.195 
MET 'L-peptide linking' y METHIONINE      ? 'C5 H11 N O2 S'  149.211 
PHE 'L-peptide linking' y PHENYLALANINE   ? 'C9 H11 N O2'    165.189 
PRO 'L-peptide linking' y PROLINE         ? 'C5 H9 N O2'     115.130 
SER 'L-peptide linking' y SERINE          ? 'C3 H7 N O3'     105.093 
THR 'L-peptide linking' y THREONINE       ? 'C4 H9 N O3'     119.119 
TRP 'L-peptide linking' y TRYPTOPHAN      ? 'C11 H12 N2 O2'  204.225 
TYR 'L-peptide linking' y TYROSINE        ? 'C9 H11 N O3'    181.189 
VAL 'L-peptide linking' y VALINE          ? 'C5 H11 N O2'    117.146 
ZN  non-polymer         . 'ZINC ION'      ? 'Zn 2'           65.409  
# 
loop_
_pdbx_poly_seq_scheme.asym_id 
_pdbx_poly_seq_scheme.entity_id 
_pdbx_poly_seq_scheme.seq_id 
_pdbx_poly_seq_scheme.mon_id 
_pdbx_poly_seq_scheme.ndb_seq_num 
_pdbx_poly_seq_scheme.pdb_seq_num 
_pdbx_poly_seq_scheme.auth_seq_num 
_pdbx_poly_seq_scheme.pdb_mon_id 
_pdbx_poly_seq_scheme.auth_mon_id 
_pdbx_poly_seq_scheme.pdb_strand_id 
_pdbx_poly_seq_scheme.pdb_ins_code 
_pdbx_poly_seq_scheme.hetero 
A 1 1  MET 1  1  1  MET MET A . n 
A 1 2  LYS 2  2  2  LYS LYS A . n 
A 1 3  THR 3  3  3  THR THR A . n 
A 1 4  ILE 4  4  4  ILE ILE A . n 
A 1 5  PHE 5  5  5  PHE PHE A . n 
A 1 6  THR 6  6  6  THR THR A . n 
A 1 7  LYS 7  7  7  LYS LYS A . n 
A 1 8  LYS 8  8  8  LYS LYS A . n 
A 1 9  GLN 9  9  9  GLN GLN A . n 
A 1 10 THR 10 10 10 THR THR A . n 
A 1 11 GLU 11 11 11 GLU GLU A . n 
A 1 12 GLU 12 12 12 GLU GLU A . n 
A 1 13 LEU 13 13 13 LEU LEU A . n 
A 1 14 LEU 14 14 14 LEU LEU A . n 
A 1 15 ASN 15 15 15 ASN ASN A . n 
A 1 16 ASP 16 16 16 ASP ASP A . n 
A 1 17 ILE 17 17 17 ILE ILE A . n 
A 1 18 SER 18 18 18 SER SER A . n 
A 1 19 ILE 19 19 19 ILE ILE A . n 
A 1 20 GLU 20 20 20 GLU GLU A . n 
A 1 21 LYS 21 21 21 LYS LYS A . n 
A 1 22 GLN 22 22 22 GLN GLN A . n 
A 1 23 LYS 23 23 23 LYS LYS A . n 
A 1 24 GLU 24 24 24 GLU GLU A . n 
A 1 25 LEU 25 25 25 LEU LEU A . n 
A 1 26 PHE 26 26 26 PHE PHE A . n 
A 1 27 ASN 27 27 27 ASN ASN A . n 
A 1 28 SER 28 28 28 SER SER A . n 
A 1 29 MET 29 29 29 MET MET A . n 
A 1 30 HIS 30 30 30 HIS HIS A . n 
A 1 31 ASP 31 31 31 ASP ASP A . n 
A 1 32 PHE 32 32 32 PHE PHE A . n 
A 1 33 ARG 33 33 33 ARG ARG A . n 
A 1 34 SER 34 34 34 SER SER A . n 
A 1 35 GLN 35 35 35 GLN GLN A . n 
A 1 36 HIS 36 36 36 HIS HIS A . n 
A 1 37 ALA 37 37 37 ALA ALA A . n 
A 1 38 LYS 38 38 38 LYS LYS A . n 
A 1 39 GLU 39 39 39 GLU GLU A . n 
A 1 40 ALA 40 40 40 ALA ALA A . n 
A 1 41 ARG 41 41 41 ARG ARG A . n 
A 1 42 ILE 42 42 42 ILE ILE A . n 
A 1 43 PRO 43 43 43 PRO PRO A . n 
A 1 44 GLY 44 44 44 GLY GLY A . n 
A 1 45 TRP 45 45 45 TRP TRP A . n 
A 1 46 SER 46 46 46 SER SER A . n 
A 1 47 ASP 47 47 47 ASP ASP A . n 
A 1 48 LYS 48 48 48 LYS LYS A . n 
A 1 49 TYR 49 49 49 TYR TYR A . n 
A 1 50 ASN 50 50 50 ASN ASN A . n 
A 1 51 LYS 51 51 51 LYS LYS A . n 
A 1 52 LEU 52 52 52 LEU LEU A . n 
A 1 53 GLU 53 53 53 GLU GLU A . n 
A 1 54 LYS 54 54 54 LYS LYS A . n 
A 1 55 LYS 55 55 55 LYS LYS A . n 
A 1 56 MET 56 56 56 MET MET A . n 
A 1 57 LEU 57 57 57 LEU LEU A . n 
A 1 58 SER 58 58 58 SER SER A . n 
A 1 59 ASP 59 59 59 ASP ASP A . n 
A 1 60 PHE 60 60 60 PHE PHE A . n 
A 1 61 GLU 61 61 61 GLU GLU A . n 
A 1 62 GLU 62 62 62 GLU GLU A . n 
A 1 63 VAL 63 63 63 VAL VAL A . n 
A 1 64 THR 64 64 64 THR THR A . n 
A 1 65 GLY 65 65 65 GLY GLY A . n 
A 1 66 ILE 66 66 66 ILE ILE A . n 
A 1 67 LYS 67 67 67 LYS LYS A . n 
A 1 68 TYR 68 68 68 TYR TYR A . n 
A 1 69 ASP 69 69 69 ASP ASP A . n 
A 1 70 THR 70 70 70 THR THR A . n 
A 1 71 LEU 71 71 71 LEU LEU A . n 
A 1 72 GLU 72 72 72 GLU GLU A . n 
A 1 73 SER 73 73 73 SER SER A . n 
A 1 74 GLU 74 74 74 GLU GLU A . n 
A 1 75 LEU 75 75 75 LEU LEU A . n 
A 1 76 ILE 76 76 76 ILE ILE A . n 
A 1 77 TRP 77 77 77 TRP TRP A . n 
A 1 78 ASP 78 78 78 ASP ASP A . n 
A 1 79 ASN 79 79 79 ASN ASN A . n 
A 1 80 LEU 80 80 80 LEU LEU A . n 
A 1 81 SER 81 81 81 SER SER A . n 
A 1 82 ASN 82 82 82 ASN ASN A . n 
A 1 83 LYS 83 83 83 LYS LYS A . n 
A 1 84 PHE 84 84 84 PHE PHE A . n 
A 1 85 LEU 85 85 85 LEU LEU A . n 
A 1 86 TYR 86 86 86 TYR TYR A . n 
A 1 87 ASN 87 87 ?  ?   ?   A . n 
A 1 88 SER 88 88 ?  ?   ?   A . n 
# 
_pdbx_entity_instance_feature.ordinal        1 
_pdbx_entity_instance_feature.comp_id        ZN 
_pdbx_entity_instance_feature.asym_id        ? 
_pdbx_entity_instance_feature.seq_num        ? 
_pdbx_entity_instance_feature.auth_comp_id   ZN 
_pdbx_entity_instance_feature.auth_asym_id   ? 
_pdbx_entity_instance_feature.auth_seq_num   ? 
_pdbx_entity_instance_feature.feature_type   'SUBJECT OF INVESTIGATION' 
_pdbx_entity_instance_feature.details        ? 
# 
loop_
_pdbx_nonpoly_scheme.asym_id 
_pdbx_nonpoly_scheme.entity_id 
_pdbx_nonpoly_scheme.mon_id 
_pdbx_nonpoly_scheme.ndb_seq_num 
_pdbx_nonpoly_scheme.pdb_seq_num 
_pdbx_nonpoly_scheme.auth_seq_num 
_pdbx_nonpoly_scheme.pdb_mon_id 
_pdbx_nonpoly_scheme.auth_mon_id 
_pdbx_nonpoly_scheme.pdb_strand_id 
_pdbx_nonpoly_scheme.pdb_ins_code 
B 2 ZN  1  101 1  ZN  ZN  A . 
C 3 HOH 1  201 76 HOH HOH A . 
C 3 HOH 2  202 45 HOH HOH A . 
C 3 HOH 3  203 32 HOH HOH A . 
C 3 HOH 4  204 36 HOH HOH A . 
C 3 HOH 5  205 29 HOH HOH A . 
C 3 HOH 6  206 53 HOH HOH A . 
C 3 HOH 7  207 77 HOH HOH A . 
C 3 HOH 8  208 24 HOH HOH A . 
C 3 HOH 9  209 75 HOH HOH A . 
C 3 HOH 10 210 37 HOH HOH A . 
C 3 HOH 11 211 9  HOH HOH A . 
C 3 HOH 12 212 23 HOH HOH A . 
C 3 HOH 13 213 49 HOH HOH A . 
C 3 HOH 14 214 51 HOH HOH A . 
C 3 HOH 15 215 13 HOH HOH A . 
C 3 HOH 16 216 66 HOH HOH A . 
C 3 HOH 17 217 20 HOH HOH A . 
C 3 HOH 18 218 70 HOH HOH A . 
C 3 HOH 19 219 73 HOH HOH A . 
C 3 HOH 20 220 17 HOH HOH A . 
C 3 HOH 21 221 11 HOH HOH A . 
C 3 HOH 22 222 34 HOH HOH A . 
C 3 HOH 23 223 78 HOH HOH A . 
C 3 HOH 24 224 58 HOH HOH A . 
C 3 HOH 25 225 60 HOH HOH A . 
C 3 HOH 26 226 21 HOH HOH A . 
C 3 HOH 27 227 4  HOH HOH A . 
C 3 HOH 28 228 6  HOH HOH A . 
C 3 HOH 29 229 27 HOH HOH A . 
C 3 HOH 30 230 46 HOH HOH A . 
C 3 HOH 31 231 14 HOH HOH A . 
C 3 HOH 32 232 48 HOH HOH A . 
C 3 HOH 33 233 16 HOH HOH A . 
C 3 HOH 34 234 80 HOH HOH A . 
C 3 HOH 35 235 25 HOH HOH A . 
C 3 HOH 36 236 50 HOH HOH A . 
C 3 HOH 37 237 5  HOH HOH A . 
C 3 HOH 38 238 18 HOH HOH A . 
C 3 HOH 39 239 22 HOH HOH A . 
C 3 HOH 40 240 86 HOH HOH A . 
C 3 HOH 41 241 39 HOH HOH A . 
C 3 HOH 42 242 41 HOH HOH A . 
C 3 HOH 43 243 61 HOH HOH A . 
C 3 HOH 44 244 30 HOH HOH A . 
C 3 HOH 45 245 2  HOH HOH A . 
C 3 HOH 46 246 15 HOH HOH A . 
C 3 HOH 47 247 57 HOH HOH A . 
C 3 HOH 48 248 19 HOH HOH A . 
C 3 HOH 49 249 69 HOH HOH A . 
C 3 HOH 50 250 26 HOH HOH A . 
C 3 HOH 51 251 38 HOH HOH A . 
C 3 HOH 52 252 87 HOH HOH A . 
C 3 HOH 53 253 47 HOH HOH A . 
C 3 HOH 54 254 7  HOH HOH A . 
C 3 HOH 55 255 3  HOH HOH A . 
C 3 HOH 56 256 56 HOH HOH A . 
C 3 HOH 57 257 1  HOH HOH A . 
C 3 HOH 58 258 8  HOH HOH A . 
C 3 HOH 59 259 62 HOH HOH A . 
C 3 HOH 60 260 12 HOH HOH A . 
C 3 HOH 61 261 35 HOH HOH A . 
C 3 HOH 62 262 71 HOH HOH A . 
C 3 HOH 63 263 44 HOH HOH A . 
C 3 HOH 64 264 10 HOH HOH A . 
C 3 HOH 65 265 31 HOH HOH A . 
C 3 HOH 66 266 74 HOH HOH A . 
C 3 HOH 67 267 68 HOH HOH A . 
C 3 HOH 68 268 42 HOH HOH A . 
C 3 HOH 69 269 85 HOH HOH A . 
C 3 HOH 70 270 55 HOH HOH A . 
C 3 HOH 71 271 67 HOH HOH A . 
C 3 HOH 72 272 28 HOH HOH A . 
C 3 HOH 73 273 33 HOH HOH A . 
C 3 HOH 74 274 82 HOH HOH A . 
C 3 HOH 75 275 65 HOH HOH A . 
C 3 HOH 76 276 40 HOH HOH A . 
C 3 HOH 77 277 52 HOH HOH A . 
C 3 HOH 78 278 79 HOH HOH A . 
C 3 HOH 79 279 84 HOH HOH A . 
C 3 HOH 80 280 72 HOH HOH A . 
C 3 HOH 81 281 59 HOH HOH A . 
C 3 HOH 82 282 81 HOH HOH A . 
C 3 HOH 83 283 54 HOH HOH A . 
C 3 HOH 84 284 64 HOH HOH A . 
C 3 HOH 85 285 43 HOH HOH A . 
C 3 HOH 86 286 63 HOH HOH A . 
C 3 HOH 87 287 83 HOH HOH A . 
# 
loop_
_software.citation_id 
_software.classification 
_software.compiler_name 
_software.compiler_version 
_software.contact_author 
_software.contact_author_email 
_software.date 
_software.description 
_software.dependencies 
_software.hardware 
_software.language 
_software.location 
_software.mods 
_software.name 
_software.os 
_software.os_version 
_software.type 
_software.version 
_software.pdbx_ordinal 
? refinement        ? ? ? ? ? ? ? ? ? ? ? PHENIX ? ? ? 5.8.0419 1 
? 'data collection' ? ? ? ? ? ? ? ? ? ? ? MxDC   ? ? ? .        2 
? 'data scaling'    ? ? ? ? ? ? ? ? ? ? ? XDS    ? ? ? .        3 
? phasing           ? ? ? ? ? ? ? ? ? ? ? PHASER ? ? ? .        4 
# 
_cell.angle_alpha                  90.00 
_cell.angle_alpha_esd              ? 
_cell.angle_beta                   90.00 
_cell.angle_beta_esd               ? 
_cell.angle_gamma                  90.00 
_cell.angle_gamma_esd              ? 
_cell.entry_id                     8WRX 
_cell.details                      ? 
_cell.formula_units_Z              ? 
_cell.length_a                     64.430 
_cell.length_a_esd                 ? 
_cell.length_b                     64.430 
_cell.length_b_esd                 ? 
_cell.length_c                     62.820 
_cell.length_c_esd                 ? 
_cell.volume                       ? 
_cell.volume_esd                   ? 
_cell.Z_PDB                        8 
_cell.reciprocal_angle_alpha       ? 
_cell.reciprocal_angle_beta        ? 
_cell.reciprocal_angle_gamma       ? 
_cell.reciprocal_angle_alpha_esd   ? 
_cell.reciprocal_angle_beta_esd    ? 
_cell.reciprocal_angle_gamma_esd   ? 
_cell.reciprocal_length_a          ? 
_cell.reciprocal_length_b          ? 
_cell.reciprocal_length_c          ? 
_cell.reciprocal_length_a_esd      ? 
_cell.reciprocal_length_b_esd      ? 
_cell.reciprocal_length_c_esd      ? 
_cell.pdbx_unique_axis             ? 
_cell.pdbx_esd_method              ? 
# 
_symmetry.entry_id                         8WRX 
_symmetry.cell_setting                     ? 
_symmetry.Int_Tables_number                92 
_symmetry.space_group_name_Hall            ? 
_symmetry.space_group_name_H-M             'P 41 21 2' 
_symmetry.pdbx_full_space_group_name_H-M   ? 
# 
_exptl.absorpt_coefficient_mu     ? 
_exptl.absorpt_correction_T_max   ? 
_exptl.absorpt_correction_T_min   ? 
_exptl.absorpt_correction_type    ? 
_exptl.absorpt_process_details    ? 
_exptl.entry_id                   8WRX 
_exptl.crystals_number            1 
_exptl.details                    ? 
_exptl.method                     'X-RAY DIFFRACTION' 
_exptl.method_details             ? 
# 
_exptl_crystal.colour                       ? 
_exptl_crystal.density_diffrn               ? 
_exptl_crystal.density_Matthews             3.09 
_exptl_crystal.density_method               ? 
_exptl_crystal.density_percent_sol          60.18 
_exptl_crystal.description                  ? 
_exptl_crystal.F_000                        ? 
_exptl_crystal.id                           1 
_exptl_crystal.preparation                  ? 
_exptl_crystal.size_max                     ? 
_exptl_crystal.size_mid                     ? 
_exptl_crystal.size_min                     ? 
_exptl_crystal.size_rad                     ? 
_exptl_crystal.colour_lustre                ? 
_exptl_crystal.colour_modifier              ? 
_exptl_crystal.colour_primary               ? 
_exptl_crystal.density_meas                 ? 
_exptl_crystal.density_meas_esd             ? 
_exptl_crystal.density_meas_gt              ? 
_exptl_crystal.density_meas_lt              ? 
_exptl_crystal.density_meas_temp            ? 
_exptl_crystal.density_meas_temp_esd        ? 
_exptl_crystal.density_meas_temp_gt         ? 
_exptl_crystal.density_meas_temp_lt         ? 
_exptl_crystal.pdbx_crystal_image_url       ? 
_exptl_crystal.pdbx_crystal_image_format    ? 
_exptl_crystal.pdbx_mosaicity               ? 
_exptl_crystal.pdbx_mosaicity_esd           ? 
_exptl_crystal.pdbx_mosaic_method           ? 
_exptl_crystal.pdbx_mosaic_block_size       ? 
_exptl_crystal.pdbx_mosaic_block_size_esd   ? 
# 
_exptl_crystal_grow.apparatus       ? 
_exptl_crystal_grow.atmosphere      ? 
_exptl_crystal_grow.crystal_id      1 
_exptl_crystal_grow.details         ? 
_exptl_crystal_grow.method          'VAPOR DIFFUSION, SITTING DROP' 
_exptl_crystal_grow.method_ref      ? 
_exptl_crystal_grow.pH              ? 
_exptl_crystal_grow.pressure        ? 
_exptl_crystal_grow.pressure_esd    ? 
_exptl_crystal_grow.seeding         ? 
_exptl_crystal_grow.seeding_ref     ? 
_exptl_crystal_grow.temp_details    ? 
_exptl_crystal_grow.temp_esd        ? 
_exptl_crystal_grow.time            ? 
_exptl_crystal_grow.pdbx_details    
;0.1 M HEPES pH 7.5
0.8 M Sodium phosphate
0.8 M Potassium phosphate
;
_exptl_crystal_grow.pdbx_pH_range   ? 
_exptl_crystal_grow.temp            293.15 
# 
_diffrn.ambient_environment              ? 
_diffrn.ambient_temp                     125 
_diffrn.ambient_temp_details             ? 
_diffrn.ambient_temp_esd                 ? 
_diffrn.crystal_id                       1 
_diffrn.crystal_support                  ? 
_diffrn.crystal_treatment                ? 
_diffrn.details                          ? 
_diffrn.id                               1 
_diffrn.ambient_pressure                 ? 
_diffrn.ambient_pressure_esd             ? 
_diffrn.ambient_pressure_gt              ? 
_diffrn.ambient_pressure_lt              ? 
_diffrn.ambient_temp_gt                  ? 
_diffrn.ambient_temp_lt                  ? 
_diffrn.pdbx_serial_crystal_experiment   N 
# 
_diffrn_detector.details                      ? 
_diffrn_detector.detector                     PIXEL 
_diffrn_detector.diffrn_id                    1 
_diffrn_detector.type                         'DECTRIS EIGER X 9M' 
_diffrn_detector.area_resol_mean              ? 
_diffrn_detector.dtime                        ? 
_diffrn_detector.pdbx_frames_total            ? 
_diffrn_detector.pdbx_collection_time_total   ? 
_diffrn_detector.pdbx_collection_date         2022-11-29 
_diffrn_detector.pdbx_frequency               ? 
_diffrn_detector.id                           ? 
_diffrn_detector.number_of_axes               ? 
# 
_diffrn_radiation.collimation                      ? 
_diffrn_radiation.diffrn_id                        1 
_diffrn_radiation.filter_edge                      ? 
_diffrn_radiation.inhomogeneity                    ? 
_diffrn_radiation.monochromator                    ? 
_diffrn_radiation.polarisn_norm                    ? 
_diffrn_radiation.polarisn_ratio                   ? 
_diffrn_radiation.probe                            ? 
_diffrn_radiation.type                             ? 
_diffrn_radiation.xray_symbol                      ? 
_diffrn_radiation.wavelength_id                    1 
_diffrn_radiation.pdbx_monochromatic_or_laue_m_l   M 
_diffrn_radiation.pdbx_wavelength_list             ? 
_diffrn_radiation.pdbx_wavelength                  ? 
_diffrn_radiation.pdbx_diffrn_protocol             'SINGLE WAVELENGTH' 
_diffrn_radiation.pdbx_analyzer                    ? 
_diffrn_radiation.pdbx_scattering_type             x-ray 
# 
_diffrn_radiation_wavelength.id           1 
_diffrn_radiation_wavelength.wavelength   1.0000 
_diffrn_radiation_wavelength.wt           1.0 
# 
_diffrn_source.current                     ? 
_diffrn_source.details                     ? 
_diffrn_source.diffrn_id                   1 
_diffrn_source.power                       ? 
_diffrn_source.size                        ? 
_diffrn_source.source                      SYNCHROTRON 
_diffrn_source.target                      ? 
_diffrn_source.type                        'PAL/PLS BEAMLINE 5C (4A)' 
_diffrn_source.voltage                     ? 
_diffrn_source.take-off_angle              ? 
_diffrn_source.pdbx_wavelength_list        1.0000 
_diffrn_source.pdbx_wavelength             ? 
_diffrn_source.pdbx_synchrotron_beamline   '5C (4A)' 
_diffrn_source.pdbx_synchrotron_site       PAL/PLS 
# 
_reflns.B_iso_Wilson_estimate                          ? 
_reflns.entry_id                                       8WRX 
_reflns.data_reduction_details                         ? 
_reflns.data_reduction_method                          ? 
_reflns.d_resolution_high                              1.45 
_reflns.d_resolution_low                               28.81 
_reflns.details                                        ? 
_reflns.limit_h_max                                    ? 
_reflns.limit_h_min                                    ? 
_reflns.limit_k_max                                    ? 
_reflns.limit_k_min                                    ? 
_reflns.limit_l_max                                    ? 
_reflns.limit_l_min                                    ? 
_reflns.number_all                                     ? 
_reflns.number_obs                                     24054 
_reflns.observed_criterion                             ? 
_reflns.observed_criterion_F_max                       ? 
_reflns.observed_criterion_F_min                       ? 
_reflns.observed_criterion_I_max                       ? 
_reflns.observed_criterion_I_min                       ? 
_reflns.observed_criterion_sigma_F                     ? 
_reflns.observed_criterion_sigma_I                     ? 
_reflns.percent_possible_obs                           99.98 
_reflns.R_free_details                                 ? 
_reflns.Rmerge_F_all                                   ? 
_reflns.Rmerge_F_obs                                   ? 
_reflns.Friedel_coverage                               ? 
_reflns.number_gt                                      ? 
_reflns.threshold_expression                           ? 
_reflns.pdbx_redundancy                                25.6 
_reflns.pdbx_netI_over_av_sigmaI                       ? 
_reflns.pdbx_netI_over_sigmaI                          28.29 
_reflns.pdbx_res_netI_over_av_sigmaI_2                 ? 
_reflns.pdbx_res_netI_over_sigmaI_2                    ? 
_reflns.pdbx_chi_squared                               ? 
_reflns.pdbx_scaling_rejects                           ? 
_reflns.pdbx_d_res_high_opt                            ? 
_reflns.pdbx_d_res_low_opt                             ? 
_reflns.pdbx_d_res_opt_method                          ? 
_reflns.phase_calculation_details                      ? 
_reflns.pdbx_Rrim_I_all                                ? 
_reflns.pdbx_Rpim_I_all                                ? 
_reflns.pdbx_d_opt                                     ? 
_reflns.pdbx_number_measured_all                       ? 
_reflns.pdbx_diffrn_id                                 1 
_reflns.pdbx_ordinal                                   1 
_reflns.pdbx_CC_half                                   1 
_reflns.pdbx_CC_star                                   ? 
_reflns.pdbx_R_split                                   ? 
_reflns.pdbx_Rmerge_I_obs                              ? 
_reflns.pdbx_Rmerge_I_all                              ? 
_reflns.pdbx_Rsym_value                                ? 
_reflns.pdbx_CC_split_method                           ? 
_reflns.pdbx_aniso_diffraction_limit_axis_1_ortho[1]   ? 
_reflns.pdbx_aniso_diffraction_limit_axis_1_ortho[2]   ? 
_reflns.pdbx_aniso_diffraction_limit_axis_1_ortho[3]   ? 
_reflns.pdbx_aniso_diffraction_limit_axis_2_ortho[1]   ? 
_reflns.pdbx_aniso_diffraction_limit_axis_2_ortho[2]   ? 
_reflns.pdbx_aniso_diffraction_limit_axis_2_ortho[3]   ? 
_reflns.pdbx_aniso_diffraction_limit_axis_3_ortho[1]   ? 
_reflns.pdbx_aniso_diffraction_limit_axis_3_ortho[2]   ? 
_reflns.pdbx_aniso_diffraction_limit_axis_3_ortho[3]   ? 
_reflns.pdbx_aniso_diffraction_limit_1                 ? 
_reflns.pdbx_aniso_diffraction_limit_2                 ? 
_reflns.pdbx_aniso_diffraction_limit_3                 ? 
_reflns.pdbx_aniso_B_tensor_eigenvector_1_ortho[1]     ? 
_reflns.pdbx_aniso_B_tensor_eigenvector_1_ortho[2]     ? 
_reflns.pdbx_aniso_B_tensor_eigenvector_1_ortho[3]     ? 
_reflns.pdbx_aniso_B_tensor_eigenvector_2_ortho[1]     ? 
_reflns.pdbx_aniso_B_tensor_eigenvector_2_ortho[2]     ? 
_reflns.pdbx_aniso_B_tensor_eigenvector_2_ortho[3]     ? 
_reflns.pdbx_aniso_B_tensor_eigenvector_3_ortho[1]     ? 
_reflns.pdbx_aniso_B_tensor_eigenvector_3_ortho[2]     ? 
_reflns.pdbx_aniso_B_tensor_eigenvector_3_ortho[3]     ? 
_reflns.pdbx_aniso_B_tensor_eigenvalue_1               ? 
_reflns.pdbx_aniso_B_tensor_eigenvalue_2               ? 
_reflns.pdbx_aniso_B_tensor_eigenvalue_3               ? 
_reflns.pdbx_orthogonalization_convention              ? 
_reflns.pdbx_percent_possible_ellipsoidal              ? 
_reflns.pdbx_percent_possible_spherical                ? 
_reflns.pdbx_percent_possible_ellipsoidal_anomalous    ? 
_reflns.pdbx_percent_possible_spherical_anomalous      ? 
_reflns.pdbx_redundancy_anomalous                      ? 
_reflns.pdbx_CC_half_anomalous                         ? 
_reflns.pdbx_absDiff_over_sigma_anomalous              ? 
_reflns.pdbx_percent_possible_anomalous                ? 
_reflns.pdbx_observed_signal_threshold                 ? 
_reflns.pdbx_signal_type                               ? 
_reflns.pdbx_signal_details                            ? 
_reflns.pdbx_signal_software_id                        ? 
# 
_reflns_shell.d_res_high                                    1.45 
_reflns_shell.d_res_low                                     1.502 
_reflns_shell.meanI_over_sigI_all                           ? 
_reflns_shell.meanI_over_sigI_obs                           ? 
_reflns_shell.number_measured_all                           ? 
_reflns_shell.number_measured_obs                           ? 
_reflns_shell.number_possible                               ? 
_reflns_shell.number_unique_all                             ? 
_reflns_shell.number_unique_obs                             2371 
_reflns_shell.percent_possible_obs                          ? 
_reflns_shell.Rmerge_F_all                                  ? 
_reflns_shell.Rmerge_F_obs                                  ? 
_reflns_shell.meanI_over_sigI_gt                            ? 
_reflns_shell.meanI_over_uI_all                             ? 
_reflns_shell.meanI_over_uI_gt                              ? 
_reflns_shell.number_measured_gt                            ? 
_reflns_shell.number_unique_gt                              ? 
_reflns_shell.percent_possible_gt                           ? 
_reflns_shell.Rmerge_F_gt                                   ? 
_reflns_shell.Rmerge_I_gt                                   ? 
_reflns_shell.pdbx_redundancy                               ? 
_reflns_shell.pdbx_chi_squared                              ? 
_reflns_shell.pdbx_netI_over_sigmaI_all                     ? 
_reflns_shell.pdbx_netI_over_sigmaI_obs                     ? 
_reflns_shell.pdbx_Rrim_I_all                               ? 
_reflns_shell.pdbx_Rpim_I_all                               ? 
_reflns_shell.pdbx_rejects                                  ? 
_reflns_shell.pdbx_ordinal                                  1 
_reflns_shell.pdbx_diffrn_id                                1 
_reflns_shell.pdbx_CC_half                                  0.834 
_reflns_shell.pdbx_CC_star                                  ? 
_reflns_shell.pdbx_R_split                                  ? 
_reflns_shell.percent_possible_all                          ? 
_reflns_shell.Rmerge_I_all                                  ? 
_reflns_shell.Rmerge_I_obs                                  ? 
_reflns_shell.pdbx_Rsym_value                               ? 
_reflns_shell.pdbx_percent_possible_ellipsoidal             ? 
_reflns_shell.pdbx_percent_possible_spherical               ? 
_reflns_shell.pdbx_percent_possible_ellipsoidal_anomalous   ? 
_reflns_shell.pdbx_percent_possible_spherical_anomalous     ? 
_reflns_shell.pdbx_redundancy_anomalous                     ? 
_reflns_shell.pdbx_CC_half_anomalous                        ? 
_reflns_shell.pdbx_absDiff_over_sigma_anomalous             ? 
_reflns_shell.pdbx_percent_possible_anomalous               ? 
# 
_refine.aniso_B[1][1]                            -0.01 
_refine.aniso_B[1][2]                            -0.00 
_refine.aniso_B[1][3]                            -0.00 
_refine.aniso_B[2][2]                            -0.01 
_refine.aniso_B[2][3]                            -0.00 
_refine.aniso_B[3][3]                            0.02 
_refine.B_iso_max                                ? 
_refine.B_iso_mean                               20.809 
_refine.B_iso_min                                ? 
_refine.correlation_coeff_Fo_to_Fc               0.959 
_refine.correlation_coeff_Fo_to_Fc_free          0.949 
_refine.details                                  'HYDROGENS HAVE BEEN ADDED IN THE RIDING POSITIONS' 
_refine.diff_density_max                         ? 
_refine.diff_density_max_esd                     ? 
_refine.diff_density_min                         ? 
_refine.diff_density_min_esd                     ? 
_refine.diff_density_rms                         ? 
_refine.diff_density_rms_esd                     ? 
_refine.entry_id                                 8WRX 
_refine.pdbx_refine_id                           'X-RAY DIFFRACTION' 
_refine.ls_abs_structure_details                 ? 
_refine.ls_abs_structure_Flack                   ? 
_refine.ls_abs_structure_Flack_esd               ? 
_refine.ls_abs_structure_Rogers                  ? 
_refine.ls_abs_structure_Rogers_esd              ? 
_refine.ls_d_res_high                            1.45 
_refine.ls_d_res_low                             28.83 
_refine.ls_extinction_coef                       ? 
_refine.ls_extinction_coef_esd                   ? 
_refine.ls_extinction_expression                 ? 
_refine.ls_extinction_method                     ? 
_refine.ls_goodness_of_fit_all                   ? 
_refine.ls_goodness_of_fit_all_esd               ? 
_refine.ls_goodness_of_fit_obs                   ? 
_refine.ls_goodness_of_fit_obs_esd               ? 
_refine.ls_hydrogen_treatment                    ? 
_refine.ls_matrix_type                           ? 
_refine.ls_number_constraints                    ? 
_refine.ls_number_parameters                     ? 
_refine.ls_number_reflns_all                     ? 
_refine.ls_number_reflns_obs                     22849 
_refine.ls_number_reflns_R_free                  1203 
_refine.ls_number_reflns_R_work                  ? 
_refine.ls_number_restraints                     ? 
_refine.ls_percent_reflns_obs                    99.98 
_refine.ls_percent_reflns_R_free                 5.0 
_refine.ls_R_factor_all                          ? 
_refine.ls_R_factor_obs                          0.20323 
_refine.ls_R_factor_R_free                       0.22147 
_refine.ls_R_factor_R_free_error                 ? 
_refine.ls_R_factor_R_free_error_details         ? 
_refine.ls_R_factor_R_work                       0.20228 
_refine.ls_R_Fsqd_factor_obs                     ? 
_refine.ls_R_I_factor_obs                        ? 
_refine.ls_redundancy_reflns_all                 ? 
_refine.ls_redundancy_reflns_obs                 ? 
_refine.ls_restrained_S_all                      ? 
_refine.ls_restrained_S_obs                      ? 
_refine.ls_shift_over_esd_max                    ? 
_refine.ls_shift_over_esd_mean                   ? 
_refine.ls_structure_factor_coef                 ? 
_refine.ls_weighting_details                     ? 
_refine.ls_weighting_scheme                      ? 
_refine.ls_wR_factor_all                         ? 
_refine.ls_wR_factor_obs                         ? 
_refine.ls_wR_factor_R_free                      ? 
_refine.ls_wR_factor_R_work                      ? 
_refine.occupancy_max                            ? 
_refine.occupancy_min                            ? 
_refine.solvent_model_details                    MASK 
_refine.solvent_model_param_bsol                 ? 
_refine.solvent_model_param_ksol                 ? 
_refine.pdbx_R_complete                          ? 
_refine.ls_R_factor_gt                           ? 
_refine.ls_goodness_of_fit_gt                    ? 
_refine.ls_goodness_of_fit_ref                   ? 
_refine.ls_shift_over_su_max                     ? 
_refine.ls_shift_over_su_max_lt                  ? 
_refine.ls_shift_over_su_mean                    ? 
_refine.ls_shift_over_su_mean_lt                 ? 
_refine.pdbx_ls_sigma_I                          ? 
_refine.pdbx_ls_sigma_F                          ? 
_refine.pdbx_ls_sigma_Fsqd                       ? 
_refine.pdbx_data_cutoff_high_absF               ? 
_refine.pdbx_data_cutoff_high_rms_absF           ? 
_refine.pdbx_data_cutoff_low_absF                ? 
_refine.pdbx_isotropic_thermal_model             ? 
_refine.pdbx_ls_cross_valid_method               THROUGHOUT 
_refine.pdbx_method_to_determine_struct          'AB INITIO PHASING' 
_refine.pdbx_starting_model                      ? 
_refine.pdbx_stereochemistry_target_values       'MAXIMUM LIKELIHOOD' 
_refine.pdbx_R_Free_selection_details            RANDOM 
_refine.pdbx_stereochem_target_val_spec_case     ? 
_refine.pdbx_overall_ESU_R                       0.061 
_refine.pdbx_overall_ESU_R_Free                  0.062 
_refine.pdbx_solvent_vdw_probe_radii             1.20 
_refine.pdbx_solvent_ion_probe_radii             0.80 
_refine.pdbx_solvent_shrinkage_radii             0.80 
_refine.pdbx_real_space_R                        ? 
_refine.pdbx_density_correlation                 ? 
_refine.pdbx_pd_number_of_powder_patterns        ? 
_refine.pdbx_pd_number_of_points                 ? 
_refine.pdbx_pd_meas_number_of_points            ? 
_refine.pdbx_pd_proc_ls_prof_R_factor            ? 
_refine.pdbx_pd_proc_ls_prof_wR_factor           ? 
_refine.pdbx_pd_Marquardt_correlation_coeff      ? 
_refine.pdbx_pd_Fsqrd_R_factor                   ? 
_refine.pdbx_pd_ls_matrix_band_width             ? 
_refine.pdbx_overall_phase_error                 ? 
_refine.pdbx_overall_SU_R_free_Cruickshank_DPI   ? 
_refine.pdbx_overall_SU_R_free_Blow_DPI          ? 
_refine.pdbx_overall_SU_R_Blow_DPI               ? 
_refine.pdbx_TLS_residual_ADP_flag               ? 
_refine.pdbx_diffrn_id                           1 
_refine.overall_SU_B                             0.978 
_refine.overall_SU_ML                            0.038 
_refine.overall_SU_R_Cruickshank_DPI             ? 
_refine.overall_SU_R_free                        ? 
_refine.overall_FOM_free_R_set                   ? 
_refine.overall_FOM_work_R_set                   ? 
_refine.pdbx_average_fsc_overall                 ? 
_refine.pdbx_average_fsc_work                    ? 
_refine.pdbx_average_fsc_free                    ? 
# 
_refine_hist.pdbx_refine_id                   'X-RAY DIFFRACTION' 
_refine_hist.cycle_id                         1 
_refine_hist.details                          ? 
_refine_hist.d_res_high                       1.45 
_refine_hist.d_res_low                        28.83 
_refine_hist.number_atoms_solvent             87 
_refine_hist.number_atoms_total               815 
_refine_hist.number_reflns_all                ? 
_refine_hist.number_reflns_obs                ? 
_refine_hist.number_reflns_R_free             ? 
_refine_hist.number_reflns_R_work             ? 
_refine_hist.R_factor_all                     ? 
_refine_hist.R_factor_obs                     ? 
_refine_hist.R_factor_R_free                  ? 
_refine_hist.R_factor_R_work                  ? 
_refine_hist.pdbx_number_residues_total       ? 
_refine_hist.pdbx_B_iso_mean_ligand           ? 
_refine_hist.pdbx_B_iso_mean_solvent          ? 
_refine_hist.pdbx_number_atoms_protein        727 
_refine_hist.pdbx_number_atoms_nucleic_acid   0 
_refine_hist.pdbx_number_atoms_ligand         1 
_refine_hist.pdbx_number_atoms_lipid          ? 
_refine_hist.pdbx_number_atoms_carb           ? 
_refine_hist.pdbx_pseudo_atom_details         ? 
# 
loop_
_refine_ls_restr.pdbx_refine_id 
_refine_ls_restr.criterion 
_refine_ls_restr.dev_ideal 
_refine_ls_restr.dev_ideal_target 
_refine_ls_restr.number 
_refine_ls_restr.rejects 
_refine_ls_restr.type 
_refine_ls_restr.weight 
_refine_ls_restr.pdbx_restraint_function 
'X-RAY DIFFRACTION' ? 0.013  0.012  748  ? r_bond_refined_d             ? ? 
'X-RAY DIFFRACTION' ? 0.001  0.016  709  ? r_bond_other_d               ? ? 
'X-RAY DIFFRACTION' ? 2.006  1.864  1002 ? r_angle_refined_deg          ? ? 
'X-RAY DIFFRACTION' ? 0.612  1.817  1650 ? r_angle_other_deg            ? ? 
'X-RAY DIFFRACTION' ? 6.072  5.000  87   ? r_dihedral_angle_1_deg       ? ? 
'X-RAY DIFFRACTION' ? 1.206  5.000  2    ? r_dihedral_angle_2_deg       ? ? 
'X-RAY DIFFRACTION' ? 11.761 10.000 156  ? r_dihedral_angle_3_deg       ? ? 
'X-RAY DIFFRACTION' ? ?      ?      ?    ? r_dihedral_angle_4_deg       ? ? 
'X-RAY DIFFRACTION' ? 0.095  0.200  106  ? r_chiral_restr               ? ? 
'X-RAY DIFFRACTION' ? 0.010  0.020  847  ? r_gen_planes_refined         ? ? 
'X-RAY DIFFRACTION' ? 0.001  0.020  165  ? r_gen_planes_other           ? ? 
'X-RAY DIFFRACTION' ? ?      ?      ?    ? r_nbd_refined                ? ? 
'X-RAY DIFFRACTION' ? ?      ?      ?    ? r_nbd_other                  ? ? 
'X-RAY DIFFRACTION' ? ?      ?      ?    ? r_nbtor_refined              ? ? 
'X-RAY DIFFRACTION' ? ?      ?      ?    ? r_nbtor_other                ? ? 
'X-RAY DIFFRACTION' ? ?      ?      ?    ? r_xyhbond_nbd_refined        ? ? 
'X-RAY DIFFRACTION' ? ?      ?      ?    ? r_xyhbond_nbd_other          ? ? 
'X-RAY DIFFRACTION' ? ?      ?      ?    ? r_metal_ion_refined          ? ? 
'X-RAY DIFFRACTION' ? ?      ?      ?    ? r_metal_ion_other            ? ? 
'X-RAY DIFFRACTION' ? ?      ?      ?    ? r_symmetry_vdw_refined       ? ? 
'X-RAY DIFFRACTION' ? ?      ?      ?    ? r_symmetry_vdw_other         ? ? 
'X-RAY DIFFRACTION' ? ?      ?      ?    ? r_symmetry_hbond_refined     ? ? 
'X-RAY DIFFRACTION' ? ?      ?      ?    ? r_symmetry_hbond_other       ? ? 
'X-RAY DIFFRACTION' ? ?      ?      ?    ? r_symmetry_metal_ion_refined ? ? 
'X-RAY DIFFRACTION' ? ?      ?      ?    ? r_symmetry_metal_ion_other   ? ? 
'X-RAY DIFFRACTION' ? 1.574  1.928  348  ? r_mcbond_it                  ? ? 
'X-RAY DIFFRACTION' ? 1.567  1.927  348  ? r_mcbond_other               ? ? 
'X-RAY DIFFRACTION' ? 2.140  3.449  435  ? r_mcangle_it                 ? ? 
'X-RAY DIFFRACTION' ? 2.140  3.453  436  ? r_mcangle_other              ? ? 
'X-RAY DIFFRACTION' ? 3.875  2.383  400  ? r_scbond_it                  ? ? 
'X-RAY DIFFRACTION' ? 3.872  2.383  400  ? r_scbond_other               ? ? 
'X-RAY DIFFRACTION' ? ?      ?      ?    ? r_scangle_it                 ? ? 
'X-RAY DIFFRACTION' ? 5.778  4.165  568  ? r_scangle_other              ? ? 
'X-RAY DIFFRACTION' ? 6.238  21.60  903  ? r_long_range_B_refined       ? ? 
'X-RAY DIFFRACTION' ? 6.212  21.14  890  ? r_long_range_B_other         ? ? 
'X-RAY DIFFRACTION' ? ?      ?      ?    ? r_rigid_bond_restr           ? ? 
'X-RAY DIFFRACTION' ? ?      ?      ?    ? r_sphericity_free            ? ? 
'X-RAY DIFFRACTION' ? ?      ?      ?    ? r_sphericity_bonded          ? ? 
# 
_refine_ls_shell.pdbx_refine_id                   'X-RAY DIFFRACTION' 
_refine_ls_shell.d_res_high                       1.450 
_refine_ls_shell.d_res_low                        1.488 
_refine_ls_shell.number_reflns_all                ? 
_refine_ls_shell.number_reflns_obs                ? 
_refine_ls_shell.number_reflns_R_free             87 
_refine_ls_shell.number_reflns_R_work             1647 
_refine_ls_shell.percent_reflns_obs               100.00 
_refine_ls_shell.percent_reflns_R_free            ? 
_refine_ls_shell.R_factor_all                     ? 
_refine_ls_shell.R_factor_obs                     ? 
_refine_ls_shell.R_factor_R_free_error            ? 
_refine_ls_shell.R_factor_R_work                  0.258 
_refine_ls_shell.redundancy_reflns_all            ? 
_refine_ls_shell.redundancy_reflns_obs            ? 
_refine_ls_shell.wR_factor_all                    ? 
_refine_ls_shell.wR_factor_obs                    ? 
_refine_ls_shell.wR_factor_R_free                 ? 
_refine_ls_shell.wR_factor_R_work                 ? 
_refine_ls_shell.pdbx_R_complete                  ? 
_refine_ls_shell.pdbx_total_number_of_bins_used   20 
_refine_ls_shell.pdbx_phase_error                 ? 
_refine_ls_shell.pdbx_fsc_work                    ? 
_refine_ls_shell.pdbx_fsc_free                    ? 
_refine_ls_shell.R_factor_R_free                  0.252 
# 
_struct.entry_id                     8WRX 
_struct.title                        'Anti-CRISPR type II-A 28' 
_struct.pdbx_model_details           ? 
_struct.pdbx_formula_weight          ? 
_struct.pdbx_formula_weight_method   ? 
_struct.pdbx_model_type_details      ? 
_struct.pdbx_CASP_flag               N 
# 
_struct_keywords.entry_id        8WRX 
_struct_keywords.text            'Anti-CRISPR, Acr, Inhibitor of type II-A CRISPR/Cas, IMMUNE SYSTEM' 
_struct_keywords.pdbx_keywords   'IMMUNE SYSTEM' 
# 
loop_
_struct_asym.id 
_struct_asym.pdbx_blank_PDB_chainid_flag 
_struct_asym.pdbx_modified 
_struct_asym.entity_id 
_struct_asym.details 
A N N 1 ? 
B N N 2 ? 
C N N 3 ? 
# 
_struct_ref.id                         1 
_struct_ref.db_name                    PDB 
_struct_ref.db_code                    8WRX 
_struct_ref.pdbx_db_accession          8WRX 
_struct_ref.pdbx_db_isoform            ? 
_struct_ref.entity_id                  1 
_struct_ref.pdbx_seq_one_letter_code   ? 
_struct_ref.pdbx_align_begin           1 
# 
_struct_ref_seq.align_id                      1 
_struct_ref_seq.ref_id                        1 
_struct_ref_seq.pdbx_PDB_id_code              8WRX 
_struct_ref_seq.pdbx_strand_id                A 
_struct_ref_seq.seq_align_beg                 1 
_struct_ref_seq.pdbx_seq_align_beg_ins_code   ? 
_struct_ref_seq.seq_align_end                 88 
_struct_ref_seq.pdbx_seq_align_end_ins_code   ? 
_struct_ref_seq.pdbx_db_accession             8WRX 
_struct_ref_seq.db_align_beg                  1 
_struct_ref_seq.pdbx_db_align_beg_ins_code    ? 
_struct_ref_seq.db_align_end                  88 
_struct_ref_seq.pdbx_db_align_end_ins_code    ? 
_struct_ref_seq.pdbx_auth_seq_align_beg       1 
_struct_ref_seq.pdbx_auth_seq_align_end       88 
# 
_pdbx_struct_assembly.id                   1 
_pdbx_struct_assembly.details              author_defined_assembly 
_pdbx_struct_assembly.method_details       ? 
_pdbx_struct_assembly.oligomeric_details   monomeric 
_pdbx_struct_assembly.oligomeric_count     1 
# 
_pdbx_struct_assembly_gen.assembly_id       1 
_pdbx_struct_assembly_gen.oper_expression   1 
_pdbx_struct_assembly_gen.asym_id_list      A,B,C 
# 
_pdbx_struct_assembly_auth_evidence.id                     1 
_pdbx_struct_assembly_auth_evidence.assembly_id            1 
_pdbx_struct_assembly_auth_evidence.experimental_support   'light scattering' 
_pdbx_struct_assembly_auth_evidence.details                ? 
# 
_pdbx_struct_oper_list.id                   1 
_pdbx_struct_oper_list.type                 'identity operation' 
_pdbx_struct_oper_list.name                 1_555 
_pdbx_struct_oper_list.symmetry_operation   x,y,z 
_pdbx_struct_oper_list.matrix[1][1]         1.0000000000 
_pdbx_struct_oper_list.matrix[1][2]         0.0000000000 
_pdbx_struct_oper_list.matrix[1][3]         0.0000000000 
_pdbx_struct_oper_list.vector[1]            0.0000000000 
_pdbx_struct_oper_list.matrix[2][1]         0.0000000000 
_pdbx_struct_oper_list.matrix[2][2]         1.0000000000 
_pdbx_struct_oper_list.matrix[2][3]         0.0000000000 
_pdbx_struct_oper_list.vector[2]            0.0000000000 
_pdbx_struct_oper_list.matrix[3][1]         0.0000000000 
_pdbx_struct_oper_list.matrix[3][2]         0.0000000000 
_pdbx_struct_oper_list.matrix[3][3]         1.0000000000 
_pdbx_struct_oper_list.vector[3]            0.0000000000 
# 
loop_
_struct_conf.conf_type_id 
_struct_conf.id 
_struct_conf.pdbx_PDB_helix_id 
_struct_conf.beg_label_comp_id 
_struct_conf.beg_label_asym_id 
_struct_conf.beg_label_seq_id 
_struct_conf.pdbx_beg_PDB_ins_code 
_struct_conf.end_label_comp_id 
_struct_conf.end_label_asym_id 
_struct_conf.end_label_seq_id 
_struct_conf.pdbx_end_PDB_ins_code 
_struct_conf.beg_auth_comp_id 
_struct_conf.beg_auth_asym_id 
_struct_conf.beg_auth_seq_id 
_struct_conf.end_auth_comp_id 
_struct_conf.end_auth_asym_id 
_struct_conf.end_auth_seq_id 
_struct_conf.pdbx_PDB_helix_class 
_struct_conf.details 
_struct_conf.pdbx_PDB_helix_length 
HELX_P HELX_P1 AA1 THR A 6  ? LEU A 14 ? THR A 6  LEU A 14 1 ? 9  
HELX_P HELX_P2 AA2 SER A 18 ? ALA A 40 ? SER A 18 ALA A 40 1 ? 23 
HELX_P HELX_P3 AA3 SER A 46 ? GLY A 65 ? SER A 46 GLY A 65 1 ? 20 
HELX_P HELX_P4 AA4 ASP A 69 ? PHE A 84 ? ASP A 69 PHE A 84 1 ? 16 
# 
_struct_conf_type.id          HELX_P 
_struct_conf_type.criteria    ? 
_struct_conf_type.reference   ? 
# 
loop_
_struct_conn.id 
_struct_conn.conn_type_id 
_struct_conn.pdbx_leaving_atom_flag 
_struct_conn.pdbx_PDB_id 
_struct_conn.ptnr1_label_asym_id 
_struct_conn.ptnr1_label_comp_id 
_struct_conn.ptnr1_label_seq_id 
_struct_conn.ptnr1_label_atom_id 
_struct_conn.pdbx_ptnr1_label_alt_id 
_struct_conn.pdbx_ptnr1_PDB_ins_code 
_struct_conn.pdbx_ptnr1_standard_comp_id 
_struct_conn.ptnr1_symmetry 
_struct_conn.ptnr2_label_asym_id 
_struct_conn.ptnr2_label_comp_id 
_struct_conn.ptnr2_label_seq_id 
_struct_conn.ptnr2_label_atom_id 
_struct_conn.pdbx_ptnr2_label_alt_id 
_struct_conn.pdbx_ptnr2_PDB_ins_code 
_struct_conn.ptnr1_auth_asym_id 
_struct_conn.ptnr1_auth_comp_id 
_struct_conn.ptnr1_auth_seq_id 
_struct_conn.ptnr2_auth_asym_id 
_struct_conn.ptnr2_auth_comp_id 
_struct_conn.ptnr2_auth_seq_id 
_struct_conn.ptnr2_symmetry 
_struct_conn.pdbx_ptnr3_label_atom_id 
_struct_conn.pdbx_ptnr3_label_seq_id 
_struct_conn.pdbx_ptnr3_label_comp_id 
_struct_conn.pdbx_ptnr3_label_asym_id 
_struct_conn.pdbx_ptnr3_label_alt_id 
_struct_conn.pdbx_ptnr3_PDB_ins_code 
_struct_conn.details 
_struct_conn.pdbx_dist_value 
_struct_conn.pdbx_value_order 
_struct_conn.pdbx_role 
metalc1 metalc ? ? A ILE 42 O ? ? ? 1_555 B ZN . ZN ? ? A ILE 42 A ZN 101 1_555 ? ? ? ? ? ? ? 2.627 ? ? 
metalc2 metalc ? ? A GLY 44 O ? ? ? 1_555 B ZN . ZN ? ? A GLY 44 A ZN 101 1_555 ? ? ? ? ? ? ? 2.612 ? ? 
# 
_struct_conn_type.id          metalc 
_struct_conn_type.criteria    ? 
_struct_conn_type.reference   ? 
# 
_pdbx_struct_conn_angle.id                    1 
_pdbx_struct_conn_angle.ptnr1_label_atom_id   O 
_pdbx_struct_conn_angle.ptnr1_label_alt_id    ? 
_pdbx_struct_conn_angle.ptnr1_label_asym_id   A 
_pdbx_struct_conn_angle.ptnr1_label_comp_id   ILE 
_pdbx_struct_conn_angle.ptnr1_label_seq_id    42 
_pdbx_struct_conn_angle.ptnr1_auth_atom_id    ? 
_pdbx_struct_conn_angle.ptnr1_auth_asym_id    A 
_pdbx_struct_conn_angle.ptnr1_auth_comp_id    ILE 
_pdbx_struct_conn_angle.ptnr1_auth_seq_id     42 
_pdbx_struct_conn_angle.ptnr1_PDB_ins_code    ? 
_pdbx_struct_conn_angle.ptnr1_symmetry        1_555 
_pdbx_struct_conn_angle.ptnr2_label_atom_id   ZN 
_pdbx_struct_conn_angle.ptnr2_label_alt_id    ? 
_pdbx_struct_conn_angle.ptnr2_label_asym_id   B 
_pdbx_struct_conn_angle.ptnr2_label_comp_id   ZN 
_pdbx_struct_conn_angle.ptnr2_label_seq_id    . 
_pdbx_struct_conn_angle.ptnr2_auth_atom_id    ? 
_pdbx_struct_conn_angle.ptnr2_auth_asym_id    A 
_pdbx_struct_conn_angle.ptnr2_auth_comp_id    ZN 
_pdbx_struct_conn_angle.ptnr2_auth_seq_id     101 
_pdbx_struct_conn_angle.ptnr2_PDB_ins_code    ? 
_pdbx_struct_conn_angle.ptnr2_symmetry        1_555 
_pdbx_struct_conn_angle.ptnr3_label_atom_id   O 
_pdbx_struct_conn_angle.ptnr3_label_alt_id    ? 
_pdbx_struct_conn_angle.ptnr3_label_asym_id   A 
_pdbx_struct_conn_angle.ptnr3_label_comp_id   GLY 
_pdbx_struct_conn_angle.ptnr3_label_seq_id    44 
_pdbx_struct_conn_angle.ptnr3_auth_atom_id    ? 
_pdbx_struct_conn_angle.ptnr3_auth_asym_id    A 
_pdbx_struct_conn_angle.ptnr3_auth_comp_id    GLY 
_pdbx_struct_conn_angle.ptnr3_auth_seq_id     44 
_pdbx_struct_conn_angle.ptnr3_PDB_ins_code    ? 
_pdbx_struct_conn_angle.ptnr3_symmetry        1_555 
_pdbx_struct_conn_angle.value                 94.4 
_pdbx_struct_conn_angle.value_esd             ? 
# 
_pdbx_entry_details.entry_id                   8WRX 
_pdbx_entry_details.has_ligand_of_interest     Y 
_pdbx_entry_details.compound_details           ? 
_pdbx_entry_details.source_details             ? 
_pdbx_entry_details.nonpolymer_details         ? 
_pdbx_entry_details.sequence_details           ? 
_pdbx_entry_details.has_protein_modification   ? 
# 
loop_
_pdbx_validate_rmsd_bond.id 
_pdbx_validate_rmsd_bond.PDB_model_num 
_pdbx_validate_rmsd_bond.auth_atom_id_1 
_pdbx_validate_rmsd_bond.auth_asym_id_1 
_pdbx_validate_rmsd_bond.auth_comp_id_1 
_pdbx_validate_rmsd_bond.auth_seq_id_1 
_pdbx_validate_rmsd_bond.PDB_ins_code_1 
_pdbx_validate_rmsd_bond.label_alt_id_1 
_pdbx_validate_rmsd_bond.auth_atom_id_2 
_pdbx_validate_rmsd_bond.auth_asym_id_2 
_pdbx_validate_rmsd_bond.auth_comp_id_2 
_pdbx_validate_rmsd_bond.auth_seq_id_2 
_pdbx_validate_rmsd_bond.PDB_ins_code_2 
_pdbx_validate_rmsd_bond.label_alt_id_2 
_pdbx_validate_rmsd_bond.bond_value 
_pdbx_validate_rmsd_bond.bond_target_value 
_pdbx_validate_rmsd_bond.bond_deviation 
_pdbx_validate_rmsd_bond.bond_standard_deviation 
_pdbx_validate_rmsd_bond.linker_flag 
1 1 CD A GLU 72 ? ? OE1 A GLU 72 ? ? 1.177 1.252 -0.075 0.011 N 
2 1 CD A GLU 74 ? ? OE2 A GLU 74 ? ? 1.177 1.252 -0.075 0.011 N 
# 
_pdbx_struct_special_symmetry.id              1 
_pdbx_struct_special_symmetry.PDB_model_num   1 
_pdbx_struct_special_symmetry.auth_asym_id    A 
_pdbx_struct_special_symmetry.auth_comp_id    HOH 
_pdbx_struct_special_symmetry.auth_seq_id     287 
_pdbx_struct_special_symmetry.PDB_ins_code    ? 
_pdbx_struct_special_symmetry.label_asym_id   C 
_pdbx_struct_special_symmetry.label_comp_id   HOH 
_pdbx_struct_special_symmetry.label_seq_id    . 
# 
loop_
_pdbx_unobs_or_zero_occ_residues.id 
_pdbx_unobs_or_zero_occ_residues.PDB_model_num 
_pdbx_unobs_or_zero_occ_residues.polymer_flag 
_pdbx_unobs_or_zero_occ_residues.occupancy_flag 
_pdbx_unobs_or_zero_occ_residues.auth_asym_id 
_pdbx_unobs_or_zero_occ_residues.auth_comp_id 
_pdbx_unobs_or_zero_occ_residues.auth_seq_id 
_pdbx_unobs_or_zero_occ_residues.PDB_ins_code 
_pdbx_unobs_or_zero_occ_residues.label_asym_id 
_pdbx_unobs_or_zero_occ_residues.label_comp_id 
_pdbx_unobs_or_zero_occ_residues.label_seq_id 
1 1 Y 1 A ASN 87 ? A ASN 87 
2 1 Y 1 A SER 88 ? A SER 88 
# 
loop_
_chem_comp_atom.comp_id 
_chem_comp_atom.atom_id 
_chem_comp_atom.type_symbol 
_chem_comp_atom.pdbx_aromatic_flag 
_chem_comp_atom.pdbx_stereo_config 
_chem_comp_atom.pdbx_ordinal 
ALA N    N  N N 1   
ALA CA   C  N S 2   
ALA C    C  N N 3   
ALA O    O  N N 4   
ALA CB   C  N N 5   
ALA OXT  O  N N 6   
ALA H    H  N N 7   
ALA H2   H  N N 8   
ALA HA   H  N N 9   
ALA HB1  H  N N 10  
ALA HB2  H  N N 11  
ALA HB3  H  N N 12  
ALA HXT  H  N N 13  
ARG N    N  N N 14  
ARG CA   C  N S 15  
ARG C    C  N N 16  
ARG O    O  N N 17  
ARG CB   C  N N 18  
ARG CG   C  N N 19  
ARG CD   C  N N 20  
ARG NE   N  N N 21  
ARG CZ   C  N N 22  
ARG NH1  N  N N 23  
ARG NH2  N  N N 24  
ARG OXT  O  N N 25  
ARG H    H  N N 26  
ARG H2   H  N N 27  
ARG HA   H  N N 28  
ARG HB2  H  N N 29  
ARG HB3  H  N N 30  
ARG HG2  H  N N 31  
ARG HG3  H  N N 32  
ARG HD2  H  N N 33  
ARG HD3  H  N N 34  
ARG HE   H  N N 35  
ARG HH11 H  N N 36  
ARG HH12 H  N N 37  
ARG HH21 H  N N 38  
ARG HH22 H  N N 39  
ARG HXT  H  N N 40  
ASN N    N  N N 41  
ASN CA   C  N S 42  
ASN C    C  N N 43  
ASN O    O  N N 44  
ASN CB   C  N N 45  
ASN CG   C  N N 46  
ASN OD1  O  N N 47  
ASN ND2  N  N N 48  
ASN OXT  O  N N 49  
ASN H    H  N N 50  
ASN H2   H  N N 51  
ASN HA   H  N N 52  
ASN HB2  H  N N 53  
ASN HB3  H  N N 54  
ASN HD21 H  N N 55  
ASN HD22 H  N N 56  
ASN HXT  H  N N 57  
ASP N    N  N N 58  
ASP CA   C  N S 59  
ASP C    C  N N 60  
ASP O    O  N N 61  
ASP CB   C  N N 62  
ASP CG   C  N N 63  
ASP OD1  O  N N 64  
ASP OD2  O  N N 65  
ASP OXT  O  N N 66  
ASP H    H  N N 67  
ASP H2   H  N N 68  
ASP HA   H  N N 69  
ASP HB2  H  N N 70  
ASP HB3  H  N N 71  
ASP HD2  H  N N 72  
ASP HXT  H  N N 73  
GLN N    N  N N 74  
GLN CA   C  N S 75  
GLN C    C  N N 76  
GLN O    O  N N 77  
GLN CB   C  N N 78  
GLN CG   C  N N 79  
GLN CD   C  N N 80  
GLN OE1  O  N N 81  
GLN NE2  N  N N 82  
GLN OXT  O  N N 83  
GLN H    H  N N 84  
GLN H2   H  N N 85  
GLN HA   H  N N 86  
GLN HB2  H  N N 87  
GLN HB3  H  N N 88  
GLN HG2  H  N N 89  
GLN HG3  H  N N 90  
GLN HE21 H  N N 91  
GLN HE22 H  N N 92  
GLN HXT  H  N N 93  
GLU N    N  N N 94  
GLU CA   C  N S 95  
GLU C    C  N N 96  
GLU O    O  N N 97  
GLU CB   C  N N 98  
GLU CG   C  N N 99  
GLU CD   C  N N 100 
GLU OE1  O  N N 101 
GLU OE2  O  N N 102 
GLU OXT  O  N N 103 
GLU H    H  N N 104 
GLU H2   H  N N 105 
GLU HA   H  N N 106 
GLU HB2  H  N N 107 
GLU HB3  H  N N 108 
GLU HG2  H  N N 109 
GLU HG3  H  N N 110 
GLU HE2  H  N N 111 
GLU HXT  H  N N 112 
GLY N    N  N N 113 
GLY CA   C  N N 114 
GLY C    C  N N 115 
GLY O    O  N N 116 
GLY OXT  O  N N 117 
GLY H    H  N N 118 
GLY H2   H  N N 119 
GLY HA2  H  N N 120 
GLY HA3  H  N N 121 
GLY HXT  H  N N 122 
HIS N    N  N N 123 
HIS CA   C  N S 124 
HIS C    C  N N 125 
HIS O    O  N N 126 
HIS CB   C  N N 127 
HIS CG   C  Y N 128 
HIS ND1  N  Y N 129 
HIS CD2  C  Y N 130 
HIS CE1  C  Y N 131 
HIS NE2  N  Y N 132 
HIS OXT  O  N N 133 
HIS H    H  N N 134 
HIS H2   H  N N 135 
HIS HA   H  N N 136 
HIS HB2  H  N N 137 
HIS HB3  H  N N 138 
HIS HD1  H  N N 139 
HIS HD2  H  N N 140 
HIS HE1  H  N N 141 
HIS HE2  H  N N 142 
HIS HXT  H  N N 143 
HOH O    O  N N 144 
HOH H1   H  N N 145 
HOH H2   H  N N 146 
ILE N    N  N N 147 
ILE CA   C  N S 148 
ILE C    C  N N 149 
ILE O    O  N N 150 
ILE CB   C  N S 151 
ILE CG1  C  N N 152 
ILE CG2  C  N N 153 
ILE CD1  C  N N 154 
ILE OXT  O  N N 155 
ILE H    H  N N 156 
ILE H2   H  N N 157 
ILE HA   H  N N 158 
ILE HB   H  N N 159 
ILE HG12 H  N N 160 
ILE HG13 H  N N 161 
ILE HG21 H  N N 162 
ILE HG22 H  N N 163 
ILE HG23 H  N N 164 
ILE HD11 H  N N 165 
ILE HD12 H  N N 166 
ILE HD13 H  N N 167 
ILE HXT  H  N N 168 
LEU N    N  N N 169 
LEU CA   C  N S 170 
LEU C    C  N N 171 
LEU O    O  N N 172 
LEU CB   C  N N 173 
LEU CG   C  N N 174 
LEU CD1  C  N N 175 
LEU CD2  C  N N 176 
LEU OXT  O  N N 177 
LEU H    H  N N 178 
LEU H2   H  N N 179 
LEU HA   H  N N 180 
LEU HB2  H  N N 181 
LEU HB3  H  N N 182 
LEU HG   H  N N 183 
LEU HD11 H  N N 184 
LEU HD12 H  N N 185 
LEU HD13 H  N N 186 
LEU HD21 H  N N 187 
LEU HD22 H  N N 188 
LEU HD23 H  N N 189 
LEU HXT  H  N N 190 
LYS N    N  N N 191 
LYS CA   C  N S 192 
LYS C    C  N N 193 
LYS O    O  N N 194 
LYS CB   C  N N 195 
LYS CG   C  N N 196 
LYS CD   C  N N 197 
LYS CE   C  N N 198 
LYS NZ   N  N N 199 
LYS OXT  O  N N 200 
LYS H    H  N N 201 
LYS H2   H  N N 202 
LYS HA   H  N N 203 
LYS HB2  H  N N 204 
LYS HB3  H  N N 205 
LYS HG2  H  N N 206 
LYS HG3  H  N N 207 
LYS HD2  H  N N 208 
LYS HD3  H  N N 209 
LYS HE2  H  N N 210 
LYS HE3  H  N N 211 
LYS HZ1  H  N N 212 
LYS HZ2  H  N N 213 
LYS HZ3  H  N N 214 
LYS HXT  H  N N 215 
MET N    N  N N 216 
MET CA   C  N S 217 
MET C    C  N N 218 
MET O    O  N N 219 
MET CB   C  N N 220 
MET CG   C  N N 221 
MET SD   S  N N 222 
MET CE   C  N N 223 
MET OXT  O  N N 224 
MET H    H  N N 225 
MET H2   H  N N 226 
MET HA   H  N N 227 
MET HB2  H  N N 228 
MET HB3  H  N N 229 
MET HG2  H  N N 230 
MET HG3  H  N N 231 
MET HE1  H  N N 232 
MET HE2  H  N N 233 
MET HE3  H  N N 234 
MET HXT  H  N N 235 
PHE N    N  N N 236 
PHE CA   C  N S 237 
PHE C    C  N N 238 
PHE O    O  N N 239 
PHE CB   C  N N 240 
PHE CG   C  Y N 241 
PHE CD1  C  Y N 242 
PHE CD2  C  Y N 243 
PHE CE1  C  Y N 244 
PHE CE2  C  Y N 245 
PHE CZ   C  Y N 246 
PHE OXT  O  N N 247 
PHE H    H  N N 248 
PHE H2   H  N N 249 
PHE HA   H  N N 250 
PHE HB2  H  N N 251 
PHE HB3  H  N N 252 
PHE HD1  H  N N 253 
PHE HD2  H  N N 254 
PHE HE1  H  N N 255 
PHE HE2  H  N N 256 
PHE HZ   H  N N 257 
PHE HXT  H  N N 258 
PRO N    N  N N 259 
PRO CA   C  N S 260 
PRO C    C  N N 261 
PRO O    O  N N 262 
PRO CB   C  N N 263 
PRO CG   C  N N 264 
PRO CD   C  N N 265 
PRO OXT  O  N N 266 
PRO H    H  N N 267 
PRO HA   H  N N 268 
PRO HB2  H  N N 269 
PRO HB3  H  N N 270 
PRO HG2  H  N N 271 
PRO HG3  H  N N 272 
PRO HD2  H  N N 273 
PRO HD3  H  N N 274 
PRO HXT  H  N N 275 
SER N    N  N N 276 
SER CA   C  N S 277 
SER C    C  N N 278 
SER O    O  N N 279 
SER CB   C  N N 280 
SER OG   O  N N 281 
SER OXT  O  N N 282 
SER H    H  N N 283 
SER H2   H  N N 284 
SER HA   H  N N 285 
SER HB2  H  N N 286 
SER HB3  H  N N 287 
SER HG   H  N N 288 
SER HXT  H  N N 289 
THR N    N  N N 290 
THR CA   C  N S 291 
THR C    C  N N 292 
THR O    O  N N 293 
THR CB   C  N R 294 
THR OG1  O  N N 295 
THR CG2  C  N N 296 
THR OXT  O  N N 297 
THR H    H  N N 298 
THR H2   H  N N 299 
THR HA   H  N N 300 
THR HB   H  N N 301 
THR HG1  H  N N 302 
THR HG21 H  N N 303 
THR HG22 H  N N 304 
THR HG23 H  N N 305 
THR HXT  H  N N 306 
TRP N    N  N N 307 
TRP CA   C  N S 308 
TRP C    C  N N 309 
TRP O    O  N N 310 
TRP CB   C  N N 311 
TRP CG   C  Y N 312 
TRP CD1  C  Y N 313 
TRP CD2  C  Y N 314 
TRP NE1  N  Y N 315 
TRP CE2  C  Y N 316 
TRP CE3  C  Y N 317 
TRP CZ2  C  Y N 318 
TRP CZ3  C  Y N 319 
TRP CH2  C  Y N 320 
TRP OXT  O  N N 321 
TRP H    H  N N 322 
TRP H2   H  N N 323 
TRP HA   H  N N 324 
TRP HB2  H  N N 325 
TRP HB3  H  N N 326 
TRP HD1  H  N N 327 
TRP HE1  H  N N 328 
TRP HE3  H  N N 329 
TRP HZ2  H  N N 330 
TRP HZ3  H  N N 331 
TRP HH2  H  N N 332 
TRP HXT  H  N N 333 
TYR N    N  N N 334 
TYR CA   C  N S 335 
TYR C    C  N N 336 
TYR O    O  N N 337 
TYR CB   C  N N 338 
TYR CG   C  Y N 339 
TYR CD1  C  Y N 340 
TYR CD2  C  Y N 341 
TYR CE1  C  Y N 342 
TYR CE2  C  Y N 343 
TYR CZ   C  Y N 344 
TYR OH   O  N N 345 
TYR OXT  O  N N 346 
TYR H    H  N N 347 
TYR H2   H  N N 348 
TYR HA   H  N N 349 
TYR HB2  H  N N 350 
TYR HB3  H  N N 351 
TYR HD1  H  N N 352 
TYR HD2  H  N N 353 
TYR HE1  H  N N 354 
TYR HE2  H  N N 355 
TYR HH   H  N N 356 
TYR HXT  H  N N 357 
VAL N    N  N N 358 
VAL CA   C  N S 359 
VAL C    C  N N 360 
VAL O    O  N N 361 
VAL CB   C  N N 362 
VAL CG1  C  N N 363 
VAL CG2  C  N N 364 
VAL OXT  O  N N 365 
VAL H    H  N N 366 
VAL H2   H  N N 367 
VAL HA   H  N N 368 
VAL HB   H  N N 369 
VAL HG11 H  N N 370 
VAL HG12 H  N N 371 
VAL HG13 H  N N 372 
VAL HG21 H  N N 373 
VAL HG22 H  N N 374 
VAL HG23 H  N N 375 
VAL HXT  H  N N 376 
ZN  ZN   ZN N N 377 
# 
loop_
_chem_comp_bond.comp_id 
_chem_comp_bond.atom_id_1 
_chem_comp_bond.atom_id_2 
_chem_comp_bond.value_order 
_chem_comp_bond.pdbx_aromatic_flag 
_chem_comp_bond.pdbx_stereo_config 
_chem_comp_bond.pdbx_ordinal 
ALA N   CA   sing N N 1   
ALA N   H    sing N N 2   
ALA N   H2   sing N N 3   
ALA CA  C    sing N N 4   
ALA CA  CB   sing N N 5   
ALA CA  HA   sing N N 6   
ALA C   O    doub N N 7   
ALA C   OXT  sing N N 8   
ALA CB  HB1  sing N N 9   
ALA CB  HB2  sing N N 10  
ALA CB  HB3  sing N N 11  
ALA OXT HXT  sing N N 12  
ARG N   CA   sing N N 13  
ARG N   H    sing N N 14  
ARG N   H2   sing N N 15  
ARG CA  C    sing N N 16  
ARG CA  CB   sing N N 17  
ARG CA  HA   sing N N 18  
ARG C   O    doub N N 19  
ARG C   OXT  sing N N 20  
ARG CB  CG   sing N N 21  
ARG CB  HB2  sing N N 22  
ARG CB  HB3  sing N N 23  
ARG CG  CD   sing N N 24  
ARG CG  HG2  sing N N 25  
ARG CG  HG3  sing N N 26  
ARG CD  NE   sing N N 27  
ARG CD  HD2  sing N N 28  
ARG CD  HD3  sing N N 29  
ARG NE  CZ   sing N N 30  
ARG NE  HE   sing N N 31  
ARG CZ  NH1  sing N N 32  
ARG CZ  NH2  doub N N 33  
ARG NH1 HH11 sing N N 34  
ARG NH1 HH12 sing N N 35  
ARG NH2 HH21 sing N N 36  
ARG NH2 HH22 sing N N 37  
ARG OXT HXT  sing N N 38  
ASN N   CA   sing N N 39  
ASN N   H    sing N N 40  
ASN N   H2   sing N N 41  
ASN CA  C    sing N N 42  
ASN CA  CB   sing N N 43  
ASN CA  HA   sing N N 44  
ASN C   O    doub N N 45  
ASN C   OXT  sing N N 46  
ASN CB  CG   sing N N 47  
ASN CB  HB2  sing N N 48  
ASN CB  HB3  sing N N 49  
ASN CG  OD1  doub N N 50  
ASN CG  ND2  sing N N 51  
ASN ND2 HD21 sing N N 52  
ASN ND2 HD22 sing N N 53  
ASN OXT HXT  sing N N 54  
ASP N   CA   sing N N 55  
ASP N   H    sing N N 56  
ASP N   H2   sing N N 57  
ASP CA  C    sing N N 58  
ASP CA  CB   sing N N 59  
ASP CA  HA   sing N N 60  
ASP C   O    doub N N 61  
ASP C   OXT  sing N N 62  
ASP CB  CG   sing N N 63  
ASP CB  HB2  sing N N 64  
ASP CB  HB3  sing N N 65  
ASP CG  OD1  doub N N 66  
ASP CG  OD2  sing N N 67  
ASP OD2 HD2  sing N N 68  
ASP OXT HXT  sing N N 69  
GLN N   CA   sing N N 70  
GLN N   H    sing N N 71  
GLN N   H2   sing N N 72  
GLN CA  C    sing N N 73  
GLN CA  CB   sing N N 74  
GLN CA  HA   sing N N 75  
GLN C   O    doub N N 76  
GLN C   OXT  sing N N 77  
GLN CB  CG   sing N N 78  
GLN CB  HB2  sing N N 79  
GLN CB  HB3  sing N N 80  
GLN CG  CD   sing N N 81  
GLN CG  HG2  sing N N 82  
GLN CG  HG3  sing N N 83  
GLN CD  OE1  doub N N 84  
GLN CD  NE2  sing N N 85  
GLN NE2 HE21 sing N N 86  
GLN NE2 HE22 sing N N 87  
GLN OXT HXT  sing N N 88  
GLU N   CA   sing N N 89  
GLU N   H    sing N N 90  
GLU N   H2   sing N N 91  
GLU CA  C    sing N N 92  
GLU CA  CB   sing N N 93  
GLU CA  HA   sing N N 94  
GLU C   O    doub N N 95  
GLU C   OXT  sing N N 96  
GLU CB  CG   sing N N 97  
GLU CB  HB2  sing N N 98  
GLU CB  HB3  sing N N 99  
GLU CG  CD   sing N N 100 
GLU CG  HG2  sing N N 101 
GLU CG  HG3  sing N N 102 
GLU CD  OE1  doub N N 103 
GLU CD  OE2  sing N N 104 
GLU OE2 HE2  sing N N 105 
GLU OXT HXT  sing N N 106 
GLY N   CA   sing N N 107 
GLY N   H    sing N N 108 
GLY N   H2   sing N N 109 
GLY CA  C    sing N N 110 
GLY CA  HA2  sing N N 111 
GLY CA  HA3  sing N N 112 
GLY C   O    doub N N 113 
GLY C   OXT  sing N N 114 
GLY OXT HXT  sing N N 115 
HIS N   CA   sing N N 116 
HIS N   H    sing N N 117 
HIS N   H2   sing N N 118 
HIS CA  C    sing N N 119 
HIS CA  CB   sing N N 120 
HIS CA  HA   sing N N 121 
HIS C   O    doub N N 122 
HIS C   OXT  sing N N 123 
HIS CB  CG   sing N N 124 
HIS CB  HB2  sing N N 125 
HIS CB  HB3  sing N N 126 
HIS CG  ND1  sing Y N 127 
HIS CG  CD2  doub Y N 128 
HIS ND1 CE1  doub Y N 129 
HIS ND1 HD1  sing N N 130 
HIS CD2 NE2  sing Y N 131 
HIS CD2 HD2  sing N N 132 
HIS CE1 NE2  sing Y N 133 
HIS CE1 HE1  sing N N 134 
HIS NE2 HE2  sing N N 135 
HIS OXT HXT  sing N N 136 
HOH O   H1   sing N N 137 
HOH O   H2   sing N N 138 
ILE N   CA   sing N N 139 
ILE N   H    sing N N 140 
ILE N   H2   sing N N 141 
ILE CA  C    sing N N 142 
ILE CA  CB   sing N N 143 
ILE CA  HA   sing N N 144 
ILE C   O    doub N N 145 
ILE C   OXT  sing N N 146 
ILE CB  CG1  sing N N 147 
ILE CB  CG2  sing N N 148 
ILE CB  HB   sing N N 149 
ILE CG1 CD1  sing N N 150 
ILE CG1 HG12 sing N N 151 
ILE CG1 HG13 sing N N 152 
ILE CG2 HG21 sing N N 153 
ILE CG2 HG22 sing N N 154 
ILE CG2 HG23 sing N N 155 
ILE CD1 HD11 sing N N 156 
ILE CD1 HD12 sing N N 157 
ILE CD1 HD13 sing N N 158 
ILE OXT HXT  sing N N 159 
LEU N   CA   sing N N 160 
LEU N   H    sing N N 161 
LEU N   H2   sing N N 162 
LEU CA  C    sing N N 163 
LEU CA  CB   sing N N 164 
LEU CA  HA   sing N N 165 
LEU C   O    doub N N 166 
LEU C   OXT  sing N N 167 
LEU CB  CG   sing N N 168 
LEU CB  HB2  sing N N 169 
LEU CB  HB3  sing N N 170 
LEU CG  CD1  sing N N 171 
LEU CG  CD2  sing N N 172 
LEU CG  HG   sing N N 173 
LEU CD1 HD11 sing N N 174 
LEU CD1 HD12 sing N N 175 
LEU CD1 HD13 sing N N 176 
LEU CD2 HD21 sing N N 177 
LEU CD2 HD22 sing N N 178 
LEU CD2 HD23 sing N N 179 
LEU OXT HXT  sing N N 180 
LYS N   CA   sing N N 181 
LYS N   H    sing N N 182 
LYS N   H2   sing N N 183 
LYS CA  C    sing N N 184 
LYS CA  CB   sing N N 185 
LYS CA  HA   sing N N 186 
LYS C   O    doub N N 187 
LYS C   OXT  sing N N 188 
LYS CB  CG   sing N N 189 
LYS CB  HB2  sing N N 190 
LYS CB  HB3  sing N N 191 
LYS CG  CD   sing N N 192 
LYS CG  HG2  sing N N 193 
LYS CG  HG3  sing N N 194 
LYS CD  CE   sing N N 195 
LYS CD  HD2  sing N N 196 
LYS CD  HD3  sing N N 197 
LYS CE  NZ   sing N N 198 
LYS CE  HE2  sing N N 199 
LYS CE  HE3  sing N N 200 
LYS NZ  HZ1  sing N N 201 
LYS NZ  HZ2  sing N N 202 
LYS NZ  HZ3  sing N N 203 
LYS OXT HXT  sing N N 204 
MET N   CA   sing N N 205 
MET N   H    sing N N 206 
MET N   H2   sing N N 207 
MET CA  C    sing N N 208 
MET CA  CB   sing N N 209 
MET CA  HA   sing N N 210 
MET C   O    doub N N 211 
MET C   OXT  sing N N 212 
MET CB  CG   sing N N 213 
MET CB  HB2  sing N N 214 
MET CB  HB3  sing N N 215 
MET CG  SD   sing N N 216 
MET CG  HG2  sing N N 217 
MET CG  HG3  sing N N 218 
MET SD  CE   sing N N 219 
MET CE  HE1  sing N N 220 
MET CE  HE2  sing N N 221 
MET CE  HE3  sing N N 222 
MET OXT HXT  sing N N 223 
PHE N   CA   sing N N 224 
PHE N   H    sing N N 225 
PHE N   H2   sing N N 226 
PHE CA  C    sing N N 227 
PHE CA  CB   sing N N 228 
PHE CA  HA   sing N N 229 
PHE C   O    doub N N 230 
PHE C   OXT  sing N N 231 
PHE CB  CG   sing N N 232 
PHE CB  HB2  sing N N 233 
PHE CB  HB3  sing N N 234 
PHE CG  CD1  doub Y N 235 
PHE CG  CD2  sing Y N 236 
PHE CD1 CE1  sing Y N 237 
PHE CD1 HD1  sing N N 238 
PHE CD2 CE2  doub Y N 239 
PHE CD2 HD2  sing N N 240 
PHE CE1 CZ   doub Y N 241 
PHE CE1 HE1  sing N N 242 
PHE CE2 CZ   sing Y N 243 
PHE CE2 HE2  sing N N 244 
PHE CZ  HZ   sing N N 245 
PHE OXT HXT  sing N N 246 
PRO N   CA   sing N N 247 
PRO N   CD   sing N N 248 
PRO N   H    sing N N 249 
PRO CA  C    sing N N 250 
PRO CA  CB   sing N N 251 
PRO CA  HA   sing N N 252 
PRO C   O    doub N N 253 
PRO C   OXT  sing N N 254 
PRO CB  CG   sing N N 255 
PRO CB  HB2  sing N N 256 
PRO CB  HB3  sing N N 257 
PRO CG  CD   sing N N 258 
PRO CG  HG2  sing N N 259 
PRO CG  HG3  sing N N 260 
PRO CD  HD2  sing N N 261 
PRO CD  HD3  sing N N 262 
PRO OXT HXT  sing N N 263 
SER N   CA   sing N N 264 
SER N   H    sing N N 265 
SER N   H2   sing N N 266 
SER CA  C    sing N N 267 
SER CA  CB   sing N N 268 
SER CA  HA   sing N N 269 
SER C   O    doub N N 270 
SER C   OXT  sing N N 271 
SER CB  OG   sing N N 272 
SER CB  HB2  sing N N 273 
SER CB  HB3  sing N N 274 
SER OG  HG   sing N N 275 
SER OXT HXT  sing N N 276 
THR N   CA   sing N N 277 
THR N   H    sing N N 278 
THR N   H2   sing N N 279 
THR CA  C    sing N N 280 
THR CA  CB   sing N N 281 
THR CA  HA   sing N N 282 
THR C   O    doub N N 283 
THR C   OXT  sing N N 284 
THR CB  OG1  sing N N 285 
THR CB  CG2  sing N N 286 
THR CB  HB   sing N N 287 
THR OG1 HG1  sing N N 288 
THR CG2 HG21 sing N N 289 
THR CG2 HG22 sing N N 290 
THR CG2 HG23 sing N N 291 
THR OXT HXT  sing N N 292 
TRP N   CA   sing N N 293 
TRP N   H    sing N N 294 
TRP N   H2   sing N N 295 
TRP CA  C    sing N N 296 
TRP CA  CB   sing N N 297 
TRP CA  HA   sing N N 298 
TRP C   O    doub N N 299 
TRP C   OXT  sing N N 300 
TRP CB  CG   sing N N 301 
TRP CB  HB2  sing N N 302 
TRP CB  HB3  sing N N 303 
TRP CG  CD1  doub Y N 304 
TRP CG  CD2  sing Y N 305 
TRP CD1 NE1  sing Y N 306 
TRP CD1 HD1  sing N N 307 
TRP CD2 CE2  doub Y N 308 
TRP CD2 CE3  sing Y N 309 
TRP NE1 CE2  sing Y N 310 
TRP NE1 HE1  sing N N 311 
TRP CE2 CZ2  sing Y N 312 
TRP CE3 CZ3  doub Y N 313 
TRP CE3 HE3  sing N N 314 
TRP CZ2 CH2  doub Y N 315 
TRP CZ2 HZ2  sing N N 316 
TRP CZ3 CH2  sing Y N 317 
TRP CZ3 HZ3  sing N N 318 
TRP CH2 HH2  sing N N 319 
TRP OXT HXT  sing N N 320 
TYR N   CA   sing N N 321 
TYR N   H    sing N N 322 
TYR N   H2   sing N N 323 
TYR CA  C    sing N N 324 
TYR CA  CB   sing N N 325 
TYR CA  HA   sing N N 326 
TYR C   O    doub N N 327 
TYR C   OXT  sing N N 328 
TYR CB  CG   sing N N 329 
TYR CB  HB2  sing N N 330 
TYR CB  HB3  sing N N 331 
TYR CG  CD1  doub Y N 332 
TYR CG  CD2  sing Y N 333 
TYR CD1 CE1  sing Y N 334 
TYR CD1 HD1  sing N N 335 
TYR CD2 CE2  doub Y N 336 
TYR CD2 HD2  sing N N 337 
TYR CE1 CZ   doub Y N 338 
TYR CE1 HE1  sing N N 339 
TYR CE2 CZ   sing Y N 340 
TYR CE2 HE2  sing N N 341 
TYR CZ  OH   sing N N 342 
TYR OH  HH   sing N N 343 
TYR OXT HXT  sing N N 344 
VAL N   CA   sing N N 345 
VAL N   H    sing N N 346 
VAL N   H2   sing N N 347 
VAL CA  C    sing N N 348 
VAL CA  CB   sing N N 349 
VAL CA  HA   sing N N 350 
VAL C   O    doub N N 351 
VAL C   OXT  sing N N 352 
VAL CB  CG1  sing N N 353 
VAL CB  CG2  sing N N 354 
VAL CB  HB   sing N N 355 
VAL CG1 HG11 sing N N 356 
VAL CG1 HG12 sing N N 357 
VAL CG1 HG13 sing N N 358 
VAL CG2 HG21 sing N N 359 
VAL CG2 HG22 sing N N 360 
VAL CG2 HG23 sing N N 361 
VAL OXT HXT  sing N N 362 
# 
_pdbx_audit_support.funding_organization   'National Research Foundation (NRF, Korea)' 
_pdbx_audit_support.country                'Korea, Republic Of' 
_pdbx_audit_support.grant_number           ? 
_pdbx_audit_support.ordinal                1 
# 
_atom_sites.entry_id                    8WRX 
_atom_sites.Cartn_transf_matrix[1][1]   ? 
_atom_sites.Cartn_transf_matrix[1][2]   ? 
_atom_sites.Cartn_transf_matrix[1][3]   ? 
_atom_sites.Cartn_transf_matrix[2][1]   ? 
_atom_sites.Cartn_transf_matrix[2][2]   ? 
_atom_sites.Cartn_transf_matrix[2][3]   ? 
_atom_sites.Cartn_transf_matrix[3][1]   ? 
_atom_sites.Cartn_transf_matrix[3][2]   ? 
_atom_sites.Cartn_transf_matrix[3][3]   ? 
_atom_sites.Cartn_transf_vector[1]      ? 
_atom_sites.Cartn_transf_vector[2]      ? 
_atom_sites.Cartn_transf_vector[3]      ? 
_atom_sites.Cartn_transform_axes        ? 
_atom_sites.fract_transf_matrix[1][1]   -0.00036558 
_atom_sites.fract_transf_matrix[1][2]   0.01451922 
_atom_sites.fract_transf_matrix[1][3]   -0.00547359 
_atom_sites.fract_transf_matrix[2][1]   0.01231001 
_atom_sites.fract_transf_matrix[2][2]   0.00360452 
_atom_sites.fract_transf_matrix[2][3]   0.00873914 
_atom_sites.fract_transf_matrix[3][1]   0.00968786 
_atom_sites.fract_transf_matrix[3][2]   -0.00424114 
_atom_sites.fract_transf_matrix[3][3]   -0.01189709 
_atom_sites.fract_transf_vector[1]      0.107876 
_atom_sites.fract_transf_vector[2]      0.268007 
_atom_sites.fract_transf_vector[3]      0.150157 
_atom_sites.solution_primary            ? 
_atom_sites.solution_secondary          ? 
_atom_sites.solution_hydrogens          ? 
_atom_sites.special_details             ? 
# 
loop_
_atom_type.symbol 
C  
N  
O  
S  
ZN 
# 
loop_
_atom_site.group_PDB 
_atom_site.id 
_atom_site.type_symbol 
_atom_site.label_atom_id 
_atom_site.label_alt_id 
_atom_site.label_comp_id 
_atom_site.label_asym_id 
_atom_site.label_entity_id 
_atom_site.label_seq_id 
_atom_site.pdbx_PDB_ins_code 
_atom_site.Cartn_x 
_atom_site.Cartn_y 
_atom_site.Cartn_z 
_atom_site.occupancy 
_atom_site.B_iso_or_equiv 
_atom_site.pdbx_formal_charge 
_atom_site.auth_seq_id 
_atom_site.auth_comp_id 
_atom_site.auth_asym_id 
_atom_site.auth_atom_id 
_atom_site.pdbx_PDB_model_num 
ATOM   1   N  N   . MET A 1 1  ? -9.980  9.409   8.644   1.00 23.59 ? 1   MET A N   1 
ATOM   2   C  CA  . MET A 1 1  ? -10.491 8.837   9.911   1.00 21.04 ? 1   MET A CA  1 
ATOM   3   C  C   . MET A 1 1  ? -9.354  8.135   10.635  1.00 21.10 ? 1   MET A C   1 
ATOM   4   O  O   . MET A 1 1  ? -8.412  7.636   10.011  1.00 21.27 ? 1   MET A O   1 
ATOM   5   C  CB  . MET A 1 1  ? -11.641 7.834   9.702   1.00 19.65 ? 1   MET A CB  1 
ATOM   6   C  CG  . MET A 1 1  ? -12.989 8.495   9.317   1.00 21.68 ? 1   MET A CG  1 
ATOM   7   S  SD  . MET A 1 1  ? -14.405 7.380   9.405   1.00 23.23 ? 1   MET A SD  1 
ATOM   8   C  CE  . MET A 1 1  ? -14.244 6.745   7.741   1.00 36.32 ? 1   MET A CE  1 
ATOM   9   N  N   . LYS A 1 2  ? -9.500  8.079   11.967  1.00 20.63 ? 2   LYS A N   1 
ATOM   10  C  CA  . LYS A 1 2  ? -8.588  7.349   12.823  1.00 21.81 ? 2   LYS A CA  1 
ATOM   11  C  C   . LYS A 1 2  ? -8.371  5.941   12.302  1.00 20.03 ? 2   LYS A C   1 
ATOM   12  O  O   . LYS A 1 2  ? -9.317  5.225   11.998  1.00 20.16 ? 2   LYS A O   1 
ATOM   13  C  CB  . LYS A 1 2  ? -9.296  7.263   14.181  1.00 24.40 ? 2   LYS A CB  1 
ATOM   14  C  CG  . LYS A 1 2  ? -8.558  6.607   15.293  1.00 27.26 ? 2   LYS A CG  1 
ATOM   15  C  CD  . LYS A 1 2  ? -9.416  6.840   16.547  1.00 30.16 ? 2   LYS A CD  1 
ATOM   16  C  CE  . LYS A 1 2  ? -9.173  5.855   17.576  1.00 30.61 ? 2   LYS A CE  1 
ATOM   17  N  NZ  . LYS A 1 2  ? -9.879  6.333   18.764  1.00 28.81 ? 2   LYS A NZ  1 
ATOM   18  N  N   . THR A 1 3  ? -7.085  5.535   12.353  1.00 19.40 ? 3   THR A N   1 
ATOM   19  C  CA  . THR A 1 3  ? -6.603  4.259   11.886  1.00 18.92 ? 3   THR A CA  1 
ATOM   20  C  C   . THR A 1 3  ? -6.543  3.241   13.044  1.00 17.62 ? 3   THR A C   1 
ATOM   21  O  O   . THR A 1 3  ? -6.531  3.621   14.211  1.00 18.73 ? 3   THR A O   1 
ATOM   22  C  CB  . THR A 1 3  ? -5.260  4.409   11.175  1.00 18.81 ? 3   THR A CB  1 
ATOM   23  O  OG1 . THR A 1 3  ? -4.362  5.175   11.982  1.00 20.00 ? 3   THR A OG1 1 
ATOM   24  C  CG2 . THR A 1 3  ? -5.364  5.179   9.877   1.00 19.45 ? 3   THR A CG2 1 
ATOM   25  N  N   . ILE A 1 4  ? -6.470  1.960   12.696  1.00 17.55 ? 4   ILE A N   1 
ATOM   26  C  CA  . ILE A 1 4  ? -6.454  0.857   13.657  1.00 16.29 ? 4   ILE A CA  1 
ATOM   27  C  C   . ILE A 1 4  ? -5.205  0.882   14.551  1.00 17.71 ? 4   ILE A C   1 
ATOM   28  O  O   . ILE A 1 4  ? -5.262  0.381   15.666  1.00 18.10 ? 4   ILE A O   1 
ATOM   29  C  CB  . ILE A 1 4  ? -6.636  -0.454  12.904  1.00 19.14 ? 4   ILE A CB  1 
ATOM   30  C  CG1 . ILE A 1 4  ? -7.007  -1.569  13.881  1.00 19.74 ? 4   ILE A CG1 1 
ATOM   31  C  CG2 . ILE A 1 4  ? -5.445  -0.795  12.003  1.00 18.07 ? 4   ILE A CG2 1 
ATOM   32  C  CD1 . ILE A 1 4  ? -7.514  -2.804  13.172  1.00 21.18 ? 4   ILE A CD1 1 
ATOM   33  N  N   . PHE A 1 5  ? -4.090  1.411   14.053  1.00 15.54 ? 5   PHE A N   1 
ATOM   34  C  CA  . PHE A 1 5  ? -2.931  1.709   14.848  1.00 15.30 ? 5   PHE A CA  1 
ATOM   35  C  C   . PHE A 1 5  ? -2.689  3.212   14.870  1.00 16.45 ? 5   PHE A C   1 
ATOM   36  O  O   . PHE A 1 5  ? -3.174  3.951   14.017  1.00 19.04 ? 5   PHE A O   1 
ATOM   37  C  CB  . PHE A 1 5  ? -1.682  1.015   14.303  1.00 15.27 ? 5   PHE A CB  1 
ATOM   38  C  CG  . PHE A 1 5  ? -1.742  -0.514  14.430  1.00 15.69 ? 5   PHE A CG  1 
ATOM   39  C  CD1 . PHE A 1 5  ? -1.691  -1.124  15.682  1.00 15.76 ? 5   PHE A CD1 1 
ATOM   40  C  CD2 . PHE A 1 5  ? -1.922  -1.315  13.317  1.00 17.96 ? 5   PHE A CD2 1 
ATOM   41  C  CE1 . PHE A 1 5  ? -1.679  -2.497  15.774  1.00 17.82 ? 5   PHE A CE1 1 
ATOM   42  C  CE2 . PHE A 1 5  ? -1.959  -2.702  13.430  1.00 17.90 ? 5   PHE A CE2 1 
ATOM   43  C  CZ  . PHE A 1 5  ? -1.844  -3.270  14.647  1.00 17.20 ? 5   PHE A CZ  1 
ATOM   44  N  N   . THR A 1 6  ? -1.974  3.701   15.876  1.00 17.06 ? 6   THR A N   1 
ATOM   45  C  CA  . THR A 1 6  ? -1.675  5.129   15.912  1.00 16.82 ? 6   THR A CA  1 
ATOM   46  C  C   . THR A 1 6  ? -0.670  5.452   14.811  1.00 16.96 ? 6   THR A C   1 
ATOM   47  O  O   . THR A 1 6  ? 0.076   4.611   14.293  1.00 16.85 ? 6   THR A O   1 
ATOM   48  C  CB  . THR A 1 6  ? -1.132  5.571   17.269  1.00 16.94 ? 6   THR A CB  1 
ATOM   49  O  OG1 . THR A 1 6  ? 0.198   5.030   17.450  1.00 16.55 ? 6   THR A OG1 1 
ATOM   50  C  CG2 . THR A 1 6  ? -1.971  5.079   18.451  1.00 17.80 ? 6   THR A CG2 1 
ATOM   51  N  N   . LYS A 1 7  ? -0.557  6.767   14.571  1.00 18.94 ? 7   LYS A N   1 
ATOM   52  C  CA  . LYS A 1 7  ? 0.462   7.252   13.651  1.00 17.73 ? 7   LYS A CA  1 
ATOM   53  C  C   . LYS A 1 7  ? 1.854   6.893   14.172  1.00 16.51 ? 7   LYS A C   1 
ATOM   54  O  O   . LYS A 1 7  ? 2.713   6.477   13.373  1.00 17.96 ? 7   LYS A O   1 
ATOM   55  C  CB  . LYS A 1 7  ? 0.279   8.772   13.476  1.00 19.37 ? 7   LYS A CB  1 
ATOM   56  C  CG  . LYS A 1 7  ? -0.932  9.139   12.715  1.00 22.60 ? 7   LYS A CG  1 
ATOM   57  C  CD  . LYS A 1 7  ? -1.186  10.649  12.678  1.00 27.76 ? 7   LYS A CD  1 
ATOM   58  C  CE  . LYS A 1 7  ? -2.402  10.849  11.815  1.00 35.57 ? 7   LYS A CE  1 
ATOM   59  N  NZ  . LYS A 1 7  ? -2.708  12.279  11.668  1.00 38.70 ? 7   LYS A NZ  1 
ATOM   60  N  N   . LYS A 1 8  ? 2.116   7.084   15.481  1.00 17.27 ? 8   LYS A N   1 
ATOM   61  C  CA  . LYS A 1 8  ? 3.410   6.708   16.042  1.00 16.99 ? 8   LYS A CA  1 
ATOM   62  C  C   . LYS A 1 8  ? 3.709   5.217   15.903  1.00 15.78 ? 8   LYS A C   1 
ATOM   63  O  O   . LYS A 1 8  ? 4.833   4.839   15.582  1.00 17.32 ? 8   LYS A O   1 
ATOM   64  C  CB  . LYS A 1 8  ? 3.475   7.111   17.519  1.00 20.89 ? 8   LYS A CB  1 
ATOM   65  C  CG  . LYS A 1 8  ? 4.633   6.601   18.313  1.00 30.86 ? 8   LYS A CG  1 
ATOM   66  C  CD  . LYS A 1 8  ? 5.970   6.984   17.730  1.00 38.07 ? 8   LYS A CD  1 
ATOM   67  C  CE  . LYS A 1 8  ? 6.087   8.423   17.368  1.00 43.58 ? 8   LYS A CE  1 
ATOM   68  N  NZ  . LYS A 1 8  ? 7.506   8.717   17.154  1.00 49.67 ? 8   LYS A NZ  1 
ATOM   69  N  N   . GLN A 1 9  ? 2.717   4.371   16.193  1.00 15.92 ? 9   GLN A N   1 
ATOM   70  C  CA  . GLN A 1 9  ? 2.919   2.943   16.016  1.00 16.22 ? 9   GLN A CA  1 
ATOM   71  C  C   . GLN A 1 9  ? 3.288   2.626   14.583  1.00 14.97 ? 9   GLN A C   1 
ATOM   72  O  O   . GLN A 1 9  ? 4.091   1.735   14.340  1.00 15.48 ? 9   GLN A O   1 
ATOM   73  C  CB  . GLN A 1 9  ? 1.656   2.175   16.396  1.00 15.10 ? 9   GLN A CB  1 
ATOM   74  C  CG  . GLN A 1 9  ? 1.471   1.962   17.890  1.00 15.86 ? 9   GLN A CG  1 
ATOM   75  C  CD  . GLN A 1 9  ? 0.123   1.336   18.199  1.00 15.61 ? 9   GLN A CD  1 
ATOM   76  O  OE1 . GLN A 1 9  ? -0.912  1.732   17.670  1.00 16.38 ? 9   GLN A OE1 1 
ATOM   77  N  NE2 . GLN A 1 9  ? 0.129   0.295   19.018  1.00 16.21 ? 9   GLN A NE2 1 
ATOM   78  N  N   . THR A 1 10 ? 2.658   3.283   13.626  1.00 15.55 ? 10  THR A N   1 
ATOM   79  C  CA  . THR A 1 10 ? 2.887   2.982   12.209  1.00 15.33 ? 10  THR A CA  1 
ATOM   80  C  C   . THR A 1 10 ? 4.301   3.447   11.793  1.00 14.92 ? 10  THR A C   1 
ATOM   81  O  O   . THR A 1 10 ? 5.010   2.708   11.141  1.00 16.46 ? 10  THR A O   1 
ATOM   82  C  CB  . THR A 1 10 ? 1.782   3.646   11.392  1.00 16.29 ? 10  THR A CB  1 
ATOM   83  O  OG1 . THR A 1 10 ? 0.489   3.151   11.819  1.00 17.16 ? 10  THR A OG1 1 
ATOM   84  C  CG2 . THR A 1 10 ? 1.919   3.361   9.913   1.00 17.64 ? 10  THR A CG2 1 
ATOM   85  N  N   . GLU A 1 11 ? 4.698   4.631   12.258  1.00 15.67 ? 11  GLU A N   1 
ATOM   86  C  CA  . GLU A 1 11 ? 6.073   5.084   12.037  1.00 16.79 ? 11  GLU A CA  1 
ATOM   87  C  C   . GLU A 1 11 ? 7.056   4.073   12.593  1.00 16.10 ? 11  GLU A C   1 
ATOM   88  O  O   . GLU A 1 11 ? 8.020   3.699   11.922  1.00 17.10 ? 11  GLU A O   1 
ATOM   89  C  CB  . GLU A 1 11 ? 6.314   6.442   12.689  1.00 19.05 ? 11  GLU A CB  1 
ATOM   90  C  CG  . GLU A 1 11 ? 7.773   6.919   12.581  1.00 20.14 ? 11  GLU A CG  1 
ATOM   91  C  CD  . GLU A 1 11 ? 8.174   8.132   13.402  1.00 27.04 ? 11  GLU A CD  1 
ATOM   92  O  OE1 . GLU A 1 11 ? 7.362   8.792   14.075  1.00 26.60 ? 11  GLU A OE1 1 
ATOM   93  O  OE2 . GLU A 1 11 ? 9.409   8.373   13.339  1.00 27.67 ? 11  GLU A OE2 1 
ATOM   94  N  N   . GLU A 1 12 ? 6.847   3.621   13.838  1.00 15.75 ? 12  GLU A N   1 
ATOM   95  C  CA  . GLU A 1 12 ? 7.808   2.715   14.459  1.00 15.96 ? 12  GLU A CA  1 
ATOM   96  C  C   . GLU A 1 12 ? 7.854   1.375   13.730  1.00 16.20 ? 12  GLU A C   1 
ATOM   97  O  O   . GLU A 1 12 ? 8.936   0.793   13.599  1.00 16.46 ? 12  GLU A O   1 
ATOM   98  C  CB  . GLU A 1 12 ? 7.506   2.556   15.953  1.00 18.48 ? 12  GLU A CB  1 
ATOM   99  C  CG  . GLU A 1 12 ? 7.844   3.810   16.757  1.00 22.76 ? 12  GLU A CG  1 
ATOM   100 C  CD  . GLU A 1 12 ? 9.266   4.303   16.651  1.00 33.36 ? 12  GLU A CD  1 
ATOM   101 O  OE1 . GLU A 1 12 ? 10.172  3.523   16.284  1.00 33.47 ? 12  GLU A OE1 1 
ATOM   102 O  OE2 . GLU A 1 12 ? 9.419   5.503   16.972  1.00 35.95 ? 12  GLU A OE2 1 
ATOM   103 N  N   . LEU A 1 13 ? 6.720   0.851   13.241  1.00 14.97 ? 13  LEU A N   1 
ATOM   104 C  CA  . LEU A 1 13 ? 6.756   -0.367  12.426  1.00 15.83 ? 13  LEU A CA  1 
ATOM   105 C  C   . LEU A 1 13 ? 7.662   -0.187  11.206  1.00 16.00 ? 13  LEU A C   1 
ATOM   106 O  O   . LEU A 1 13 ? 8.478   -1.088  10.884  1.00 15.48 ? 13  LEU A O   1 
ATOM   107 C  CB  . LEU A 1 13 ? 5.333   -0.658  11.939  1.00 16.71 ? 13  LEU A CB  1 
ATOM   108 C  CG  . LEU A 1 13 ? 5.210   -1.880  11.017  1.00 18.04 ? 13  LEU A CG  1 
ATOM   109 C  CD1 . LEU A 1 13 ? 5.640   -3.131  11.721  1.00 18.27 ? 13  LEU A CD1 1 
ATOM   110 C  CD2 . LEU A 1 13 ? 3.826   -1.950  10.418  1.00 19.93 ? 13  LEU A CD2 1 
ATOM   111 N  N   . LEU A 1 14 ? 7.585   1.005   10.593  1.00 15.22 ? 14  LEU A N   1 
ATOM   112 C  CA  . LEU A 1 14 ? 8.357   1.282   9.380   1.00 16.27 ? 14  LEU A CA  1 
ATOM   113 C  C   . LEU A 1 14 ? 9.791   1.716   9.676   1.00 16.59 ? 14  LEU A C   1 
ATOM   114 O  O   . LEU A 1 14 ? 10.564  1.934   8.731   1.00 17.52 ? 14  LEU A O   1 
ATOM   115 C  CB  . LEU A 1 14 ? 7.551   2.209   8.471   1.00 15.50 ? 14  LEU A CB  1 
ATOM   116 C  CG  . LEU A 1 14 ? 6.224   1.618   7.950   1.00 16.99 ? 14  LEU A CG  1 
ATOM   117 C  CD1 . LEU A 1 14 ? 5.409   2.656   7.228   1.00 18.61 ? 14  LEU A CD1 1 
ATOM   118 C  CD2 . LEU A 1 14 ? 6.447   0.397   7.080   1.00 18.37 ? 14  LEU A CD2 1 
ATOM   119 N  N   . ASN A 1 15 ? 10.146  1.746   10.955  1.00 15.44 ? 15  ASN A N   1 
ATOM   120 C  CA  . ASN A 1 15 ? 11.530  1.859   11.399  1.00 15.98 ? 15  ASN A CA  1 
ATOM   121 C  C   . ASN A 1 15 ? 12.107  0.472   11.661  1.00 17.90 ? 15  ASN A C   1 
ATOM   122 O  O   . ASN A 1 15 ? 13.278  0.346   12.006  1.00 20.99 ? 15  ASN A O   1 
ATOM   123 C  CB  . ASN A 1 15 ? 11.638  2.734   12.632  1.00 18.37 ? 15  ASN A CB  1 
ATOM   124 C  CG  . ASN A 1 15 ? 11.322  4.181   12.344  1.00 19.52 ? 15  ASN A CG  1 
ATOM   125 O  OD1 . ASN A 1 15 ? 11.260  4.655   11.205  1.00 19.80 ? 15  ASN A OD1 1 
ATOM   126 N  ND2 . ASN A 1 15 ? 10.973  4.916   13.400  1.00 23.21 ? 15  ASN A ND2 1 
ATOM   127 N  N   . ASP A 1 16 ? 11.292  -0.592  11.606  1.00 17.04 ? 16  ASP A N   1 
ATOM   128 C  CA  . ASP A 1 16 ? 11.666  -1.959  11.947  1.00 17.03 ? 16  ASP A CA  1 
ATOM   129 C  C   . ASP A 1 16 ? 11.680  -2.867  10.699  1.00 18.35 ? 16  ASP A C   1 
ATOM   130 O  O   . ASP A 1 16 ? 12.685  -3.523  10.396  1.00 22.26 ? 16  ASP A O   1 
ATOM   131 C  CB  . ASP A 1 16 ? 10.674  -2.522  12.972  1.00 19.32 ? 16  ASP A CB  1 
ATOM   132 C  CG  . ASP A 1 16 ? 10.640  -1.913  14.380  1.00 33.33 ? 16  ASP A CG  1 
ATOM   133 O  OD1 . ASP A 1 16 ? 9.627   -2.123  15.174  1.00 36.79 ? 16  ASP A OD1 1 
ATOM   134 O  OD2 . ASP A 1 16 ? 11.652  -1.291  14.728  1.00 42.55 ? 16  ASP A OD2 1 
ATOM   135 N  N   . ILE A 1 17 ? 10.635  -2.835  9.868   1.00 15.54 ? 17  ILE A N   1 
ATOM   136 C  CA  . ILE A 1 17 ? 10.593  -3.599  8.630   1.00 16.23 ? 17  ILE A CA  1 
ATOM   137 C  C   . ILE A 1 17 ? 11.748  -3.163  7.728   1.00 15.59 ? 17  ILE A C   1 
ATOM   138 O  O   . ILE A 1 17 ? 12.108  -1.975  7.659   1.00 15.65 ? 17  ILE A O   1 
ATOM   139 C  CB  . ILE A 1 17 ? 9.240   -3.347  7.900   1.00 15.97 ? 17  ILE A CB  1 
ATOM   140 C  CG1 . ILE A 1 17 ? 8.060   -3.804  8.778   1.00 18.03 ? 17  ILE A CG1 1 
ATOM   141 C  CG2 . ILE A 1 17 ? 9.178   -3.976  6.496   1.00 17.28 ? 17  ILE A CG2 1 
ATOM   142 C  CD1 . ILE A 1 17 ? 6.717   -3.718  8.107   1.00 19.24 ? 17  ILE A CD1 1 
ATOM   143 N  N   . SER A 1 18 ? 12.366  -4.149  7.064   1.00 15.06 ? 18  SER A N   1 
ATOM   144 C  CA  . SER A 1 18 ? 13.536  -3.870  6.261   1.00 14.52 ? 18  SER A CA  1 
ATOM   145 C  C   . SER A 1 18 ? 13.217  -2.912  5.117   1.00 15.40 ? 18  SER A C   1 
ATOM   146 O  O   . SER A 1 18 ? 12.098  -2.805  4.622   1.00 16.27 ? 18  SER A O   1 
ATOM   147 C  CB  . SER A 1 18 ? 14.146  -5.139  5.724   1.00 16.13 ? 18  SER A CB  1 
ATOM   148 O  OG  . SER A 1 18 ? 13.366  -5.649  4.659   1.00 17.31 ? 18  SER A OG  1 
ATOM   149 N  N   . ILE A 1 19 ? 14.230  -2.169  4.692   1.00 15.26 ? 19  ILE A N   1 
ATOM   150 C  CA  . ILE A 1 19 ? 14.109  -1.260  3.561   1.00 15.01 ? 19  ILE A CA  1 
ATOM   151 C  C   . ILE A 1 19 ? 13.719  -2.073  2.341   1.00 15.94 ? 19  ILE A C   1 
ATOM   152 O  O   . ILE A 1 19 ? 12.827  -1.641  1.595   1.00 16.06 ? 19  ILE A O   1 
ATOM   153 C  CB  . ILE A 1 19 ? 15.414  -0.469  3.339   1.00 14.54 ? 19  ILE A CB  1 
ATOM   154 C  CG1 . ILE A 1 19 ? 15.728  0.444   4.501   1.00 15.94 ? 19  ILE A CG1 1 
ATOM   155 C  CG2 . ILE A 1 19 ? 15.301  0.290   2.024   1.00 16.50 ? 19  ILE A CG2 1 
ATOM   156 C  CD1 . ILE A 1 19 ? 17.051  1.148   4.395   1.00 15.36 ? 19  ILE A CD1 1 
ATOM   157 N  N   . GLU A 1 20 ? 14.302  -3.254  2.106   1.00 16.53 ? 20  GLU A N   1 
ATOM   158 C  CA  . GLU A 1 20 ? 13.906  -3.974  0.914   1.00 18.16 ? 20  GLU A CA  1 
ATOM   159 C  C   . GLU A 1 20 ? 12.441  -4.414  0.916   1.00 17.11 ? 20  GLU A C   1 
ATOM   160 O  O   . GLU A 1 20 ? 11.780  -4.375  -0.129  1.00 18.03 ? 20  GLU A O   1 
ATOM   161 C  CB  . GLU A 1 20 ? 14.798  -5.205  0.705   1.00 19.57 ? 20  GLU A CB  1 
ATOM   162 C  CG  . GLU A 1 20 ? 16.230  -4.871  0.296   1.00 21.43 ? 20  GLU A CG  1 
ATOM   163 C  CD  . GLU A 1 20 ? 16.516  -4.362  -1.092  1.00 27.74 ? 20  GLU A CD  1 
ATOM   164 O  OE1 . GLU A 1 20 ? 15.648  -3.906  -1.803  1.00 31.09 ? 20  GLU A OE1 1 
ATOM   165 O  OE2 . GLU A 1 20 ? 17.704  -4.462  -1.499  1.00 32.17 ? 20  GLU A OE2 1 
ATOM   166 N  N   . LYS A 1 21 ? 11.913  -4.862  2.041   1.00 16.45 ? 21  LYS A N   1 
ATOM   167 C  CA  . LYS A 1 21 ? 10.495  -5.211  2.117   1.00 16.25 ? 21  LYS A CA  1 
ATOM   168 C  C   . LYS A 1 21 ? 9.602   -3.999  1.971   1.00 16.60 ? 21  LYS A C   1 
ATOM   169 O  O   . LYS A 1 21 ? 8.540   -4.063  1.334   1.00 17.13 ? 21  LYS A O   1 
ATOM   170 C  CB  . LYS A 1 21 ? 10.150  -5.932  3.416   1.00 18.65 ? 21  LYS A CB  1 
ATOM   171 C  CG  . LYS A 1 21 ? 10.723  -7.354  3.346   1.00 22.25 ? 21  LYS A CG  1 
ATOM   172 C  CD  . LYS A 1 21 ? 10.543  -8.133  4.626   1.00 33.47 ? 21  LYS A CD  1 
ATOM   173 C  CE  . LYS A 1 21 ? 10.588  -9.593  4.317   1.00 41.96 ? 21  LYS A CE  1 
ATOM   174 N  NZ  . LYS A 1 21 ? 10.564  -10.302 5.600   1.00 48.99 ? 21  LYS A NZ  1 
ATOM   175 N  N   . GLN A 1 22 ? 9.990   -2.891  2.551   1.00 15.72 ? 22  GLN A N   1 
ATOM   176 C  CA  . GLN A 1 22 ? 9.243   -1.651  2.355   1.00 16.31 ? 22  GLN A CA  1 
ATOM   177 C  C   . GLN A 1 22 ? 9.197   -1.292  0.883   1.00 17.26 ? 22  GLN A C   1 
ATOM   178 O  O   . GLN A 1 22 ? 8.164   -0.779  0.403   1.00 16.77 ? 22  GLN A O   1 
ATOM   179 C  CB  . GLN A 1 22 ? 9.846   -0.474  3.153   1.00 16.35 ? 22  GLN A CB  1 
ATOM   180 C  CG  . GLN A 1 22 ? 9.608   -0.602  4.634   1.00 18.09 ? 22  GLN A CG  1 
ATOM   181 C  CD  . GLN A 1 22 ? 10.068  0.591   5.421   1.00 17.46 ? 22  GLN A CD  1 
ATOM   182 O  OE1 . GLN A 1 22 ? 9.759   1.747   5.114   1.00 16.28 ? 22  GLN A OE1 1 
ATOM   183 N  NE2 . GLN A 1 22 ? 10.712  0.301   6.515   1.00 20.86 ? 22  GLN A NE2 1 
ATOM   184 N  N   . LYS A 1 23 ? 10.330  -1.388  0.184   1.00 16.97 ? 23  LYS A N   1 
ATOM   185 C  CA  . LYS A 1 23 ? 10.369  -1.028  -1.216  1.00 18.09 ? 23  LYS A CA  1 
ATOM   186 C  C   . LYS A 1 23 ? 9.454   -1.956  -2.005  1.00 18.00 ? 23  LYS A C   1 
ATOM   187 O  O   . LYS A 1 23 ? 8.781   -1.516  -2.954  1.00 17.93 ? 23  LYS A O   1 
ATOM   188 C  CB  . LYS A 1 23 ? 11.806  -1.098  -1.726  1.00 18.74 ? 23  LYS A CB  1 
ATOM   189 C  CG  . LYS A 1 23 ? 12.038  -0.472  -3.107  1.00 24.05 ? 23  LYS A CG  1 
ATOM   190 C  CD  . LYS A 1 23 ? 13.510  -0.252  -3.446  1.00 28.95 ? 23  LYS A CD  1 
ATOM   191 C  CE  . LYS A 1 23 ? 14.229  -1.558  -3.502  1.00 35.26 ? 23  LYS A CE  1 
ATOM   192 N  NZ  . LYS A 1 23 ? 15.654  -1.346  -3.256  1.00 42.24 ? 23  LYS A NZ  1 
ATOM   193 N  N   . GLU A 1 24 ? 9.444   -3.251  -1.681  1.00 17.53 ? 24  GLU A N   1 
ATOM   194 C  CA  . GLU A 1 24 ? 8.564   -4.233  -2.309  1.00 17.69 ? 24  GLU A CA  1 
ATOM   195 C  C   . GLU A 1 24 ? 7.121   -3.758  -2.189  1.00 17.81 ? 24  GLU A C   1 
ATOM   196 O  O   . GLU A 1 24 ? 6.362   -3.689  -3.179  1.00 18.51 ? 24  GLU A O   1 
ATOM   197 C  CB  . GLU A 1 24 ? 8.740   -5.607  -1.676  1.00 21.45 ? 24  GLU A CB  1 
ATOM   198 C  CG  . GLU A 1 24 ? 7.767   -6.653  -2.213  1.00 23.99 ? 24  GLU A CG  1 
ATOM   199 C  CD  . GLU A 1 24 ? 7.807   -7.915  -1.386  1.00 32.97 ? 24  GLU A CD  1 
ATOM   200 O  OE1 . GLU A 1 24 ? 8.934   -8.402  -1.231  1.00 42.53 ? 24  GLU A OE1 1 
ATOM   201 O  OE2 . GLU A 1 24 ? 6.769   -8.386  -0.871  1.00 38.46 ? 24  GLU A OE2 1 
ATOM   202 N  N   . LEU A 1 25 ? 6.714   -3.383  -0.977  1.00 16.51 ? 25  LEU A N   1 
ATOM   203 C  CA  . LEU A 1 25 ? 5.334   -2.963  -0.732  1.00 16.93 ? 25  LEU A CA  1 
ATOM   204 C  C   . LEU A 1 25 ? 5.062   -1.639  -1.417  1.00 17.26 ? 25  LEU A C   1 
ATOM   205 O  O   . LEU A 1 25 ? 3.987   -1.461  -2.034  1.00 17.27 ? 25  LEU A O   1 
ATOM   206 C  CB  . LEU A 1 25 ? 5.070   -2.891  0.762   1.00 17.11 ? 25  LEU A CB  1 
ATOM   207 C  CG  . LEU A 1 25 ? 3.645   -2.466  1.143   1.00 17.18 ? 25  LEU A CG  1 
ATOM   208 C  CD1 . LEU A 1 25 ? 2.538   -3.360  0.547   1.00 16.77 ? 25  LEU A CD1 1 
ATOM   209 C  CD2 . LEU A 1 25 ? 3.520   -2.446  2.674   1.00 18.06 ? 25  LEU A CD2 1 
ATOM   210 N  N   . PHE A 1 26 ? 5.993   -0.686  -1.368  1.00 16.61 ? 26  PHE A N   1 
ATOM   211 C  CA  . PHE A 1 26 ? 5.850   0.561   -2.098  1.00 16.30 ? 26  PHE A CA  1 
ATOM   212 C  C   . PHE A 1 26 ? 5.573   0.280   -3.568  1.00 16.98 ? 26  PHE A C   1 
ATOM   213 O  O   . PHE A 1 26 ? 4.690   0.929   -4.148  1.00 17.26 ? 26  PHE A O   1 
ATOM   214 C  CB  . PHE A 1 26 ? 7.116   1.400   -1.942  1.00 16.64 ? 26  PHE A CB  1 
ATOM   215 C  CG  . PHE A 1 26 ? 7.215   2.540   -2.924  1.00 16.59 ? 26  PHE A CG  1 
ATOM   216 C  CD1 . PHE A 1 26 ? 6.436   3.659   -2.737  1.00 16.65 ? 26  PHE A CD1 1 
ATOM   217 C  CD2 . PHE A 1 26 ? 7.993   2.439   -4.073  1.00 17.44 ? 26  PHE A CD2 1 
ATOM   218 C  CE1 . PHE A 1 26 ? 6.429   4.683   -3.670  1.00 18.94 ? 26  PHE A CE1 1 
ATOM   219 C  CE2 . PHE A 1 26 ? 8.024   3.485   -4.993  1.00 18.28 ? 26  PHE A CE2 1 
ATOM   220 C  CZ  . PHE A 1 26 ? 7.250   4.602   -4.776  1.00 19.71 ? 26  PHE A CZ  1 
ATOM   221 N  N   . ASN A 1 27 ? 6.335   -0.607  -4.188  1.00 16.76 ? 27  ASN A N   1 
ATOM   222 C  CA  . ASN A 1 27 ? 6.168   -0.830  -5.634  1.00 17.31 ? 27  ASN A CA  1 
ATOM   223 C  C   . ASN A 1 27 ? 4.806   -1.447  -5.920  1.00 17.12 ? 27  ASN A C   1 
ATOM   224 O  O   . ASN A 1 27 ? 4.164   -1.010  -6.886  1.00 17.96 ? 27  ASN A O   1 
ATOM   225 C  CB  . ASN A 1 27 ? 7.301   -1.714  -6.159  1.00 17.89 ? 27  ASN A CB  1 
ATOM   226 C  CG  . ASN A 1 27 ? 8.575   -0.929  -6.300  1.00 21.75 ? 27  ASN A CG  1 
ATOM   227 O  OD1 . ASN A 1 27 ? 8.588   0.219   -6.751  1.00 28.30 ? 27  ASN A OD1 1 
ATOM   228 N  ND2 . ASN A 1 27 ? 9.672   -1.620  -6.060  1.00 29.15 ? 27  ASN A ND2 1 
ATOM   229 N  N   A SER A 1 28 ? 4.394   -2.427  -5.107  0.43 17.18 ? 28  SER A N   1 
ATOM   230 N  N   B SER A 1 28 ? 4.304   -2.361  -5.100  0.57 16.79 ? 28  SER A N   1 
ATOM   231 C  CA  A SER A 1 28 ? 3.075   -3.051  -5.172  0.43 17.52 ? 28  SER A CA  1 
ATOM   232 C  CA  B SER A 1 28 ? 3.021   -2.998  -5.405  0.57 17.69 ? 28  SER A CA  1 
ATOM   233 C  C   A SER A 1 28 ? 2.030   -1.931  -5.195  0.43 17.08 ? 28  SER A C   1 
ATOM   234 C  C   B SER A 1 28 ? 1.875   -2.026  -5.123  0.57 18.37 ? 28  SER A C   1 
ATOM   235 O  O   A SER A 1 28 ? 1.227   -1.753  -6.126  0.43 16.49 ? 28  SER A O   1 
ATOM   236 O  O   B SER A 1 28 ? 0.801   -2.088  -5.761  0.57 15.79 ? 28  SER A O   1 
ATOM   237 C  CB  A SER A 1 28 ? 2.835   -4.008  -3.975  0.43 18.50 ? 28  SER A CB  1 
ATOM   238 C  CB  B SER A 1 28 ? 2.778   -4.263  -4.656  0.57 18.62 ? 28  SER A CB  1 
ATOM   239 O  OG  A SER A 1 28 ? 1.790   -4.911  -4.336  0.43 26.33 ? 28  SER A OG  1 
ATOM   240 O  OG  B SER A 1 28 ? 3.782   -5.246  -4.819  0.57 24.36 ? 28  SER A OG  1 
ATOM   241 N  N   . MET A 1 29 ? 2.035   -1.152  -4.119  1.00 16.55 ? 29  MET A N   1 
ATOM   242 C  CA  . MET A 1 29 ? 1.069   -0.092  -3.908  1.00 17.39 ? 29  MET A CA  1 
ATOM   243 C  C   . MET A 1 29 ? 1.116   0.886   -5.076  1.00 18.28 ? 29  MET A C   1 
ATOM   244 O  O   . MET A 1 29 ? 0.050   1.322   -5.563  1.00 18.80 ? 29  MET A O   1 
ATOM   245 C  CB  . MET A 1 29 ? 1.279   0.656   -2.590  1.00 16.86 ? 29  MET A CB  1 
ATOM   246 C  CG  . MET A 1 29 ? 0.922   -0.148  -1.392  1.00 16.65 ? 29  MET A CG  1 
ATOM   247 S  SD  . MET A 1 29 ? 1.025   0.950   0.051   1.00 20.49 ? 29  MET A SD  1 
ATOM   248 C  CE  . MET A 1 29 ? 0.424   -0.063  1.378   1.00 19.21 ? 29  MET A CE  1 
ATOM   249 N  N   . HIS A 1 30 ? 2.296   1.291   -5.522  1.00 16.87 ? 30  HIS A N   1 
ATOM   250 C  CA  . HIS A 1 30 ? 2.429   2.262   -6.594  1.00 16.66 ? 30  HIS A CA  1 
ATOM   251 C  C   . HIS A 1 30 ? 1.738   1.737   -7.845  1.00 17.49 ? 30  HIS A C   1 
ATOM   252 O  O   . HIS A 1 30 ? 1.007   2.526   -8.487  1.00 20.26 ? 30  HIS A O   1 
ATOM   253 C  CB  . HIS A 1 30 ? 3.909   2.603   -6.876  1.00 18.73 ? 30  HIS A CB  1 
ATOM   254 C  CG  . HIS A 1 30 ? 4.168   3.637   -7.913  1.00 23.09 ? 30  HIS A CG  1 
ATOM   255 N  ND1 . HIS A 1 30 ? 4.443   4.970   -7.700  1.00 35.21 ? 30  HIS A ND1 1 
ATOM   256 C  CD2 . HIS A 1 30 ? 4.159   3.448   -9.247  1.00 30.32 ? 30  HIS A CD2 1 
ATOM   257 C  CE1 . HIS A 1 30 ? 4.614   5.562   -8.877  1.00 25.97 ? 30  HIS A CE1 1 
ATOM   258 N  NE2 . HIS A 1 30 ? 4.448   4.662   -9.812  1.00 33.65 ? 30  HIS A NE2 1 
ATOM   259 N  N   . ASP A 1 31 ? 1.950   0.470   -8.178  1.00 19.03 ? 31  ASP A N   1 
ATOM   260 C  CA  . ASP A 1 31 ? 1.398   -0.086  -9.422  1.00 19.98 ? 31  ASP A CA  1 
ATOM   261 C  C   . ASP A 1 31 ? -0.119  -0.088  -9.302  1.00 20.29 ? 31  ASP A C   1 
ATOM   262 O  O   . ASP A 1 31 ? -0.851  0.244   -10.259 1.00 21.17 ? 31  ASP A O   1 
ATOM   263 C  CB  . ASP A 1 31 ? 1.920   -1.499  -9.659  1.00 22.47 ? 31  ASP A CB  1 
ATOM   264 C  CG  . ASP A 1 31 ? 3.386   -1.582  -10.048 1.00 26.40 ? 31  ASP A CG  1 
ATOM   265 O  OD1 . ASP A 1 31 ? 3.987   -0.531  -10.366 1.00 28.69 ? 31  ASP A OD1 1 
ATOM   266 O  OD2 . ASP A 1 31 ? 3.893   -2.725  -9.916  1.00 32.22 ? 31  ASP A OD2 1 
ATOM   267 N  N   . PHE A 1 32 ? -0.665  -0.462  -8.150  1.00 19.03 ? 32  PHE A N   1 
ATOM   268 C  CA  . PHE A 1 32 ? -2.110  -0.475  -7.954  1.00 17.63 ? 32  PHE A CA  1 
ATOM   269 C  C   . PHE A 1 32 ? -2.664  0.944   -8.063  1.00 20.56 ? 32  PHE A C   1 
ATOM   270 O  O   . PHE A 1 32 ? -3.685  1.220   -8.731  1.00 20.54 ? 32  PHE A O   1 
ATOM   271 C  CB  . PHE A 1 32 ? -2.474  -1.090  -6.594  1.00 18.91 ? 32  PHE A CB  1 
ATOM   272 C  CG  . PHE A 1 32 ? -3.896  -0.742  -6.198  1.00 23.25 ? 32  PHE A CG  1 
ATOM   273 C  CD1 . PHE A 1 32 ? -4.955  -1.356  -6.824  1.00 27.12 ? 32  PHE A CD1 1 
ATOM   274 C  CD2 . PHE A 1 32 ? -4.120  0.156   -5.156  1.00 28.78 ? 32  PHE A CD2 1 
ATOM   275 C  CE1 . PHE A 1 32 ? -6.261  -1.027  -6.444  1.00 30.49 ? 32  PHE A CE1 1 
ATOM   276 C  CE2 . PHE A 1 32 ? -5.425  0.430   -4.753  1.00 32.30 ? 32  PHE A CE2 1 
ATOM   277 C  CZ  . PHE A 1 32 ? -6.471  -0.148  -5.411  1.00 30.42 ? 32  PHE A CZ  1 
ATOM   278 N  N   . ARG A 1 33 ? -2.056  1.876   -7.343  1.00 18.02 ? 33  ARG A N   1 
ATOM   279 C  CA  . ARG A 1 33 ? -2.577  3.240   -7.289  1.00 19.69 ? 33  ARG A CA  1 
ATOM   280 C  C   . ARG A 1 33 ? -2.567  3.893   -8.676  1.00 20.23 ? 33  ARG A C   1 
ATOM   281 O  O   . ARG A 1 33 ? -3.503  4.612   -9.033  1.00 19.42 ? 33  ARG A O   1 
ATOM   282 C  CB  . ARG A 1 33 ? -1.834  4.107   -6.272  1.00 17.82 ? 33  ARG A CB  1 
ATOM   283 C  CG  . ARG A 1 33 ? -2.079  3.640   -4.853  1.00 17.84 ? 33  ARG A CG  1 
ATOM   284 C  CD  . ARG A 1 33 ? -1.188  4.368   -3.812  1.00 17.86 ? 33  ARG A CD  1 
ATOM   285 N  NE  . ARG A 1 33 ? -1.704  5.681   -3.448  1.00 19.26 ? 33  ARG A NE  1 
ATOM   286 C  CZ  . ARG A 1 33 ? -2.478  5.965   -2.393  1.00 19.32 ? 33  ARG A CZ  1 
ATOM   287 N  NH1 . ARG A 1 33 ? -2.907  5.042   -1.582  1.00 19.93 ? 33  ARG A NH1 1 
ATOM   288 N  NH2 . ARG A 1 33 ? -2.840  7.213   -2.228  1.00 20.75 ? 33  ARG A NH2 1 
ATOM   289 N  N   . SER A 1 34 ? -1.537  3.614   -9.457  1.00 19.74 ? 34  SER A N   1 
ATOM   290 C  CA  . SER A 1 34 ? -1.428  4.158   -10.815 1.00 20.11 ? 34  SER A CA  1 
ATOM   291 C  C   . SER A 1 34 ? -2.583  3.647   -11.675 1.00 20.30 ? 34  SER A C   1 
ATOM   292 O  O   . SER A 1 34 ? -3.168  4.438   -12.457 1.00 21.56 ? 34  SER A O   1 
ATOM   293 C  CB  . SER A 1 34 ? -0.131  3.750   -11.413 1.00 23.94 ? 34  SER A CB  1 
ATOM   294 O  OG  . SER A 1 34 ? -0.060  4.236   -12.744 1.00 32.89 ? 34  SER A OG  1 
ATOM   295 N  N   . GLN A 1 35 ? -2.887  2.359   -11.579 1.00 19.05 ? 35  GLN A N   1 
ATOM   296 C  CA  . GLN A 1 35 ? -3.963  1.757   -12.360 1.00 19.42 ? 35  GLN A CA  1 
ATOM   297 C  C   . GLN A 1 35 ? -5.283  2.304   -11.859 1.00 18.74 ? 35  GLN A C   1 
ATOM   298 O  O   . GLN A 1 35 ? -6.164  2.661   -12.661 1.00 20.27 ? 35  GLN A O   1 
ATOM   299 C  CB  . GLN A 1 35 ? -3.894  0.228   -12.362 1.00 19.77 ? 35  GLN A CB  1 
ATOM   300 C  CG  . GLN A 1 35 ? -4.794  -0.463  -13.390 1.00 21.05 ? 35  GLN A CG  1 
ATOM   301 C  CD  . GLN A 1 35 ? -4.394  -0.119  -14.809 1.00 23.32 ? 35  GLN A CD  1 
ATOM   302 O  OE1 . GLN A 1 35 ? -3.227  0.135   -15.119 1.00 25.76 ? 35  GLN A OE1 1 
ATOM   303 N  NE2 . GLN A 1 35 ? -5.396  -0.008  -15.658 1.00 25.84 ? 35  GLN A NE2 1 
ATOM   304 N  N   . HIS A 1 36 ? -5.475  2.401   -10.543 1.00 18.50 ? 36  HIS A N   1 
ATOM   305 C  CA  . HIS A 1 36 ? -6.661  3.030   -9.984  1.00 18.82 ? 36  HIS A CA  1 
ATOM   306 C  C   . HIS A 1 36 ? -6.848  4.439   -10.566 1.00 19.58 ? 36  HIS A C   1 
ATOM   307 O  O   . HIS A 1 36 ? -7.972  4.811   -10.942 1.00 19.97 ? 36  HIS A O   1 
ATOM   308 C  CB  . HIS A 1 36 ? -6.599  3.070   -8.429  1.00 19.00 ? 36  HIS A CB  1 
ATOM   309 C  CG  . HIS A 1 36 ? -7.823  3.648   -7.858  1.00 21.94 ? 36  HIS A CG  1 
ATOM   310 N  ND1 . HIS A 1 36 ? -7.844  5.023   -7.724  1.00 26.24 ? 36  HIS A ND1 1 
ATOM   311 C  CD2 . HIS A 1 36 ? -8.960  3.177   -7.409  1.00 26.82 ? 36  HIS A CD2 1 
ATOM   312 C  CE1 . HIS A 1 36 ? -9.000  5.364   -7.223  1.00 25.91 ? 36  HIS A CE1 1 
ATOM   313 N  NE2 . HIS A 1 36 ? -9.715  4.286   -7.026  1.00 22.89 ? 36  HIS A NE2 1 
ATOM   314 N  N   . ALA A 1 37 ? -5.787  5.241   -10.711 1.00 19.02 ? 37  ALA A N   1 
ATOM   315 C  CA  . ALA A 1 37 ? -5.907  6.604   -11.225 1.00 19.96 ? 37  ALA A CA  1 
ATOM   316 C  C   . ALA A 1 37 ? -6.421  6.582   -12.670 1.00 21.03 ? 37  ALA A C   1 
ATOM   317 O  O   . ALA A 1 37 ? -7.247  7.391   -13.061 1.00 20.48 ? 37  ALA A O   1 
ATOM   318 C  CB  . ALA A 1 37 ? -4.593  7.298   -11.216 1.00 22.13 ? 37  ALA A CB  1 
ATOM   319 N  N   . LYS A 1 38 ? -5.998  5.593   -13.442 1.00 18.46 ? 38  LYS A N   1 
ATOM   320 C  CA  . LYS A 1 38 ? -6.396  5.501   -14.846 1.00 20.33 ? 38  LYS A CA  1 
ATOM   321 C  C   . LYS A 1 38 ? -7.866  5.132   -14.955 1.00 21.74 ? 38  LYS A C   1 
ATOM   322 O  O   . LYS A 1 38 ? -8.538  5.572   -15.891 1.00 24.67 ? 38  LYS A O   1 
ATOM   323 C  CB  . LYS A 1 38 ? -5.575  4.466   -15.619 1.00 22.67 ? 38  LYS A CB  1 
ATOM   324 C  CG  . LYS A 1 38 ? -4.126  4.841   -15.804 1.00 26.59 ? 38  LYS A CG  1 
ATOM   325 C  CD  . LYS A 1 38 ? -3.258  3.788   -16.465 1.00 33.12 ? 38  LYS A CD  1 
ATOM   326 C  CE  . LYS A 1 38 ? -2.065  4.422   -17.120 1.00 40.29 ? 38  LYS A CE  1 
ATOM   327 N  NZ  . LYS A 1 38 ? -0.920  3.522   -17.017 1.00 47.10 ? 38  LYS A NZ  1 
ATOM   328 N  N   . GLU A 1 39 ? -8.443  4.431   -13.995 1.00 18.90 ? 39  GLU A N   1 
ATOM   329 C  CA  . GLU A 1 39 ? -9.778  3.904   -14.075 1.00 19.30 ? 39  GLU A CA  1 
ATOM   330 C  C   . GLU A 1 39 ? -10.729 4.613   -13.113 1.00 18.57 ? 39  GLU A C   1 
ATOM   331 O  O   . GLU A 1 39 ? -11.870 4.253   -13.047 1.00 18.16 ? 39  GLU A O   1 
ATOM   332 C  CB  . GLU A 1 39 ? -9.834  2.400   -13.846 1.00 19.44 ? 39  GLU A CB  1 
ATOM   333 C  CG  . GLU A 1 39 ? -8.944  1.651   -14.838 1.00 20.75 ? 39  GLU A CG  1 
ATOM   334 C  CD  . GLU A 1 39 ? -9.110  0.155   -14.851 1.00 20.67 ? 39  GLU A CD  1 
ATOM   335 O  OE1 . GLU A 1 39 ? -10.195 -0.389  -14.620 1.00 23.10 ? 39  GLU A OE1 1 
ATOM   336 O  OE2 . GLU A 1 39 ? -8.051  -0.497  -15.094 1.00 23.57 ? 39  GLU A OE2 1 
ATOM   337 N  N   . ALA A 1 40 ? -10.271 5.609   -12.342 1.00 19.19 ? 40  ALA A N   1 
ATOM   338 C  CA  . ALA A 1 40 ? -11.055 6.158   -11.234 1.00 18.47 ? 40  ALA A CA  1 
ATOM   339 C  C   . ALA A 1 40 ? -12.348 6.823   -11.691 1.00 20.17 ? 40  ALA A C   1 
ATOM   340 O  O   . ALA A 1 40 ? -13.340 6.831   -10.961 1.00 19.42 ? 40  ALA A O   1 
ATOM   341 C  CB  . ALA A 1 40 ? -10.238 7.141   -10.448 1.00 18.65 ? 40  ALA A CB  1 
ATOM   342 N  N   . ARG A 1 41 ? -12.285 7.450   -12.876 1.00 20.24 ? 41  ARG A N   1 
ATOM   343 C  CA  . ARG A 1 41 ? -13.365 8.349   -13.281 1.00 19.98 ? 41  ARG A CA  1 
ATOM   344 C  C   . ARG A 1 41 ? -14.144 7.738   -14.433 1.00 20.66 ? 41  ARG A C   1 
ATOM   345 O  O   . ARG A 1 41 ? -14.999 8.474   -14.995 1.00 22.39 ? 41  ARG A O   1 
ATOM   346 C  CB  . ARG A 1 41 ? -12.816 9.696   -13.712 1.00 20.30 ? 41  ARG A CB  1 
ATOM   347 C  CG  . ARG A 1 41 ? -12.084 10.337  -12.560 1.00 20.99 ? 41  ARG A CG  1 
ATOM   348 C  CD  . ARG A 1 41 ? -11.595 11.698  -12.803 1.00 19.73 ? 41  ARG A CD  1 
ATOM   349 N  NE  . ARG A 1 41 ? -11.126 12.292  -11.558 1.00 21.44 ? 41  ARG A NE  1 
ATOM   350 C  CZ  . ARG A 1 41 ? -10.249 13.244  -11.495 1.00 21.91 ? 41  ARG A CZ  1 
ATOM   351 N  NH1 . ARG A 1 41 ? -9.665  13.720  -12.606 1.00 23.68 ? 41  ARG A NH1 1 
ATOM   352 N  NH2 . ARG A 1 41 ? -9.948  13.702  -10.316 1.00 22.81 ? 41  ARG A NH2 1 
ATOM   353 N  N   . ILE A 1 42 ? -13.887 6.492   -14.771 1.00 19.28 ? 42  ILE A N   1 
ATOM   354 C  CA  . ILE A 1 42 ? -14.525 5.845   -15.913 1.00 21.98 ? 42  ILE A CA  1 
ATOM   355 C  C   . ILE A 1 42 ? -15.154 4.536   -15.492 1.00 21.88 ? 42  ILE A C   1 
ATOM   356 O  O   . ILE A 1 42 ? -14.883 3.993   -14.411 1.00 23.03 ? 42  ILE A O   1 
ATOM   357 C  CB  . ILE A 1 42 ? -13.532 5.682   -17.056 1.00 21.21 ? 42  ILE A CB  1 
ATOM   358 C  CG1 . ILE A 1 42 ? -12.395 4.715   -16.634 1.00 22.97 ? 42  ILE A CG1 1 
ATOM   359 C  CG2 . ILE A 1 42 ? -13.053 7.059   -17.541 1.00 23.90 ? 42  ILE A CG2 1 
ATOM   360 C  CD1 . ILE A 1 42 ? -11.463 4.343   -17.772 1.00 27.07 ? 42  ILE A CD1 1 
ATOM   361 N  N   . PRO A 1 43 ? -16.098 3.980   -16.294 1.00 20.69 ? 43  PRO A N   1 
ATOM   362 C  CA  . PRO A 1 43 ? -16.750 2.742   -15.923 1.00 19.62 ? 43  PRO A CA  1 
ATOM   363 C  C   . PRO A 1 43 ? -15.836 1.529   -15.796 1.00 21.85 ? 43  PRO A C   1 
ATOM   364 O  O   . PRO A 1 43 ? -14.867 1.378   -16.549 1.00 24.90 ? 43  PRO A O   1 
ATOM   365 C  CB  . PRO A 1 43 ? -17.795 2.559   -17.079 1.00 21.85 ? 43  PRO A CB  1 
ATOM   366 C  CG  . PRO A 1 43 ? -17.999 3.952   -17.593 1.00 22.90 ? 43  PRO A CG  1 
ATOM   367 C  CD  . PRO A 1 43 ? -16.632 4.583   -17.543 1.00 21.68 ? 43  PRO A CD  1 
ATOM   368 N  N   . GLY A 1 44 ? -16.202 0.687   -14.839 1.00 20.55 ? 44  GLY A N   1 
ATOM   369 C  CA  . GLY A 1 44 ? -15.634 -0.636  -14.698 1.00 22.59 ? 44  GLY A CA  1 
ATOM   370 C  C   . GLY A 1 44 ? -14.314 -0.643  -13.934 1.00 20.25 ? 44  GLY A C   1 
ATOM   371 O  O   . GLY A 1 44 ? -13.670 0.399   -13.800 1.00 21.54 ? 44  GLY A O   1 
ATOM   372 N  N   . TRP A 1 45 ? -13.916 -1.881  -13.598 1.00 22.99 ? 45  TRP A N   1 
ATOM   373 C  CA  . TRP A 1 45 ? -12.573 -2.137  -13.088 1.00 21.52 ? 45  TRP A CA  1 
ATOM   374 C  C   . TRP A 1 45 ? -11.991 -3.299  -13.883 1.00 22.57 ? 45  TRP A C   1 
ATOM   375 O  O   . TRP A 1 45 ? -12.573 -4.378  -13.837 1.00 26.68 ? 45  TRP A O   1 
ATOM   376 C  CB  . TRP A 1 45 ? -12.647 -2.472  -11.601 1.00 22.22 ? 45  TRP A CB  1 
ATOM   377 C  CG  . TRP A 1 45 ? -13.249 -1.378  -10.743 1.00 20.89 ? 45  TRP A CG  1 
ATOM   378 C  CD1 . TRP A 1 45 ? -14.471 -1.377  -10.142 1.00 24.51 ? 45  TRP A CD1 1 
ATOM   379 C  CD2 . TRP A 1 45 ? -12.678 -0.078  -10.434 1.00 20.78 ? 45  TRP A CD2 1 
ATOM   380 N  NE1 . TRP A 1 45 ? -14.693 -0.209  -9.448  1.00 24.52 ? 45  TRP A NE1 1 
ATOM   381 C  CE2 . TRP A 1 45 ? -13.613 0.612   -9.622  1.00 19.72 ? 45  TRP A CE2 1 
ATOM   382 C  CE3 . TRP A 1 45 ? -11.487 0.554   -10.767 1.00 21.77 ? 45  TRP A CE3 1 
ATOM   383 C  CZ2 . TRP A 1 45 ? -13.344 1.898   -9.114  1.00 20.08 ? 45  TRP A CZ2 1 
ATOM   384 C  CZ3 . TRP A 1 45 ? -11.232 1.833   -10.290 1.00 21.19 ? 45  TRP A CZ3 1 
ATOM   385 C  CH2 . TRP A 1 45 ? -12.153 2.489   -9.479  1.00 20.97 ? 45  TRP A CH2 1 
ATOM   386 N  N   . SER A 1 46 ? -10.874 -3.050  -14.551 1.00 22.33 ? 46  SER A N   1 
ATOM   387 C  CA  . SER A 1 46 ? -10.322 -3.991  -15.521 1.00 23.09 ? 46  SER A CA  1 
ATOM   388 C  C   . SER A 1 46 ? -9.754  -5.220  -14.809 1.00 26.28 ? 46  SER A C   1 
ATOM   389 O  O   . SER A 1 46 ? -9.452  -5.240  -13.611 1.00 24.29 ? 46  SER A O   1 
ATOM   390 C  CB  . SER A 1 46 ? -9.288  -3.357  -16.347 1.00 24.55 ? 46  SER A CB  1 
ATOM   391 O  OG  . SER A 1 46 ? -8.113  -3.074  -15.608 1.00 23.98 ? 46  SER A OG  1 
ATOM   392 N  N   . ASP A 1 47 ? -9.574  -6.300  -15.569 1.00 25.59 ? 47  ASP A N   1 
ATOM   393 C  CA  . ASP A 1 47 ? -8.857  -7.443  -15.035 1.00 25.98 ? 47  ASP A CA  1 
ATOM   394 C  C   . ASP A 1 47 ? -7.448  -7.052  -14.575 1.00 24.25 ? 47  ASP A C   1 
ATOM   395 O  O   . ASP A 1 47 ? -6.977  -7.573  -13.567 1.00 25.23 ? 47  ASP A O   1 
ATOM   396 C  CB  . ASP A 1 47 ? -8.690  -8.510  -16.108 1.00 30.30 ? 47  ASP A CB  1 
ATOM   397 C  CG  . ASP A 1 47 ? -9.977  -9.150  -16.577 1.00 36.49 ? 47  ASP A CG  1 
ATOM   398 O  OD1 . ASP A 1 47 ? -10.965 -9.127  -15.810 1.00 36.26 ? 47  ASP A OD1 1 
ATOM   399 O  OD2 . ASP A 1 47 ? -9.946  -9.665  -17.729 1.00 40.06 ? 47  ASP A OD2 1 
ATOM   400 N  N   . LYS A 1 48 ? -6.763  -6.169  -15.277 1.00 23.86 ? 48  LYS A N   1 
ATOM   401 C  CA  . LYS A 1 48 ? -5.424  -5.733  -14.867 1.00 22.97 ? 48  LYS A CA  1 
ATOM   402 C  C   . LYS A 1 48 ? -5.510  -5.047  -13.494 1.00 22.83 ? 48  LYS A C   1 
ATOM   403 O  O   . LYS A 1 48 ? -4.705  -5.291  -12.591 1.00 24.21 ? 48  LYS A O   1 
ATOM   404 C  CB  . LYS A 1 48 ? -4.856  -4.738  -15.864 1.00 27.81 ? 48  LYS A CB  1 
ATOM   405 C  CG  . LYS A 1 48 ? -3.467  -4.272  -15.546 1.00 30.23 ? 48  LYS A CG  1 
ATOM   406 C  CD  . LYS A 1 48 ? -2.898  -3.285  -16.543 1.00 35.28 ? 48  LYS A CD  1 
ATOM   407 C  CE  . LYS A 1 48 ? -1.464  -2.991  -16.289 1.00 39.54 ? 48  LYS A CE  1 
ATOM   408 N  NZ  . LYS A 1 48 ? -1.044  -2.040  -17.308 1.00 41.68 ? 48  LYS A NZ  1 
ATOM   409 N  N   . TYR A 1 49 ? -6.488  -4.170  -13.332 1.00 21.74 ? 49  TYR A N   1 
ATOM   410 C  CA  . TYR A 1 49 ? -6.693  -3.472  -12.061 1.00 20.68 ? 49  TYR A CA  1 
ATOM   411 C  C   . TYR A 1 49 ? -6.894  -4.502  -10.965 1.00 20.93 ? 49  TYR A C   1 
ATOM   412 O  O   . TYR A 1 49 ? -6.292  -4.384  -9.876  1.00 21.08 ? 49  TYR A O   1 
ATOM   413 C  CB  . TYR A 1 49 ? -7.915  -2.564  -12.182 1.00 20.77 ? 49  TYR A CB  1 
ATOM   414 C  CG  . TYR A 1 49 ? -8.388  -1.978  -10.854 1.00 20.98 ? 49  TYR A CG  1 
ATOM   415 C  CD1 . TYR A 1 49 ? -9.282  -2.631  -10.037 1.00 21.66 ? 49  TYR A CD1 1 
ATOM   416 C  CD2 . TYR A 1 49 ? -7.914  -0.740  -10.474 1.00 24.57 ? 49  TYR A CD2 1 
ATOM   417 C  CE1 . TYR A 1 49 ? -9.737  -2.054  -8.867  1.00 24.03 ? 49  TYR A CE1 1 
ATOM   418 C  CE2 . TYR A 1 49 ? -8.363  -0.147  -9.311  1.00 28.63 ? 49  TYR A CE2 1 
ATOM   419 C  CZ  . TYR A 1 49 ? -9.243  -0.824  -8.500  1.00 27.04 ? 49  TYR A CZ  1 
ATOM   420 O  OH  . TYR A 1 49 ? -9.674  -0.238  -7.341  1.00 32.63 ? 49  TYR A OH  1 
ATOM   421 N  N   . ASN A 1 50 ? -7.796  -5.477  -11.145 1.00 22.30 ? 50  ASN A N   1 
ATOM   422 C  CA  . ASN A 1 50 ? -8.082  -6.457  -10.123 1.00 22.27 ? 50  ASN A CA  1 
ATOM   423 C  C   . ASN A 1 50 ? -6.830  -7.269  -9.766  1.00 22.47 ? 50  ASN A C   1 
ATOM   424 O  O   . ASN A 1 50 ? -6.625  -7.568  -8.588  1.00 23.87 ? 50  ASN A O   1 
ATOM   425 C  CB  . ASN A 1 50 ? -9.239  -7.385  -10.509 1.00 24.90 ? 50  ASN A CB  1 
ATOM   426 C  CG  . ASN A 1 50 ? -10.547 -6.642  -10.654 1.00 27.21 ? 50  ASN A CG  1 
ATOM   427 O  OD1 . ASN A 1 50 ? -10.868 -5.773  -9.844  1.00 32.04 ? 50  ASN A OD1 1 
ATOM   428 N  ND2 . ASN A 1 50 ? -11.372 -7.049  -11.616 1.00 34.94 ? 50  ASN A ND2 1 
ATOM   429 N  N   . LYS A 1 51 ? -6.001  -7.594  -10.765 1.00 21.27 ? 51  LYS A N   1 
ATOM   430 C  CA  . LYS A 1 51 ? -4.780  -8.360  -10.552 1.00 25.60 ? 51  LYS A CA  1 
ATOM   431 C  C   . LYS A 1 51 ? -3.829  -7.559  -9.664  1.00 25.53 ? 51  LYS A C   1 
ATOM   432 O  O   . LYS A 1 51 ? -3.305  -8.107  -8.692  1.00 23.68 ? 51  LYS A O   1 
ATOM   433 C  CB  . LYS A 1 51 ? -4.098  -8.744  -11.863 1.00 30.05 ? 51  LYS A CB  1 
ATOM   434 C  CG  . LYS A 1 51 ? -4.698  -9.896  -12.634 1.00 43.84 ? 51  LYS A CG  1 
ATOM   435 C  CD  . LYS A 1 51 ? -3.714  -10.581 -13.587 1.00 48.01 ? 51  LYS A CD  1 
ATOM   436 C  CE  . LYS A 1 51 ? -4.342  -11.735 -14.336 1.00 55.87 ? 51  LYS A CE  1 
ATOM   437 N  NZ  . LYS A 1 51 ? -5.536  -11.358 -15.109 1.00 57.11 ? 51  LYS A NZ  1 
ATOM   438 N  N   . LEU A 1 52 ? -3.659  -6.280  -9.988  1.00 21.11 ? 52  LEU A N   1 
ATOM   439 C  CA  . LEU A 1 52 ? -2.763  -5.414  -9.237  1.00 21.09 ? 52  LEU A CA  1 
ATOM   440 C  C   . LEU A 1 52 ? -3.302  -5.212  -7.823  1.00 21.30 ? 52  LEU A C   1 
ATOM   441 O  O   . LEU A 1 52 ? -2.501  -5.097  -6.881  1.00 20.87 ? 52  LEU A O   1 
ATOM   442 C  CB  . LEU A 1 52 ? -2.593  -4.081  -9.937  1.00 21.98 ? 52  LEU A CB  1 
ATOM   443 C  CG  . LEU A 1 52 ? -1.845  -4.107  -11.273 1.00 23.25 ? 52  LEU A CG  1 
ATOM   444 C  CD1 . LEU A 1 52 ? -1.870  -2.780  -11.988 1.00 22.29 ? 52  LEU A CD1 1 
ATOM   445 C  CD2 . LEU A 1 52 ? -0.403  -4.561  -11.034 1.00 25.84 ? 52  LEU A CD2 1 
ATOM   446 N  N   . GLU A 1 53 ? -4.605  -5.050  -7.666  1.00 19.81 ? 53  GLU A N   1 
ATOM   447 C  CA  . GLU A 1 53 ? -5.195  -4.901  -6.344  1.00 21.01 ? 53  GLU A CA  1 
ATOM   448 C  C   . GLU A 1 53 ? -4.875  -6.116  -5.474  1.00 22.71 ? 53  GLU A C   1 
ATOM   449 O  O   . GLU A 1 53 ? -4.482  -5.998  -4.302  1.00 21.02 ? 53  GLU A O   1 
ATOM   450 C  CB  . GLU A 1 53 ? -6.698  -4.634  -6.349  1.00 22.30 ? 53  GLU A CB  1 
ATOM   451 C  CG  . GLU A 1 53 ? -7.206  -4.135  -5.003  1.00 25.06 ? 53  GLU A CG  1 
ATOM   452 C  CD  . GLU A 1 53 ? -8.607  -3.590  -5.018  1.00 34.03 ? 53  GLU A CD  1 
ATOM   453 O  OE1 . GLU A 1 53 ? -9.345  -3.925  -5.953  1.00 37.72 ? 53  GLU A OE1 1 
ATOM   454 O  OE2 . GLU A 1 53 ? -8.944  -2.798  -4.115  1.00 36.72 ? 53  GLU A OE2 1 
ATOM   455 N  N   . LYS A 1 54 ? -5.096  -7.314  -6.022  1.00 23.42 ? 54  LYS A N   1 
ATOM   456 C  CA  . LYS A 1 54 ? -4.913  -8.564  -5.292  1.00 24.62 ? 54  LYS A CA  1 
ATOM   457 C  C   . LYS A 1 54 ? -3.450  -8.706  -4.892  1.00 24.10 ? 54  LYS A C   1 
ATOM   458 O  O   . LYS A 1 54 ? -3.170  -9.077  -3.742  1.00 23.96 ? 54  LYS A O   1 
ATOM   459 C  CB  . LYS A 1 54 ? -5.440  -9.706  -6.186  1.00 29.20 ? 54  LYS A CB  1 
ATOM   460 C  CG  . LYS A 1 54 ? -5.353  -11.099 -5.618  1.00 38.09 ? 54  LYS A CG  1 
ATOM   461 C  CD  . LYS A 1 54 ? -6.103  -12.060 -6.538  1.00 46.34 ? 54  LYS A CD  1 
ATOM   462 C  CE  . LYS A 1 54 ? -5.927  -13.507 -6.177  1.00 51.29 ? 54  LYS A CE  1 
ATOM   463 N  NZ  . LYS A 1 54 ? -7.002  -14.274 -6.812  1.00 54.53 ? 54  LYS A NZ  1 
ATOM   464 N  N   . LYS A 1 55 ? -2.528  -8.333  -5.767  1.00 21.79 ? 55  LYS A N   1 
ATOM   465 C  CA  . LYS A 1 55 ? -1.098  -8.373  -5.468  1.00 22.72 ? 55  LYS A CA  1 
ATOM   466 C  C   . LYS A 1 55 ? -0.765  -7.424  -4.314  1.00 23.02 ? 55  LYS A C   1 
ATOM   467 O  O   . LYS A 1 55 ? 0.037   -7.743  -3.430  1.00 23.99 ? 55  LYS A O   1 
ATOM   468 C  CB  . LYS A 1 55 ? -0.232  -8.126  -6.706  1.00 25.25 ? 55  LYS A CB  1 
ATOM   469 C  CG  . LYS A 1 55 ? 1.238   -7.989  -6.390  1.00 32.62 ? 55  LYS A CG  1 
ATOM   470 C  CD  . LYS A 1 55 ? 2.223   -8.444  -7.459  1.00 44.37 ? 55  LYS A CD  1 
ATOM   471 C  CE  . LYS A 1 55 ? 3.624   -8.504  -6.893  1.00 52.20 ? 55  LYS A CE  1 
ATOM   472 N  NZ  . LYS A 1 55 ? 3.720   -9.417  -5.750  1.00 57.63 ? 55  LYS A NZ  1 
ATOM   473 N  N   . MET A 1 56 ? -1.261  -6.204  -4.396  1.00 21.22 ? 56  MET A N   1 
ATOM   474 C  CA  . MET A 1 56 ? -1.039  -5.229  -3.344  1.00 19.78 ? 56  MET A CA  1 
ATOM   475 C  C   . MET A 1 56 ? -1.534  -5.769  -2.000  1.00 21.46 ? 56  MET A C   1 
ATOM   476 O  O   . MET A 1 56 ? -0.836  -5.638  -0.968  1.00 20.21 ? 56  MET A O   1 
ATOM   477 C  CB  . MET A 1 56 ? -1.702  -3.916  -3.736  1.00 19.96 ? 56  MET A CB  1 
ATOM   478 C  CG  . MET A 1 56 ? -1.401  -2.827  -2.761  1.00 22.17 ? 56  MET A CG  1 
ATOM   479 S  SD  . MET A 1 56 ? -2.553  -2.861  -1.392  1.00 27.08 ? 56  MET A SD  1 
ATOM   480 C  CE  . MET A 1 56 ? -4.058  -2.265  -2.218  1.00 28.89 ? 56  MET A CE  1 
ATOM   481 N  N   . LEU A 1 57 ? -2.730  -6.326  -1.944  1.00 20.26 ? 57  LEU A N   1 
ATOM   482 C  CA  . LEU A 1 57 ? -3.307  -6.774  -0.688  1.00 21.37 ? 57  LEU A CA  1 
ATOM   483 C  C   . LEU A 1 57 ? -2.438  -7.893  -0.096  1.00 24.77 ? 57  LEU A C   1 
ATOM   484 O  O   . LEU A 1 57 ? -2.167  -7.916  1.113   1.00 22.85 ? 57  LEU A O   1 
ATOM   485 C  CB  . LEU A 1 57 ? -4.767  -7.219  -0.872  1.00 25.85 ? 57  LEU A CB  1 
ATOM   486 C  CG  . LEU A 1 57 ? -5.781  -6.209  -0.336  1.00 31.38 ? 57  LEU A CG  1 
ATOM   487 C  CD1 . LEU A 1 57 ? -5.867  -4.980  -1.220  1.00 35.11 ? 57  LEU A CD1 1 
ATOM   488 C  CD2 . LEU A 1 57 ? -7.145  -6.877  -0.154  1.00 34.20 ? 57  LEU A CD2 1 
ATOM   489 N  N   . SER A 1 58 ? -2.052  -8.827  -0.946  1.00 22.16 ? 58  SER A N   1 
ATOM   490 C  CA  . SER A 1 58 ? -1.224  -9.960  -0.566  1.00 23.86 ? 58  SER A CA  1 
ATOM   491 C  C   . SER A 1 58 ? 0.129   -9.469  -0.050  1.00 22.33 ? 58  SER A C   1 
ATOM   492 O  O   . SER A 1 58 ? 0.564   -9.892  1.025   1.00 23.49 ? 58  SER A O   1 
ATOM   493 C  CB  . SER A 1 58 ? -1.076  -10.905 -1.731  1.00 30.44 ? 58  SER A CB  1 
ATOM   494 O  OG  . SER A 1 58 ? -0.199  -11.971 -1.380  1.00 38.27 ? 58  SER A OG  1 
ATOM   495 N  N   . ASP A 1 59 ? 0.781   -8.517  -0.730  1.00 19.96 ? 59  ASP A N   1 
ATOM   496 C  CA  . ASP A 1 59 ? 2.069   -8.016  -0.280  1.00 19.14 ? 59  ASP A CA  1 
ATOM   497 C  C   . ASP A 1 59 ? 1.919   -7.221  1.025   1.00 18.36 ? 59  ASP A C   1 
ATOM   498 O  O   . ASP A 1 59 ? 2.781   -7.272  1.912   1.00 18.74 ? 59  ASP A O   1 
ATOM   499 C  CB  . ASP A 1 59 ? 2.751   -7.113  -1.315  1.00 21.35 ? 59  ASP A CB  1 
ATOM   500 C  CG  . ASP A 1 59 ? 3.496   -7.792  -2.451  1.00 31.41 ? 59  ASP A CG  1 
ATOM   501 O  OD1 . ASP A 1 59 ? 3.557   -9.048  -2.430  1.00 33.69 ? 59  ASP A OD1 1 
ATOM   502 O  OD2 . ASP A 1 59 ? 4.058   -7.054  -3.304  1.00 35.99 ? 59  ASP A OD2 1 
ATOM   503 N  N   . PHE A 1 60 ? 0.812   -6.482  1.143   1.00 17.40 ? 60  PHE A N   1 
ATOM   504 C  CA  . PHE A 1 60 ? 0.556   -5.747  2.369   1.00 18.33 ? 60  PHE A CA  1 
ATOM   505 C  C   . PHE A 1 60 ? 0.553   -6.701  3.551   1.00 20.24 ? 60  PHE A C   1 
ATOM   506 O  O   . PHE A 1 60 ? 1.177   -6.418  4.588   1.00 19.54 ? 60  PHE A O   1 
ATOM   507 C  CB  . PHE A 1 60 ? -0.756  -5.004  2.285   1.00 17.29 ? 60  PHE A CB  1 
ATOM   508 C  CG  . PHE A 1 60 ? -1.100  -4.156  3.483   1.00 17.79 ? 60  PHE A CG  1 
ATOM   509 C  CD1 . PHE A 1 60 ? -1.794  -4.687  4.576   1.00 18.38 ? 60  PHE A CD1 1 
ATOM   510 C  CD2 . PHE A 1 60 ? -0.700  -2.832  3.553   1.00 18.30 ? 60  PHE A CD2 1 
ATOM   511 C  CE1 . PHE A 1 60 ? -2.087  -3.900  5.695   1.00 19.01 ? 60  PHE A CE1 1 
ATOM   512 C  CE2 . PHE A 1 60 ? -1.020  -2.042  4.660   1.00 18.71 ? 60  PHE A CE2 1 
ATOM   513 C  CZ  . PHE A 1 60 ? -1.720  -2.576  5.723   1.00 19.68 ? 60  PHE A CZ  1 
ATOM   514 N  N   . GLU A 1 61 ? -0.199  -7.786  3.411   1.00 19.89 ? 61  GLU A N   1 
ATOM   515 C  CA  . GLU A 1 61 ? -0.352  -8.733  4.517   1.00 22.95 ? 61  GLU A CA  1 
ATOM   516 C  C   . GLU A 1 61 ? 0.955   -9.482  4.754   1.00 21.85 ? 61  GLU A C   1 
ATOM   517 O  O   . GLU A 1 61 ? 1.334   -9.657  5.925   1.00 22.30 ? 61  GLU A O   1 
ATOM   518 C  CB  . GLU A 1 61 ? -1.613  -9.584  4.284   1.00 23.29 ? 61  GLU A CB  1 
ATOM   519 C  CG  . GLU A 1 61 ? -2.899  -8.762  4.378   1.00 24.11 ? 61  GLU A CG  1 
ATOM   520 C  CD  . GLU A 1 61 ? -4.210  -9.510  4.112   1.00 24.22 ? 61  GLU A CD  1 
ATOM   521 O  OE1 . GLU A 1 61 ? -4.039  -10.595 3.476   1.00 30.41 ? 61  GLU A OE1 1 
ATOM   522 O  OE2 . GLU A 1 61 ? -5.294  -8.999  4.463   1.00 26.85 ? 61  GLU A OE2 1 
ATOM   523 N  N   . GLU A 1 62 ? 1.709   -9.839  3.721   1.00 21.04 ? 62  GLU A N   1 
ATOM   524 C  CA  . GLU A 1 62 ? 2.967   -10.561 3.853   1.00 23.20 ? 62  GLU A CA  1 
ATOM   525 C  C   . GLU A 1 62 ? 4.006   -9.682  4.546   1.00 22.53 ? 62  GLU A C   1 
ATOM   526 O  O   . GLU A 1 62 ? 4.748   -10.106 5.457   1.00 24.38 ? 62  GLU A O   1 
ATOM   527 C  CB  . GLU A 1 62 ? 3.496   -11.050 2.511   1.00 26.96 ? 62  GLU A CB  1 
ATOM   528 C  CG  . GLU A 1 62 ? 2.586   -12.117 1.932   1.00 35.84 ? 62  GLU A CG  1 
ATOM   529 C  CD  . GLU A 1 62 ? 3.065   -12.656 0.599   1.00 46.55 ? 62  GLU A CD  1 
ATOM   530 O  OE1 . GLU A 1 62 ? 2.468   -13.672 0.169   1.00 54.95 ? 62  GLU A OE1 1 
ATOM   531 O  OE2 . GLU A 1 62 ? 4.026   -12.086 0.013   1.00 54.83 ? 62  GLU A OE2 1 
ATOM   532 N  N   . VAL A 1 63 ? 4.129   -8.429  4.105   1.00 19.77 ? 63  VAL A N   1 
ATOM   533 C  CA  . VAL A 1 63 ? 5.176   -7.567  4.600   1.00 17.98 ? 63  VAL A CA  1 
ATOM   534 C  C   . VAL A 1 63 ? 4.842   -7.060  6.000   1.00 19.36 ? 63  VAL A C   1 
ATOM   535 O  O   . VAL A 1 63 ? 5.768   -6.982  6.813   1.00 22.16 ? 63  VAL A O   1 
ATOM   536 C  CB  . VAL A 1 63 ? 5.394   -6.405  3.618   1.00 18.30 ? 63  VAL A CB  1 
ATOM   537 C  CG1 . VAL A 1 63 ? 6.216   -5.291  4.213   1.00 19.03 ? 63  VAL A CG1 1 
ATOM   538 C  CG2 . VAL A 1 63 ? 6.037   -6.862  2.318   1.00 20.94 ? 63  VAL A CG2 1 
ATOM   539 N  N   . THR A 1 64 ? 3.602   -6.651  6.260   1.00 19.19 ? 64  THR A N   1 
ATOM   540 C  CA  . THR A 1 64 ? 3.274   -6.024  7.542   1.00 19.16 ? 64  THR A CA  1 
ATOM   541 C  C   . THR A 1 64 ? 2.716   -7.007  8.564   1.00 20.48 ? 64  THR A C   1 
ATOM   542 O  O   . THR A 1 64 ? 2.792   -6.688  9.756   1.00 22.25 ? 64  THR A O   1 
ATOM   543 C  CB  . THR A 1 64 ? 2.294   -4.876  7.402   1.00 18.94 ? 64  THR A CB  1 
ATOM   544 O  OG1 . THR A 1 64 ? 0.988   -5.349  7.076   1.00 19.00 ? 64  THR A OG1 1 
ATOM   545 C  CG2 . THR A 1 64 ? 2.724   -3.838  6.374   1.00 19.13 ? 64  THR A CG2 1 
ATOM   546 N  N   . GLY A 1 65 ? 2.060   -8.063  8.135   1.00 20.12 ? 65  GLY A N   1 
ATOM   547 C  CA  . GLY A 1 65 ? 1.322   -8.939  9.041   1.00 21.81 ? 65  GLY A CA  1 
ATOM   548 C  C   . GLY A 1 65 ? -0.047  -8.401  9.452   1.00 22.58 ? 65  GLY A C   1 
ATOM   549 O  O   . GLY A 1 65 ? -0.786  -9.097  10.178  1.00 22.23 ? 65  GLY A O   1 
ATOM   550 N  N   . ILE A 1 66 ? -0.435  -7.217  8.953   1.00 19.06 ? 66  ILE A N   1 
ATOM   551 C  CA  . ILE A 1 66 ? -1.663  -6.548  9.313   1.00 18.10 ? 66  ILE A CA  1 
ATOM   552 C  C   . ILE A 1 66 ? -2.770  -6.914  8.336   1.00 19.89 ? 66  ILE A C   1 
ATOM   553 O  O   . ILE A 1 66 ? -2.566  -6.912  7.123   1.00 19.52 ? 66  ILE A O   1 
ATOM   554 C  CB  . ILE A 1 66 ? -1.452  -5.021  9.355   1.00 19.60 ? 66  ILE A CB  1 
ATOM   555 C  CG1 . ILE A 1 66 ? -0.297  -4.680  10.317  1.00 18.82 ? 66  ILE A CG1 1 
ATOM   556 C  CG2 . ILE A 1 66 ? -2.755  -4.313  9.736   1.00 19.94 ? 66  ILE A CG2 1 
ATOM   557 C  CD1 . ILE A 1 66 ? 0.084   -3.203  10.259  1.00 20.14 ? 66  ILE A CD1 1 
ATOM   558 N  N   . LYS A 1 67 ? -3.945  -7.259  8.850   1.00 19.48 ? 67  LYS A N   1 
ATOM   559 C  CA  . LYS A 1 67 ? -5.116  -7.475  8.009   1.00 23.10 ? 67  LYS A CA  1 
ATOM   560 C  C   . LYS A 1 67 ? -5.339  -6.217  7.176   1.00 21.66 ? 67  LYS A C   1 
ATOM   561 O  O   . LYS A 1 67 ? -5.340  -5.096  7.673   1.00 20.74 ? 67  LYS A O   1 
ATOM   562 C  CB  . LYS A 1 67 ? -6.328  -7.768  8.920   1.00 26.55 ? 67  LYS A CB  1 
ATOM   563 C  CG  . LYS A 1 67 ? -7.514  -8.508  8.338   1.00 32.52 ? 67  LYS A CG  1 
ATOM   564 C  CD  . LYS A 1 67 ? -8.581  -8.810  9.403   1.00 30.01 ? 67  LYS A CD  1 
ATOM   565 C  CE  . LYS A 1 67 ? -8.225  -9.640  10.614  1.00 27.96 ? 67  LYS A CE  1 
ATOM   566 N  NZ  . LYS A 1 67 ? -9.387  -10.212 11.363  1.00 28.08 ? 67  LYS A NZ  1 
ATOM   567 N  N   . TYR A 1 68 ? -5.523  -6.353  5.857   1.00 22.80 ? 68  TYR A N   1 
ATOM   568 C  CA  . TYR A 1 68 ? -5.629  -5.159  5.033   1.00 20.15 ? 68  TYR A CA  1 
ATOM   569 C  C   . TYR A 1 68 ? -6.814  -4.289  5.394   1.00 24.09 ? 68  TYR A C   1 
ATOM   570 O  O   . TYR A 1 68 ? -7.904  -4.833  5.595   1.00 23.68 ? 68  TYR A O   1 
ATOM   571 C  CB  . TYR A 1 68 ? -5.756  -5.552  3.546   1.00 20.31 ? 68  TYR A CB  1 
ATOM   572 C  CG  . TYR A 1 68 ? -5.899  -4.340  2.636   1.00 19.88 ? 68  TYR A CG  1 
ATOM   573 C  CD1 . TYR A 1 68 ? -4.807  -3.556  2.275   1.00 21.57 ? 68  TYR A CD1 1 
ATOM   574 C  CD2 . TYR A 1 68 ? -7.145  -3.875  2.248   1.00 22.75 ? 68  TYR A CD2 1 
ATOM   575 C  CE1 . TYR A 1 68 ? -4.932  -2.413  1.509   1.00 22.03 ? 68  TYR A CE1 1 
ATOM   576 C  CE2 . TYR A 1 68 ? -7.273  -2.774  1.432   1.00 22.27 ? 68  TYR A CE2 1 
ATOM   577 C  CZ  . TYR A 1 68 ? -6.172  -2.024  1.073   1.00 23.37 ? 68  TYR A CZ  1 
ATOM   578 O  OH  . TYR A 1 68 ? -6.367  -0.936  0.264   1.00 28.41 ? 68  TYR A OH  1 
ATOM   579 N  N   . ASP A 1 69 ? -6.665  -2.955  5.545   1.00 20.92 ? 69  ASP A N   1 
ATOM   580 C  CA  . ASP A 1 69 ? -7.765  -2.016  5.502   1.00 26.14 ? 69  ASP A CA  1 
ATOM   581 C  C   . ASP A 1 69 ? -7.239  -0.756  4.843   1.00 23.69 ? 69  ASP A C   1 
ATOM   582 O  O   . ASP A 1 69 ? -6.008  -0.476  4.822   1.00 22.23 ? 69  ASP A O   1 
ATOM   583 C  CB  . ASP A 1 69 ? -8.529  -1.692  6.793   1.00 29.31 ? 69  ASP A CB  1 
ATOM   584 C  CG  . ASP A 1 69 ? -7.876  -0.741  7.796   1.00 28.49 ? 69  ASP A CG  1 
ATOM   585 O  OD1 . ASP A 1 69 ? -7.493  0.356   7.419   1.00 25.04 ? 69  ASP A OD1 1 
ATOM   586 O  OD2 . ASP A 1 69 ? -7.847  -1.071  8.978   1.00 38.74 ? 69  ASP A OD2 1 
ATOM   587 N  N   . THR A 1 70 ? -8.183  -0.027  4.291   1.00 23.74 ? 70  THR A N   1 
ATOM   588 C  CA  . THR A 1 70 ? -7.900  1.061   3.388   1.00 23.39 ? 70  THR A CA  1 
ATOM   589 C  C   . THR A 1 70 ? -7.194  2.194   4.127   1.00 24.23 ? 70  THR A C   1 
ATOM   590 O  O   . THR A 1 70 ? -6.299  2.802   3.545   1.00 24.40 ? 70  THR A O   1 
ATOM   591 C  CB  . THR A 1 70 ? -9.202  1.532   2.736   1.00 31.88 ? 70  THR A CB  1 
ATOM   592 O  OG1 . THR A 1 70 ? -9.705  0.329   2.150   1.00 39.87 ? 70  THR A OG1 1 
ATOM   593 C  CG2 . THR A 1 70 ? -8.925  2.595   1.707   1.00 37.66 ? 70  THR A CG2 1 
ATOM   594 N  N   . LEU A 1 71 ? -7.539  2.445   5.396   1.00 17.88 ? 71  LEU A N   1 
ATOM   595 C  CA  . LEU A 1 71 ? -7.063  3.622   6.102   1.00 18.61 ? 71  LEU A CA  1 
ATOM   596 C  C   . LEU A 1 71 ? -5.638  3.379   6.594   1.00 18.59 ? 71  LEU A C   1 
ATOM   597 O  O   . LEU A 1 71 ? -4.779  4.249   6.414   1.00 17.03 ? 71  LEU A O   1 
ATOM   598 C  CB  . LEU A 1 71 ? -7.992  3.989   7.266   1.00 19.19 ? 71  LEU A CB  1 
ATOM   599 C  CG  . LEU A 1 71 ? -9.440  4.303   6.858   1.00 23.32 ? 71  LEU A CG  1 
ATOM   600 C  CD1 . LEU A 1 71 ? -10.259 4.464   8.112   1.00 27.17 ? 71  LEU A CD1 1 
ATOM   601 C  CD2 . LEU A 1 71 ? -9.425  5.533   6.015   1.00 29.24 ? 71  LEU A CD2 1 
ATOM   602 N  N   . GLU A 1 72 ? -5.384  2.240   7.222   1.00 17.42 ? 72  GLU A N   1 
ATOM   603 C  CA  . GLU A 1 72 ? -4.015  1.954   7.644   1.00 16.58 ? 72  GLU A CA  1 
ATOM   604 C  C   . GLU A 1 72 ? -3.122  1.826   6.414   1.00 17.41 ? 72  GLU A C   1 
ATOM   605 O  O   . GLU A 1 72 ? -1.963  2.243   6.460   1.00 16.59 ? 72  GLU A O   1 
ATOM   606 C  CB  . GLU A 1 72 ? -4.001  0.675   8.472   1.00 17.00 ? 72  GLU A CB  1 
ATOM   607 C  CG  . GLU A 1 72 ? -2.621  0.391   9.062   1.00 17.76 ? 72  GLU A CG  1 
ATOM   608 C  CD  . GLU A 1 72 ? -2.140  1.333   10.110  1.00 17.07 ? 72  GLU A CD  1 
ATOM   609 O  OE1 . GLU A 1 72 ? -2.832  1.899   10.874  1.00 17.97 ? 72  GLU A OE1 1 
ATOM   610 O  OE2 . GLU A 1 72 ? -0.831  1.408   10.154  1.00 18.20 ? 72  GLU A OE2 1 
ATOM   611 N  N   . SER A 1 73 ? -3.597  1.263   5.287   1.00 17.38 ? 73  SER A N   1 
ATOM   612 C  CA  . SER A 1 73 ? -2.841  1.188   4.053   1.00 16.56 ? 73  SER A CA  1 
ATOM   613 C  C   . SER A 1 73 ? -2.469  2.587   3.565   1.00 15.69 ? 73  SER A C   1 
ATOM   614 O  O   . SER A 1 73 ? -1.355  2.843   3.088   1.00 15.92 ? 73  SER A O   1 
ATOM   615 C  CB  . SER A 1 73 ? -3.578  0.389   3.022   1.00 19.30 ? 73  SER A CB  1 
ATOM   616 O  OG  . SER A 1 73 ? -2.818  0.324   1.814   1.00 23.02 ? 73  SER A OG  1 
ATOM   617 N  N   . GLU A 1 74 ? -3.392  3.524   3.667   1.00 15.67 ? 74  GLU A N   1 
ATOM   618 C  CA  . GLU A 1 74 ? -3.142  4.885   3.227   1.00 16.03 ? 74  GLU A CA  1 
ATOM   619 C  C   . GLU A 1 74 ? -2.007  5.518   4.041   1.00 16.27 ? 74  GLU A C   1 
ATOM   620 O  O   . GLU A 1 74 ? -1.139  6.224   3.514   1.00 16.32 ? 74  GLU A O   1 
ATOM   621 C  CB  . GLU A 1 74 ? -4.388  5.771   3.286   1.00 17.17 ? 74  GLU A CB  1 
ATOM   622 C  CG  . GLU A 1 74 ? -4.211  7.100   2.589   1.00 17.95 ? 74  GLU A CG  1 
ATOM   623 C  CD  . GLU A 1 74 ? -4.150  6.930   1.054   1.00 18.39 ? 74  GLU A CD  1 
ATOM   624 O  OE1 . GLU A 1 74 ? -4.546  5.854   0.525   1.00 24.11 ? 74  GLU A OE1 1 
ATOM   625 O  OE2 . GLU A 1 74 ? -3.719  7.830   0.430   1.00 26.91 ? 74  GLU A OE2 1 
ATOM   626 N  N   . LEU A 1 75 ? -2.102  5.360   5.364   1.00 16.28 ? 75  LEU A N   1 
ATOM   627 C  CA  . LEU A 1 75 ? -1.096  5.901   6.264   1.00 16.30 ? 75  LEU A CA  1 
ATOM   628 C  C   . LEU A 1 75 ? 0.286   5.309   5.942   1.00 15.51 ? 75  LEU A C   1 
ATOM   629 O  O   . LEU A 1 75 ? 1.282   6.038   5.813   1.00 17.19 ? 75  LEU A O   1 
ATOM   630 C  CB  . LEU A 1 75 ? -1.496  5.610   7.700   1.00 19.28 ? 75  LEU A CB  1 
ATOM   631 C  CG  . LEU A 1 75 ? -0.661  6.313   8.750   1.00 21.32 ? 75  LEU A CG  1 
ATOM   632 C  CD1 . LEU A 1 75 ? -0.819  7.818   8.694   1.00 24.42 ? 75  LEU A CD1 1 
ATOM   633 C  CD2 . LEU A 1 75 ? -1.167  5.773   10.089  1.00 20.62 ? 75  LEU A CD2 1 
ATOM   634 N  N   . ILE A 1 76 ? 0.358   4.008   5.668   1.00 15.01 ? 76  ILE A N   1 
ATOM   635 C  CA  . ILE A 1 76 ? 1.588   3.343   5.268   1.00 14.38 ? 76  ILE A CA  1 
ATOM   636 C  C   . ILE A 1 76 ? 2.054   3.860   3.916   1.00 14.54 ? 76  ILE A C   1 
ATOM   637 O  O   . ILE A 1 76 ? 3.240   4.155   3.758   1.00 14.59 ? 76  ILE A O   1 
ATOM   638 C  CB  . ILE A 1 76 ? 1.441   1.819   5.345   1.00 15.46 ? 76  ILE A CB  1 
ATOM   639 C  CG1 . ILE A 1 76 ? 1.367   1.437   6.803   1.00 16.99 ? 76  ILE A CG1 1 
ATOM   640 C  CG2 . ILE A 1 76 ? 2.537   1.092   4.572   1.00 16.47 ? 76  ILE A CG2 1 
ATOM   641 C  CD1 . ILE A 1 76 ? 0.970   0.008   7.126   1.00 20.16 ? 76  ILE A CD1 1 
ATOM   642 N  N   . TRP A 1 77 ? 1.165   3.959   2.921   1.00 15.01 ? 77  TRP A N   1 
ATOM   643 C  CA  . TRP A 1 77 ? 1.513   4.523   1.628   1.00 14.30 ? 77  TRP A CA  1 
ATOM   644 C  C   . TRP A 1 77 ? 2.185   5.898   1.780   1.00 14.52 ? 77  TRP A C   1 
ATOM   645 O  O   . TRP A 1 77 ? 3.180   6.192   1.137   1.00 15.58 ? 77  TRP A O   1 
ATOM   646 C  CB  . TRP A 1 77 ? 0.250   4.678   0.734   1.00 14.89 ? 77  TRP A CB  1 
ATOM   647 C  CG  . TRP A 1 77 ? 0.523   5.550   -0.466  1.00 15.34 ? 77  TRP A CG  1 
ATOM   648 C  CD1 . TRP A 1 77 ? 0.138   6.842   -0.637  1.00 16.03 ? 77  TRP A CD1 1 
ATOM   649 C  CD2 . TRP A 1 77 ? 1.386   5.217   -1.579  1.00 16.11 ? 77  TRP A CD2 1 
ATOM   650 N  NE1 . TRP A 1 77 ? 0.637   7.317   -1.823  1.00 16.85 ? 77  TRP A NE1 1 
ATOM   651 C  CE2 . TRP A 1 77 ? 1.425   6.363   -2.414  1.00 17.92 ? 77  TRP A CE2 1 
ATOM   652 C  CE3 . TRP A 1 77 ? 2.121   4.077   -1.942  1.00 15.85 ? 77  TRP A CE3 1 
ATOM   653 C  CZ2 . TRP A 1 77 ? 2.124   6.391   -3.622  1.00 17.87 ? 77  TRP A CZ2 1 
ATOM   654 C  CZ3 . TRP A 1 77 ? 2.811   4.128   -3.137  1.00 16.66 ? 77  TRP A CZ3 1 
ATOM   655 C  CH2 . TRP A 1 77 ? 2.823   5.259   -3.948  1.00 17.72 ? 77  TRP A CH2 1 
ATOM   656 N  N   . ASP A 1 78 ? 1.578   6.767   2.617   1.00 15.68 ? 78  ASP A N   1 
ATOM   657 C  CA  . ASP A 1 78 ? 2.105   8.119   2.756   1.00 15.85 ? 78  ASP A CA  1 
ATOM   658 C  C   . ASP A 1 78 ? 3.551   8.051   3.252   1.00 16.92 ? 78  ASP A C   1 
ATOM   659 O  O   . ASP A 1 78 ? 4.419   8.743   2.725   1.00 17.78 ? 78  ASP A O   1 
ATOM   660 C  CB  . ASP A 1 78 ? 1.250   8.955   3.666   1.00 17.74 ? 78  ASP A CB  1 
ATOM   661 C  CG  . ASP A 1 78 ? -0.130  9.313   3.132   1.00 21.21 ? 78  ASP A CG  1 
ATOM   662 O  OD1 . ASP A 1 78 ? -0.301  9.256   1.921   1.00 22.05 ? 78  ASP A OD1 1 
ATOM   663 O  OD2 . ASP A 1 78 ? -1.000  9.582   4.004   1.00 24.66 ? 78  ASP A OD2 1 
ATOM   664 N  N   . ASN A 1 79 ? 3.839   7.142   4.182   1.00 15.41 ? 79  ASN A N   1 
ATOM   665 C  CA  . ASN A 1 79 ? 5.183   6.971   4.738   1.00 15.49 ? 79  ASN A CA  1 
ATOM   666 C  C   . ASN A 1 79 ? 6.132   6.424   3.672   1.00 14.99 ? 79  ASN A C   1 
ATOM   667 O  O   . ASN A 1 79 ? 7.238   6.928   3.446   1.00 15.65 ? 79  ASN A O   1 
ATOM   668 C  CB  . ASN A 1 79 ? 5.107   6.064   5.953   1.00 15.00 ? 79  ASN A CB  1 
ATOM   669 C  CG  . ASN A 1 79 ? 6.419   5.873   6.669   1.00 16.19 ? 79  ASN A CG  1 
ATOM   670 O  OD1 . ASN A 1 79 ? 7.341   5.335   6.069   1.00 16.55 ? 79  ASN A OD1 1 
ATOM   671 N  ND2 . ASN A 1 79 ? 6.444   6.238   7.932   1.00 17.79 ? 79  ASN A ND2 1 
ATOM   672 N  N   . LEU A 1 80 ? 5.699   5.416   2.940   1.00 15.29 ? 80  LEU A N   1 
ATOM   673 C  CA  . LEU A 1 80 ? 6.525   4.803   1.905   1.00 15.42 ? 80  LEU A CA  1 
ATOM   674 C  C   . LEU A 1 80 ? 6.834   5.760   0.764   1.00 15.86 ? 80  LEU A C   1 
ATOM   675 O  O   . LEU A 1 80 ? 7.957   5.826   0.290   1.00 16.77 ? 80  LEU A O   1 
ATOM   676 C  CB  . LEU A 1 80 ? 5.881   3.519   1.363   1.00 16.34 ? 80  LEU A CB  1 
ATOM   677 C  CG  . LEU A 1 80 ? 5.661   2.376   2.370   1.00 16.18 ? 80  LEU A CG  1 
ATOM   678 C  CD1 . LEU A 1 80 ? 4.937   1.205   1.687   1.00 17.65 ? 80  LEU A CD1 1 
ATOM   679 C  CD2 . LEU A 1 80 ? 6.972   1.900   2.988   1.00 18.88 ? 80  LEU A CD2 1 
ATOM   680 N  N   . SER A 1 81 ? 5.805   6.480   0.317   1.00 16.10 ? 81  SER A N   1 
ATOM   681 C  CA  . SER A 1 81 ? 5.981   7.409   -0.805  1.00 17.08 ? 81  SER A CA  1 
ATOM   682 C  C   . SER A 1 81 ? 6.891   8.563   -0.429  1.00 18.07 ? 81  SER A C   1 
ATOM   683 O  O   . SER A 1 81 ? 7.622   9.071   -1.290  1.00 19.00 ? 81  SER A O   1 
ATOM   684 C  CB  . SER A 1 81 ? 4.642   7.776   -1.329  1.00 19.90 ? 81  SER A CB  1 
ATOM   685 O  OG  . SER A 1 81 ? 3.911   8.495   -0.411  1.00 26.11 ? 81  SER A OG  1 
ATOM   686 N  N   . ASN A 1 82 ? 6.997   8.924   0.843   1.00 15.96 ? 82  ASN A N   1 
ATOM   687 C  CA  . ASN A 1 82 ? 7.942   9.919   1.292   1.00 16.99 ? 82  ASN A CA  1 
ATOM   688 C  C   . ASN A 1 82 ? 9.375   9.430   1.127   1.00 19.23 ? 82  ASN A C   1 
ATOM   689 O  O   . ASN A 1 82 ? 10.258  10.261  0.982   1.00 20.16 ? 82  ASN A O   1 
ATOM   690 C  CB  . ASN A 1 82 ? 7.631   10.275  2.730   1.00 18.22 ? 82  ASN A CB  1 
ATOM   691 C  CG  . ASN A 1 82 ? 8.538   11.313  3.341   1.00 18.77 ? 82  ASN A CG  1 
ATOM   692 O  OD1 . ASN A 1 82 ? 8.653   12.402  2.771   1.00 21.34 ? 82  ASN A OD1 1 
ATOM   693 N  ND2 . ASN A 1 82 ? 9.110   11.006  4.488   1.00 18.48 ? 82  ASN A ND2 1 
ATOM   694 N  N   . LYS A 1 83 ? 9.606   8.121   1.250   1.00 16.30 ? 83  LYS A N   1 
ATOM   695 C  CA  . LYS A 1 83 ? 10.940  7.535   1.251   1.00 16.82 ? 83  LYS A CA  1 
ATOM   696 C  C   . LYS A 1 83 ? 11.407  7.111   -0.149  1.00 17.11 ? 83  LYS A C   1 
ATOM   697 O  O   . LYS A 1 83 ? 12.611  7.243   -0.457  1.00 18.99 ? 83  LYS A O   1 
ATOM   698 C  CB  . LYS A 1 83 ? 10.936  6.241   2.079   1.00 17.70 ? 83  LYS A CB  1 
ATOM   699 C  CG  . LYS A 1 83 ? 10.878  6.461   3.549   1.00 18.84 ? 83  LYS A CG  1 
ATOM   700 C  CD  . LYS A 1 83 ? 10.282  5.274   4.323   1.00 17.91 ? 83  LYS A CD  1 
ATOM   701 C  CE  . LYS A 1 83 ? 10.565  5.398   5.724   1.00 17.58 ? 83  LYS A CE  1 
ATOM   702 N  NZ  . LYS A 1 83 ? 9.908   4.319   6.476   1.00 17.12 ? 83  LYS A NZ  1 
ATOM   703 N  N   . PHE A 1 84 ? 10.518  6.610   -1.002  1.00 17.55 ? 84  PHE A N   1 
ATOM   704 C  CA  . PHE A 1 84 ? 10.874  5.879   -2.210  1.00 18.53 ? 84  PHE A CA  1 
ATOM   705 C  C   . PHE A 1 84 ? 10.439  6.603   -3.474  1.00 22.57 ? 84  PHE A C   1 
ATOM   706 O  O   . PHE A 1 84 ? 9.515   7.388   -3.471  1.00 21.85 ? 84  PHE A O   1 
ATOM   707 C  CB  . PHE A 1 84 ? 10.285  4.460   -2.200  1.00 18.05 ? 84  PHE A CB  1 
ATOM   708 C  CG  . PHE A 1 84 ? 10.819  3.622   -1.054  1.00 18.97 ? 84  PHE A CG  1 
ATOM   709 C  CD1 . PHE A 1 84 ? 12.132  3.167   -1.033  1.00 19.17 ? 84  PHE A CD1 1 
ATOM   710 C  CD2 . PHE A 1 84 ? 10.009  3.287   0.013   1.00 18.97 ? 84  PHE A CD2 1 
ATOM   711 C  CE1 . PHE A 1 84 ? 12.588  2.356   -0.004  1.00 18.58 ? 84  PHE A CE1 1 
ATOM   712 C  CE2 . PHE A 1 84 ? 10.462  2.471   1.038   1.00 19.30 ? 84  PHE A CE2 1 
ATOM   713 C  CZ  . PHE A 1 84 ? 11.773  2.059   1.061   1.00 18.76 ? 84  PHE A CZ  1 
ATOM   714 N  N   . LEU A 1 85 ? 11.221  6.310   -4.512  1.00 25.80 ? 85  LEU A N   1 
ATOM   715 C  CA  . LEU A 1 85 ? 11.156  6.983   -5.789  1.00 32.28 ? 85  LEU A CA  1 
ATOM   716 C  C   . LEU A 1 85 ? 10.941  5.839   -6.761  1.00 33.09 ? 85  LEU A C   1 
ATOM   717 O  O   . LEU A 1 85 ? 11.813  4.977   -6.836  1.00 40.51 ? 85  LEU A O   1 
ATOM   718 C  CB  . LEU A 1 85 ? 12.443  7.742   -6.134  1.00 36.22 ? 85  LEU A CB  1 
ATOM   719 C  CG  . LEU A 1 85 ? 12.290  8.661   -7.346  1.00 43.09 ? 85  LEU A CG  1 
ATOM   720 C  CD1 . LEU A 1 85 ? 11.439  9.892   -6.981  1.00 41.51 ? 85  LEU A CD1 1 
ATOM   721 C  CD2 . LEU A 1 85 ? 13.635  9.019   -7.929  1.00 45.45 ? 85  LEU A CD2 1 
ATOM   722 N  N   . TYR A 1 86 ? 9.822   5.828   -7.504  1.00 27.20 ? 86  TYR A N   1 
ATOM   723 C  CA  . TYR A 1 86 ? 9.546   4.705   -8.383  1.00 31.54 ? 86  TYR A CA  1 
ATOM   724 C  C   . TYR A 1 86 ? 10.557  4.677   -9.584  1.00 33.74 ? 86  TYR A C   1 
ATOM   725 O  O   . TYR A 1 86 ? 10.713  5.840   -10.040 1.00 36.40 ? 86  TYR A O   1 
ATOM   726 C  CB  . TYR A 1 86 ? 8.073   4.780   -8.800  1.00 34.24 ? 86  TYR A CB  1 
ATOM   727 C  CG  . TYR A 1 86 ? 7.633   3.579   -9.613  1.00 38.02 ? 86  TYR A CG  1 
ATOM   728 C  CD1 . TYR A 1 86 ? 7.318   2.364   -9.003  1.00 41.98 ? 86  TYR A CD1 1 
ATOM   729 C  CD2 . TYR A 1 86 ? 7.554   3.659   -11.003 1.00 44.07 ? 86  TYR A CD2 1 
ATOM   730 C  CE1 . TYR A 1 86 ? 6.933   1.262   -9.751  1.00 48.10 ? 86  TYR A CE1 1 
ATOM   731 C  CE2 . TYR A 1 86 ? 7.172   2.564   -11.758 1.00 45.29 ? 86  TYR A CE2 1 
ATOM   732 C  CZ  . TYR A 1 86 ? 6.870   1.369   -11.132 1.00 46.51 ? 86  TYR A CZ  1 
ATOM   733 O  OH  . TYR A 1 86 ? 6.495   0.295   -11.874 1.00 49.09 ? 86  TYR A OH  1 
HETATM 734 ZN ZN  . ZN  B 2 .  ? -13.962 2.582   -12.396 1.00 26.92 ? 101 ZN  A ZN  1 
HETATM 735 O  O   . HOH C 3 .  ? -10.565 -5.759  -7.304  1.00 41.90 ? 201 HOH A O   1 
HETATM 736 O  O   . HOH C 3 .  ? 11.556  7.736   14.599  1.00 31.57 ? 202 HOH A O   1 
HETATM 737 O  O   . HOH C 3 .  ? 11.899  3.011   -5.157  1.00 29.47 ? 203 HOH A O   1 
HETATM 738 O  O   . HOH C 3 .  ? -8.184  7.465   -17.627 1.00 33.92 ? 204 HOH A O   1 
HETATM 739 O  O   . HOH C 3 .  ? -6.542  6.646   -1.004  1.00 24.04 ? 205 HOH A O   1 
HETATM 740 O  O   . HOH C 3 .  ? 11.737  6.800   16.941  1.00 46.10 ? 206 HOH A O   1 
HETATM 741 O  O   . HOH C 3 .  ? -1.055  1.583   -14.605 1.00 39.94 ? 207 HOH A O   1 
HETATM 742 O  O   . HOH C 3 .  ? 7.238   8.527   -4.307  1.00 28.19 ? 208 HOH A O   1 
HETATM 743 O  O   . HOH C 3 .  ? -2.603  -12.685 2.606   1.00 44.76 ? 209 HOH A O   1 
HETATM 744 O  O   . HOH C 3 .  ? -14.724 2.022   -19.159 1.00 33.77 ? 210 HOH A O   1 
HETATM 745 O  O   . HOH C 3 .  ? 15.708  -0.604  12.754  1.00 21.42 ? 211 HOH A O   1 
HETATM 746 O  O   . HOH C 3 .  ? 14.434  -8.016  3.864   1.00 25.53 ? 212 HOH A O   1 
HETATM 747 O  O   . HOH C 3 .  ? 4.700   9.282   13.837  1.00 27.86 ? 213 HOH A O   1 
HETATM 748 O  O   . HOH C 3 .  ? -1.936  6.533   -13.675 1.00 31.99 ? 214 HOH A O   1 
HETATM 749 O  O   . HOH C 3 .  ? 9.169   14.820  3.920   1.00 25.64 ? 215 HOH A O   1 
HETATM 750 O  O   . HOH C 3 .  ? 4.916   0.039   16.311  1.00 15.86 ? 216 HOH A O   1 
HETATM 751 O  O   . HOH C 3 .  ? 12.622  -4.912  -2.668  1.00 30.03 ? 217 HOH A O   1 
HETATM 752 O  O   . HOH C 3 .  ? 14.263  5.074   -8.043  1.00 40.45 ? 218 HOH A O   1 
HETATM 753 O  O   . HOH C 3 .  ? -9.807  2.850   10.732  1.00 29.29 ? 219 HOH A O   1 
HETATM 754 O  O   . HOH C 3 .  ? 0.145   -4.219  -7.365  1.00 21.24 ? 220 HOH A O   1 
HETATM 755 O  O   . HOH C 3 .  ? -17.539 7.464   -14.708 1.00 18.48 ? 221 HOH A O   1 
HETATM 756 O  O   . HOH C 3 .  ? -4.829  7.802   12.645  1.00 36.21 ? 222 HOH A O   1 
HETATM 757 O  O   . HOH C 3 .  ? 7.842   -10.279 5.181   1.00 43.27 ? 223 HOH A O   1 
HETATM 758 O  O   . HOH C 3 .  ? -7.890  -10.047 -12.747 1.00 37.12 ? 224 HOH A O   1 
HETATM 759 O  O   . HOH C 3 .  ? -5.958  -4.801  10.349  1.00 30.37 ? 225 HOH A O   1 
HETATM 760 O  O   . HOH C 3 .  ? 3.919   11.134  1.430   1.00 26.46 ? 226 HOH A O   1 
HETATM 761 O  O   . HOH C 3 .  ? -5.848  3.382   0.867   1.00 23.67 ? 227 HOH A O   1 
HETATM 762 O  O   . HOH C 3 .  ? -4.260  -0.307  18.167  1.00 19.89 ? 228 HOH A O   1 
HETATM 763 O  O   . HOH C 3 .  ? -4.489  1.212   -0.225  1.00 26.93 ? 229 HOH A O   1 
HETATM 764 O  O   . HOH C 3 .  ? -8.942  -7.333  4.889   1.00 35.12 ? 230 HOH A O   1 
HETATM 765 O  O   . HOH C 3 .  ? 10.721  10.730  12.597  1.00 25.15 ? 231 HOH A O   1 
HETATM 766 O  O   . HOH C 3 .  ? 6.619   -2.113  -9.758  1.00 60.57 ? 232 HOH A O   1 
HETATM 767 O  O   . HOH C 3 .  ? 2.299   8.242   7.219   1.00 22.94 ? 233 HOH A O   1 
HETATM 768 O  O   . HOH C 3 .  ? -12.916 6.086   -8.289  1.00 26.61 ? 234 HOH A O   1 
HETATM 769 O  O   . HOH C 3 .  ? -12.266 0.302   -16.387 1.00 26.55 ? 235 HOH A O   1 
HETATM 770 O  O   . HOH C 3 .  ? -12.376 -9.453  -19.157 1.00 50.68 ? 236 HOH A O   1 
HETATM 771 O  O   . HOH C 3 .  ? -7.482  1.678   10.072  1.00 22.53 ? 237 HOH A O   1 
HETATM 772 O  O   . HOH C 3 .  ? 12.750  11.528  1.415   1.00 25.75 ? 238 HOH A O   1 
HETATM 773 O  O   . HOH C 3 .  ? 9.427   13.149  0.151   1.00 29.36 ? 239 HOH A O   1 
HETATM 774 O  O   . HOH C 3 .  ? 3.370   -11.555 7.464   1.00 41.17 ? 240 HOH A O   1 
HETATM 775 O  O   . HOH C 3 .  ? 3.454   8.508   11.532  1.00 25.86 ? 241 HOH A O   1 
HETATM 776 O  O   . HOH C 3 .  ? 15.449  -3.096  10.985  1.00 27.98 ? 242 HOH A O   1 
HETATM 777 O  O   . HOH C 3 .  ? -4.967  -10.683 -2.208  1.00 36.17 ? 243 HOH A O   1 
HETATM 778 O  O   . HOH C 3 .  ? 0.384   0.144   -12.834 1.00 31.49 ? 244 HOH A O   1 
HETATM 779 O  O   . HOH C 3 .  ? -15.242 4.688   -11.021 1.00 19.32 ? 245 HOH A O   1 
HETATM 780 O  O   . HOH C 3 .  ? 6.633   -5.394  -5.477  1.00 27.64 ? 246 HOH A O   1 
HETATM 781 O  O   . HOH C 3 .  ? -8.942  -7.677  -6.888  1.00 33.30 ? 247 HOH A O   1 
HETATM 782 O  O   . HOH C 3 .  ? 4.152   7.601   9.031   1.00 28.79 ? 248 HOH A O   1 
HETATM 783 O  O   . HOH C 3 .  ? -10.539 -0.976  10.024  1.00 28.00 ? 249 HOH A O   1 
HETATM 784 O  O   . HOH C 3 .  ? -1.340  7.911   -5.254  1.00 38.28 ? 250 HOH A O   1 
HETATM 785 O  O   . HOH C 3 .  ? -15.907 -3.982  -13.779 1.00 35.59 ? 251 HOH A O   1 
HETATM 786 O  O   . HOH C 3 .  ? -6.159  -12.605 3.506   1.00 39.21 ? 252 HOH A O   1 
HETATM 787 O  O   . HOH C 3 .  ? 6.147   13.839  2.290   1.00 34.89 ? 253 HOH A O   1 
HETATM 788 O  O   . HOH C 3 .  ? 8.881   5.447   9.365   1.00 19.27 ? 254 HOH A O   1 
HETATM 789 O  O   . HOH C 3 .  ? 16.787  -4.043  3.468   1.00 16.98 ? 255 HOH A O   1 
HETATM 790 O  O   . HOH C 3 .  ? 7.846   7.974   -7.061  1.00 41.99 ? 256 HOH A O   1 
HETATM 791 O  O   . HOH C 3 .  ? -5.087  6.676   -7.632  1.00 24.80 ? 257 HOH A O   1 
HETATM 792 O  O   . HOH C 3 .  ? -17.033 1.190   -8.290  1.00 36.19 ? 258 HOH A O   1 
HETATM 793 O  O   . HOH C 3 .  ? -9.504  -5.124  8.072   1.00 34.06 ? 259 HOH A O   1 
HETATM 794 O  O   . HOH C 3 .  ? -10.753 -6.304  -18.289 1.00 31.47 ? 260 HOH A O   1 
HETATM 795 O  O   . HOH C 3 .  ? -7.354  -5.734  -18.168 1.00 30.08 ? 261 HOH A O   1 
HETATM 796 O  O   . HOH C 3 .  ? -14.257 -6.117  -12.082 1.00 46.25 ? 262 HOH A O   1 
HETATM 797 O  O   . HOH C 3 .  ? -13.079 -7.227  -14.666 1.00 49.20 ? 263 HOH A O   1 
HETATM 798 O  O   . HOH C 3 .  ? 11.452  -6.932  7.764   1.00 25.05 ? 264 HOH A O   1 
HETATM 799 O  O   . HOH C 3 .  ? -2.092  2.117   -1.459  1.00 25.96 ? 265 HOH A O   1 
HETATM 800 O  O   . HOH C 3 .  ? -5.959  9.252   10.964  1.00 37.43 ? 266 HOH A O   1 
HETATM 801 O  O   . HOH C 3 .  ? 2.408   -5.134  -8.605  1.00 28.24 ? 267 HOH A O   1 
HETATM 802 O  O   . HOH C 3 .  ? -10.843 -1.665  4.292   1.00 46.89 ? 268 HOH A O   1 
HETATM 803 O  O   . HOH C 3 .  ? 11.682  0.811   -6.393  1.00 44.84 ? 269 HOH A O   1 
HETATM 804 O  O   . HOH C 3 .  ? -8.147  -13.413 -3.951  1.00 55.78 ? 270 HOH A O   1 
HETATM 805 O  O   . HOH C 3 .  ? -11.447 10.474  13.153  1.00 29.48 ? 271 HOH A O   1 
HETATM 806 O  O   . HOH C 3 .  ? 9.129   -4.927  -6.164  1.00 34.96 ? 272 HOH A O   1 
HETATM 807 O  O   . HOH C 3 .  ? 2.452   9.968   -3.249  1.00 41.88 ? 273 HOH A O   1 
HETATM 808 O  O   . HOH C 3 .  ? -3.950  11.471  3.215   1.00 33.85 ? 274 HOH A O   1 
HETATM 809 O  O   . HOH C 3 .  ? -3.997  8.245   -14.837 1.00 40.64 ? 275 HOH A O   1 
HETATM 810 O  O   . HOH C 3 .  ? -13.151 -2.381  -17.263 1.00 31.85 ? 276 HOH A O   1 
HETATM 811 O  O   . HOH C 3 .  ? -10.547 0.736   -18.493 1.00 36.70 ? 277 HOH A O   1 
HETATM 812 O  O   . HOH C 3 .  ? 16.316  -4.018  8.478   1.00 20.51 ? 278 HOH A O   1 
HETATM 813 O  O   . HOH C 3 .  ? -8.296  4.360   -0.382  1.00 31.84 ? 279 HOH A O   1 
HETATM 814 O  O   . HOH C 3 .  ? -2.940  -8.161  -15.972 1.00 45.25 ? 280 HOH A O   1 
HETATM 815 O  O   . HOH C 3 .  ? 13.496  -8.768  1.329   1.00 43.89 ? 281 HOH A O   1 
HETATM 816 O  O   . HOH C 3 .  ? 8.128   1.352   19.399  1.00 39.54 ? 282 HOH A O   1 
HETATM 817 O  O   . HOH C 3 .  ? 1.403   10.808  7.651   1.00 29.50 ? 283 HOH A O   1 
HETATM 818 O  O   . HOH C 3 .  ? -7.747  -9.856  -2.635  1.00 45.46 ? 284 HOH A O   1 
HETATM 819 O  O   . HOH C 3 .  ? 1.855   10.396  10.587  1.00 40.19 ? 285 HOH A O   1 
HETATM 820 O  O   . HOH C 3 .  ? 2.138   12.754  12.714  1.00 44.41 ? 286 HOH A O   1 
HETATM 821 O  O   . HOH C 3 .  ? -7.740  9.501   2.932   0.50 40.08 ? 287 HOH A O   1 
# 
